data_3HN3
#
_entry.id   3HN3
#
_cell.length_a   93.578
_cell.length_b   123.115
_cell.length_c   266.135
_cell.angle_alpha   90.000
_cell.angle_beta   90.000
_cell.angle_gamma   90.000
#
_symmetry.space_group_name_H-M   'P 21 21 21'
#
loop_
_entity.id
_entity.type
_entity.pdbx_description
1 polymer Beta-glucuronidase
2 branched alpha-D-mannopyranose-(1-2)-alpha-D-mannopyranose-(1-3)-[alpha-D-mannopyranose-(1-2)-alpha-D-mannopyranose-(1-6)]alpha-D-mannopyranose-(1-6)-[alpha-L-gulopyranose-(1-2)-alpha-D-mannopyranose-(1-3)]beta-D-mannopyranose-(1-4)-2-acetamido-2-deoxy-beta-D-glucopyranose-(1-4)-2-acetamido-2-deoxy-beta-D-glucopyranose
3 branched alpha-D-mannopyranose-(1-2)-alpha-D-mannopyranose-(1-3)-[alpha-D-mannopyranose-(1-2)-alpha-D-mannopyranose-(1-6)]alpha-D-mannopyranose-(1-6)-[beta-D-mannopyranose-(1-2)-alpha-D-mannopyranose-(1-3)]beta-D-mannopyranose-(1-4)-2-acetamido-2-deoxy-beta-D-glucopyranose-(1-4)-2-acetamido-2-deoxy-beta-D-glucopyranose
4 branched alpha-D-mannopyranose-(1-2)-alpha-D-mannopyranose-(1-3)-[alpha-D-mannopyranose-(1-2)-alpha-D-mannopyranose-(1-6)]alpha-D-mannopyranose-(1-6)-[alpha-D-mannopyranose-(1-2)-alpha-D-mannopyranose-(1-3)]beta-D-mannopyranose-(1-4)-2-acetamido-2-deoxy-beta-D-glucopyranose-(1-4)-2-acetamido-2-deoxy-beta-D-glucopyranose
5 branched alpha-D-mannopyranose-(1-2)-alpha-D-mannopyranose-(1-2)-alpha-D-mannopyranose-(1-3)-[alpha-D-mannopyranose-(1-2)-alpha-D-mannopyranose-(1-6)-[alpha-D-mannopyranose-(1-3)]alpha-D-mannopyranose-(1-6)]beta-D-mannopyranose-(1-4)-2-acetamido-2-deoxy-beta-D-glucopyranose-(1-4)-2-acetamido-2-deoxy-beta-D-glucopyranose
6 non-polymer 2-acetamido-2-deoxy-beta-D-glucopyranose
7 non-polymer (4R)-2-METHYLPENTANE-2,4-DIOL
8 non-polymer (4S)-2-METHYL-2,4-PENTANEDIOL
9 non-polymer beta-D-mannopyranose
10 water water
#
_entity_poly.entity_id   1
_entity_poly.type   'polypeptide(L)'
_entity_poly.pdbx_seq_one_letter_code
;LGLQGGMLYPQESPSRECKELDGLWSFRADFSDNRRRGFEEQWYRRPLWESGPTVDMPVPSSFNDISQDWRLRHFVGWVW
YEREVILPERWTQDLRTRVVLRIGSAHSYAIVWVNGVDTLEHEGGYLPFEADISNLVQVGPLPSRLRITIAINNTLTPTT
LPPGTIQYLTDTSKYPKGYFVQNTYFDFFNYAGLQRSVLLYTTPTTYIDDITVTTSVEQDSGLVNYQISVKGSNLFKLEV
RLLDAENKVVANGTGTQGQLKVPGVSLWWPYLMHERPAYLYSLEVQLTAQTSLGPVSDFYTLPVGIRTVAVTKSQFLING
KPFYFHGVNKHEDADIRGKGFDWPLLVKDFNLLRWLGANAFRTSHYPYAEEVMQMCDRYGIVVIDECPGVGLALPQFFNN
VSLHHHMQVMEEVVRRDKNHPAVVMWSVANEPASHLESAGYYLKMVIAHTKSLDPSRPVTFVSNSNYAADKGAPYVDVIC
LNSYYSWYHDYGHLELIQLQLATQFENWYKKYQKPIIQSEYGAETIAGFHQDPPLMFTEEYQKSLLEQYHLGLDQKRRKY
VVGELIWNFADFMTEQSPTRVLGNKKGIFTRQRQPKSAAFLLRERYWKIANET
;
_entity_poly.pdbx_strand_id   A,B,D,E
#
# COMPACT_ATOMS: atom_id res chain seq x y z
N GLY A 2 -44.27 14.85 3.38
CA GLY A 2 -44.71 14.46 4.74
C GLY A 2 -46.10 14.99 5.03
N LEU A 3 -46.73 14.46 6.07
CA LEU A 3 -48.11 14.83 6.41
C LEU A 3 -48.25 16.32 6.67
N GLN A 4 -47.38 16.83 7.54
CA GLN A 4 -47.54 18.16 8.11
C GLN A 4 -46.92 19.26 7.28
N GLY A 5 -47.71 19.86 6.39
CA GLY A 5 -47.30 21.07 5.67
C GLY A 5 -46.05 20.94 4.81
N GLY A 6 -45.44 22.08 4.48
CA GLY A 6 -44.29 22.12 3.59
C GLY A 6 -42.97 21.83 4.25
N MET A 7 -41.91 21.82 3.43
CA MET A 7 -40.56 21.62 3.91
C MET A 7 -39.59 22.24 2.91
N LEU A 8 -39.78 23.55 2.67
CA LEU A 8 -38.93 24.32 1.76
C LEU A 8 -37.54 24.52 2.36
N TYR A 9 -36.50 24.44 1.52
CA TYR A 9 -35.12 24.60 2.01
C TYR A 9 -34.86 26.03 2.49
N PRO A 10 -34.47 26.20 3.77
CA PRO A 10 -34.30 27.55 4.31
C PRO A 10 -33.34 28.43 3.52
N GLN A 11 -33.70 29.69 3.34
CA GLN A 11 -32.87 30.68 2.64
C GLN A 11 -33.10 32.07 3.22
N GLU A 12 -32.11 32.93 3.10
CA GLU A 12 -32.30 34.34 3.48
C GLU A 12 -33.06 35.06 2.39
N SER A 13 -33.94 35.96 2.79
CA SER A 13 -34.66 36.83 1.87
C SER A 13 -34.98 38.10 2.64
N PRO A 14 -35.52 39.14 1.95
CA PRO A 14 -35.90 40.35 2.68
C PRO A 14 -36.74 40.11 3.93
N SER A 15 -37.51 39.00 3.95
CA SER A 15 -38.39 38.65 5.05
C SER A 15 -37.92 37.46 5.92
N ARG A 16 -36.75 36.88 5.61
CA ARG A 16 -36.29 35.68 6.31
C ARG A 16 -34.80 35.70 6.63
N GLU A 17 -34.45 35.35 7.87
CA GLU A 17 -33.06 35.21 8.28
C GLU A 17 -32.72 33.75 8.51
N CYS A 18 -31.41 33.45 8.53
CA CYS A 18 -30.87 32.12 8.77
C CYS A 18 -29.67 32.18 9.71
N LYS A 19 -29.69 31.38 10.78
CA LYS A 19 -28.54 31.27 11.68
C LYS A 19 -28.16 29.80 11.83
N GLU A 20 -27.02 29.44 11.25
CA GLU A 20 -26.53 28.07 11.28
C GLU A 20 -26.00 27.78 12.67
N LEU A 21 -26.21 26.56 13.15
CA LEU A 21 -25.72 26.15 14.46
C LEU A 21 -24.66 25.08 14.32
N ASP A 22 -23.77 25.24 13.36
CA ASP A 22 -22.63 24.34 13.18
C ASP A 22 -21.55 24.58 14.23
N GLY A 23 -20.72 23.57 14.44
CA GLY A 23 -19.58 23.69 15.35
C GLY A 23 -19.71 22.71 16.46
N LEU A 24 -19.23 23.09 17.65
CA LEU A 24 -19.20 22.15 18.76
C LEU A 24 -20.53 22.07 19.51
N TRP A 25 -20.96 20.85 19.78
CA TRP A 25 -22.08 20.58 20.68
C TRP A 25 -21.56 19.70 21.81
N SER A 26 -22.21 19.79 22.96
CA SER A 26 -21.93 18.89 24.08
C SER A 26 -22.63 17.57 23.79
N PHE A 27 -22.03 16.47 24.23
CA PHE A 27 -22.45 15.14 23.80
C PHE A 27 -22.19 14.12 24.88
N ARG A 28 -23.14 13.19 25.04
CA ARG A 28 -22.94 12.02 25.87
C ARG A 28 -23.77 10.87 25.31
N ALA A 29 -23.17 9.69 25.24
CA ALA A 29 -23.92 8.47 24.92
C ALA A 29 -24.47 7.95 26.24
N ASP A 30 -25.70 7.43 26.22
CA ASP A 30 -26.28 6.84 27.42
C ASP A 30 -25.99 5.35 27.45
N PHE A 31 -24.89 4.97 28.13
CA PHE A 31 -24.48 3.56 28.23
C PHE A 31 -25.14 2.78 29.39
N SER A 32 -26.21 3.29 29.98
CA SER A 32 -26.94 2.50 30.99
C SER A 32 -27.41 1.15 30.42
N ASP A 33 -27.46 0.12 31.25
CA ASP A 33 -27.87 -1.22 30.79
C ASP A 33 -29.22 -1.20 30.09
N ASN A 34 -30.18 -0.48 30.65
CA ASN A 34 -31.49 -0.38 30.00
C ASN A 34 -31.57 0.73 28.96
N ARG A 35 -30.45 1.44 28.75
CA ARG A 35 -30.31 2.49 27.73
C ARG A 35 -31.27 3.67 27.92
N ARG A 36 -31.87 3.79 29.10
CA ARG A 36 -32.94 4.76 29.37
C ARG A 36 -32.67 5.71 30.54
N ARG A 37 -31.51 5.62 31.17
CA ARG A 37 -31.18 6.48 32.32
C ARG A 37 -31.46 7.96 32.05
N GLY A 38 -31.21 8.40 30.82
CA GLY A 38 -31.40 9.81 30.45
C GLY A 38 -32.85 10.26 30.52
N PHE A 39 -33.77 9.34 30.23
CA PHE A 39 -35.20 9.61 30.35
C PHE A 39 -35.67 9.44 31.80
N GLU A 40 -35.11 8.45 32.51
CA GLU A 40 -35.45 8.22 33.92
C GLU A 40 -35.06 9.43 34.77
N GLU A 41 -33.87 9.96 34.50
CA GLU A 41 -33.35 11.14 35.21
C GLU A 41 -33.69 12.47 34.53
N GLN A 42 -34.35 12.41 33.37
CA GLN A 42 -34.75 13.60 32.63
C GLN A 42 -33.61 14.60 32.44
N TRP A 43 -32.53 14.14 31.80
CA TRP A 43 -31.34 14.96 31.58
C TRP A 43 -31.66 16.30 30.92
N TYR A 44 -32.65 16.29 30.03
CA TYR A 44 -33.07 17.49 29.27
C TYR A 44 -33.53 18.69 30.12
N ARG A 45 -33.92 18.44 31.38
CA ARG A 45 -34.40 19.51 32.27
C ARG A 45 -33.31 20.50 32.72
N ARG A 46 -32.06 20.08 32.64
CA ARG A 46 -30.93 20.92 33.01
C ARG A 46 -29.85 20.79 31.95
N PRO A 47 -28.91 21.76 31.89
CA PRO A 47 -27.73 21.60 31.06
C PRO A 47 -27.14 20.19 31.17
N LEU A 48 -26.70 19.65 30.03
CA LEU A 48 -26.35 18.25 29.95
C LEU A 48 -25.18 17.89 30.86
N TRP A 49 -24.22 18.80 31.02
CA TRP A 49 -23.04 18.54 31.84
C TRP A 49 -23.41 18.22 33.30
N GLU A 50 -24.55 18.72 33.75
CA GLU A 50 -24.99 18.49 35.14
C GLU A 50 -25.32 17.04 35.46
N SER A 51 -25.68 16.27 34.44
CA SER A 51 -26.07 14.87 34.64
C SER A 51 -24.91 13.88 34.50
N GLY A 52 -23.71 14.39 34.14
CA GLY A 52 -22.51 13.56 34.07
C GLY A 52 -21.48 14.07 33.06
N PRO A 53 -20.44 13.26 32.81
CA PRO A 53 -19.38 13.64 31.88
C PRO A 53 -19.93 13.84 30.47
N THR A 54 -19.46 14.88 29.80
CA THR A 54 -19.80 15.13 28.39
C THR A 54 -18.53 15.39 27.64
N VAL A 55 -18.63 15.28 26.32
CA VAL A 55 -17.49 15.56 25.44
C VAL A 55 -17.97 16.45 24.29
N ASP A 56 -17.02 17.05 23.59
CA ASP A 56 -17.34 17.84 22.40
C ASP A 56 -17.69 16.91 21.26
N MET A 57 -18.67 17.31 20.44
CA MET A 57 -19.00 16.57 19.23
C MET A 57 -19.30 17.56 18.13
N PRO A 58 -18.59 17.45 16.99
CA PRO A 58 -18.78 18.40 15.89
C PRO A 58 -20.12 18.16 15.21
N VAL A 59 -20.75 19.24 14.77
CA VAL A 59 -21.99 19.17 14.00
C VAL A 59 -21.86 20.09 12.78
N PRO A 60 -22.16 19.58 11.58
CA PRO A 60 -22.51 18.20 11.21
C PRO A 60 -21.34 17.20 11.18
N SER A 61 -21.63 15.98 11.62
CA SER A 61 -20.69 14.85 11.60
C SER A 61 -21.43 13.60 12.11
N SER A 62 -20.93 12.42 11.76
CA SER A 62 -21.33 11.22 12.49
C SER A 62 -20.48 11.22 13.77
N PHE A 63 -20.97 10.58 14.83
CA PHE A 63 -20.20 10.54 16.07
C PHE A 63 -19.18 9.39 16.09
N ASN A 64 -19.35 8.44 15.18
CA ASN A 64 -18.77 7.11 15.41
C ASN A 64 -17.26 7.06 15.30
N ASP A 65 -16.67 7.91 14.48
CA ASP A 65 -15.24 7.86 14.23
C ASP A 65 -14.47 9.04 14.81
N ILE A 66 -15.14 9.90 15.56
CA ILE A 66 -14.54 11.11 16.10
C ILE A 66 -13.64 10.80 17.31
N SER A 67 -14.02 9.81 18.11
CA SER A 67 -13.27 9.47 19.32
C SER A 67 -12.44 8.20 19.18
N GLN A 68 -11.64 7.89 20.21
CA GLN A 68 -10.91 6.65 20.25
C GLN A 68 -11.63 5.62 21.14
N ASP A 69 -12.88 5.89 21.49
CA ASP A 69 -13.68 5.02 22.36
C ASP A 69 -14.29 3.89 21.55
N TRP A 70 -13.76 2.70 21.81
CA TRP A 70 -14.13 1.46 21.17
C TRP A 70 -15.66 1.28 21.21
N ARG A 71 -16.24 1.52 22.37
CA ARG A 71 -17.65 1.18 22.61
C ARG A 71 -18.59 2.21 21.98
N LEU A 72 -18.07 3.41 21.71
CA LEU A 72 -18.88 4.44 21.08
C LEU A 72 -19.12 4.18 19.60
N ARG A 73 -18.10 3.71 18.88
CA ARG A 73 -18.27 3.50 17.44
C ARG A 73 -19.42 2.54 17.13
N HIS A 74 -19.54 1.48 17.92
CA HIS A 74 -20.56 0.47 17.69
C HIS A 74 -21.74 0.54 18.68
N PHE A 75 -21.85 1.68 19.35
CA PHE A 75 -22.92 1.95 20.31
C PHE A 75 -24.30 1.82 19.66
N VAL A 76 -25.23 1.23 20.41
CA VAL A 76 -26.62 1.11 20.01
C VAL A 76 -27.48 1.59 21.16
N GLY A 77 -28.32 2.58 20.90
CA GLY A 77 -29.10 3.24 21.95
C GLY A 77 -29.31 4.72 21.70
N TRP A 78 -29.36 5.49 22.77
CA TRP A 78 -29.60 6.93 22.71
C TRP A 78 -28.29 7.71 22.92
N VAL A 79 -28.05 8.67 22.03
CA VAL A 79 -26.99 9.65 22.24
C VAL A 79 -27.68 11.01 22.44
N TRP A 80 -27.00 11.88 23.21
CA TRP A 80 -27.58 13.15 23.63
C TRP A 80 -26.66 14.28 23.21
N TYR A 81 -27.24 15.26 22.50
CA TYR A 81 -26.55 16.46 22.04
C TYR A 81 -27.17 17.69 22.69
N GLU A 82 -26.35 18.71 22.91
CA GLU A 82 -26.84 19.98 23.43
C GLU A 82 -25.99 21.18 23.00
N ARG A 83 -26.68 22.27 22.68
CA ARG A 83 -26.06 23.54 22.30
C ARG A 83 -26.84 24.66 23.00
N GLU A 84 -26.12 25.70 23.43
CA GLU A 84 -26.76 26.92 23.92
C GLU A 84 -26.58 28.02 22.88
N VAL A 85 -27.65 28.77 22.62
CA VAL A 85 -27.66 29.82 21.59
C VAL A 85 -28.13 31.16 22.17
N ILE A 86 -27.36 32.21 21.91
CA ILE A 86 -27.84 33.58 22.14
C ILE A 86 -28.57 34.07 20.87
N LEU A 87 -29.86 34.35 21.00
CA LEU A 87 -30.68 34.80 19.87
C LEU A 87 -30.72 36.32 19.78
N PRO A 88 -30.89 36.86 18.55
CA PRO A 88 -31.07 38.31 18.39
C PRO A 88 -32.27 38.82 19.19
N GLU A 89 -32.13 40.00 19.79
CA GLU A 89 -33.20 40.54 20.63
C GLU A 89 -34.51 40.72 19.86
N ARG A 90 -34.41 41.14 18.60
CA ARG A 90 -35.61 41.35 17.76
C ARG A 90 -36.45 40.08 17.58
N TRP A 91 -35.80 38.92 17.55
CA TRP A 91 -36.52 37.64 17.45
C TRP A 91 -37.39 37.41 18.68
N THR A 92 -36.86 37.71 19.86
CA THR A 92 -37.58 37.50 21.12
C THR A 92 -38.57 38.62 21.44
N GLN A 93 -38.23 39.85 21.06
CA GLN A 93 -39.01 41.04 21.42
C GLN A 93 -40.10 41.42 20.41
N ASP A 94 -39.83 41.22 19.12
CA ASP A 94 -40.80 41.55 18.06
C ASP A 94 -41.74 40.36 17.75
N LEU A 95 -42.98 40.44 18.24
CA LEU A 95 -43.93 39.32 18.11
C LEU A 95 -44.40 39.02 16.68
N ARG A 96 -44.00 39.85 15.72
CA ARG A 96 -44.23 39.55 14.31
C ARG A 96 -43.24 38.48 13.75
N THR A 97 -42.21 38.15 14.53
CA THR A 97 -41.22 37.16 14.11
C THR A 97 -41.69 35.73 14.42
N ARG A 98 -41.61 34.87 13.41
CA ARG A 98 -41.77 33.42 13.58
C ARG A 98 -40.39 32.77 13.61
N VAL A 99 -40.06 32.07 14.69
CA VAL A 99 -38.74 31.45 14.83
C VAL A 99 -38.86 29.93 14.66
N VAL A 100 -38.08 29.39 13.74
CA VAL A 100 -38.14 27.95 13.42
C VAL A 100 -36.82 27.26 13.68
N LEU A 101 -36.89 26.10 14.35
CA LEU A 101 -35.75 25.21 14.57
C LEU A 101 -35.81 24.06 13.58
N ARG A 102 -34.80 23.98 12.71
CA ARG A 102 -34.74 22.99 11.63
C ARG A 102 -33.55 22.06 11.82
N ILE A 103 -33.85 20.75 11.90
CA ILE A 103 -32.85 19.70 12.00
C ILE A 103 -32.75 19.05 10.62
N GLY A 104 -31.56 19.12 10.00
CA GLY A 104 -31.36 18.52 8.67
C GLY A 104 -31.68 17.03 8.58
N SER A 105 -31.22 16.27 9.58
CA SER A 105 -31.55 14.85 9.67
C SER A 105 -31.16 14.34 11.05
N ALA A 106 -31.70 13.17 11.40
CA ALA A 106 -31.28 12.49 12.64
C ALA A 106 -31.08 10.99 12.41
N HIS A 107 -31.95 10.14 12.96
CA HIS A 107 -31.83 8.69 12.83
C HIS A 107 -33.19 8.03 13.14
N SER A 108 -33.21 6.78 13.61
CA SER A 108 -34.48 6.02 13.77
C SER A 108 -35.47 6.80 14.57
N TYR A 109 -35.01 7.40 15.66
CA TYR A 109 -35.81 8.33 16.43
C TYR A 109 -34.98 9.50 16.93
N ALA A 110 -35.63 10.67 16.97
CA ALA A 110 -35.05 11.87 17.56
C ALA A 110 -36.11 12.66 18.32
N ILE A 111 -35.77 13.07 19.54
CA ILE A 111 -36.62 13.96 20.33
C ILE A 111 -35.82 15.24 20.58
N VAL A 112 -36.51 16.37 20.50
CA VAL A 112 -35.88 17.68 20.68
C VAL A 112 -36.58 18.47 21.79
N TRP A 113 -35.78 18.97 22.75
CA TRP A 113 -36.25 19.84 23.82
C TRP A 113 -35.68 21.23 23.61
N VAL A 114 -36.49 22.25 23.91
CA VAL A 114 -36.07 23.64 23.94
C VAL A 114 -36.30 24.17 25.35
N ASN A 115 -35.21 24.56 26.00
CA ASN A 115 -35.23 24.98 27.39
C ASN A 115 -35.96 23.94 28.25
N GLY A 116 -35.72 22.65 27.97
CA GLY A 116 -36.31 21.57 28.73
C GLY A 116 -37.72 21.16 28.36
N VAL A 117 -38.33 21.88 27.42
CA VAL A 117 -39.69 21.59 26.97
C VAL A 117 -39.71 20.71 25.73
N ASP A 118 -40.38 19.55 25.85
CA ASP A 118 -40.62 18.64 24.72
C ASP A 118 -41.28 19.39 23.55
N THR A 119 -40.61 19.42 22.39
CA THR A 119 -41.02 20.32 21.29
C THR A 119 -41.12 19.69 19.90
N LEU A 120 -40.36 18.63 19.65
CA LEU A 120 -40.27 18.10 18.30
C LEU A 120 -39.76 16.67 18.33
N GLU A 121 -40.41 15.82 17.54
CA GLU A 121 -40.02 14.41 17.45
C GLU A 121 -40.11 13.99 15.99
N HIS A 122 -39.25 13.07 15.59
CA HIS A 122 -39.20 12.59 14.22
C HIS A 122 -38.73 11.15 14.15
N GLU A 123 -39.34 10.38 13.25
CA GLU A 123 -38.97 8.99 13.06
C GLU A 123 -38.32 8.83 11.69
N GLY A 124 -37.16 8.18 11.67
CA GLY A 124 -36.48 7.84 10.41
C GLY A 124 -35.36 8.81 10.11
N GLY A 125 -34.29 8.31 9.50
CA GLY A 125 -33.12 9.12 9.17
C GLY A 125 -33.14 9.73 7.79
N TYR A 126 -32.16 10.59 7.53
CA TYR A 126 -31.91 11.14 6.18
C TYR A 126 -32.92 12.17 5.70
N LEU A 127 -33.77 12.66 6.60
CA LEU A 127 -34.85 13.58 6.22
C LEU A 127 -35.04 14.64 7.29
N PRO A 128 -35.30 15.88 6.86
CA PRO A 128 -35.38 17.04 7.75
C PRO A 128 -36.68 17.11 8.53
N PHE A 129 -36.63 17.79 9.68
CA PHE A 129 -37.82 18.05 10.45
C PHE A 129 -37.65 19.36 11.22
N GLU A 130 -38.76 19.99 11.58
CA GLU A 130 -38.69 21.32 12.18
C GLU A 130 -39.86 21.64 13.09
N ALA A 131 -39.69 22.67 13.91
CA ALA A 131 -40.79 23.15 14.77
C ALA A 131 -40.73 24.66 14.95
N ASP A 132 -41.91 25.27 15.01
CA ASP A 132 -42.05 26.68 15.31
C ASP A 132 -41.83 26.83 16.81
N ILE A 133 -40.76 27.53 17.20
CA ILE A 133 -40.41 27.68 18.61
C ILE A 133 -40.64 29.12 19.14
N SER A 134 -41.36 29.93 18.35
CA SER A 134 -41.58 31.35 18.68
C SER A 134 -42.04 31.56 20.12
N ASN A 135 -43.06 30.80 20.53
CA ASN A 135 -43.62 30.90 21.88
C ASN A 135 -42.57 30.66 22.97
N LEU A 136 -41.66 29.72 22.72
CA LEU A 136 -40.64 29.38 23.70
C LEU A 136 -39.54 30.45 23.77
N VAL A 137 -39.34 31.16 22.66
CA VAL A 137 -38.30 32.20 22.62
C VAL A 137 -38.84 33.57 23.02
N GLN A 138 -40.17 33.76 22.88
CA GLN A 138 -40.80 35.06 23.11
C GLN A 138 -41.42 35.13 24.49
N VAL A 139 -40.56 35.07 25.50
CA VAL A 139 -40.93 34.94 26.91
C VAL A 139 -41.09 36.29 27.63
N GLY A 140 -40.22 37.25 27.30
CA GLY A 140 -40.31 38.61 27.86
C GLY A 140 -39.11 38.99 28.72
N SER A 144 -31.30 35.74 27.75
CA SER A 144 -31.08 34.34 28.11
C SER A 144 -30.83 33.47 26.87
N ARG A 145 -29.79 32.63 26.94
CA ARG A 145 -29.48 31.73 25.81
C ARG A 145 -30.47 30.55 25.71
N LEU A 146 -30.93 30.33 24.48
CA LEU A 146 -31.74 29.18 24.10
C LEU A 146 -30.92 27.90 24.22
N ARG A 147 -31.43 26.93 24.98
CA ARG A 147 -30.77 25.63 25.14
C ARG A 147 -31.52 24.59 24.33
N ILE A 148 -30.85 24.00 23.35
CA ILE A 148 -31.44 22.99 22.46
C ILE A 148 -30.83 21.65 22.80
N THR A 149 -31.66 20.69 23.20
CA THR A 149 -31.24 19.35 23.57
C THR A 149 -31.89 18.37 22.61
N ILE A 150 -31.09 17.46 22.05
CA ILE A 150 -31.58 16.48 21.08
C ILE A 150 -31.07 15.07 21.45
N ALA A 151 -32.00 14.13 21.66
CA ALA A 151 -31.67 12.72 21.88
C ALA A 151 -32.00 11.92 20.61
N ILE A 152 -31.03 11.13 20.16
CA ILE A 152 -31.11 10.44 18.88
C ILE A 152 -30.88 8.96 19.15
N ASN A 153 -31.84 8.13 18.71
CA ASN A 153 -31.76 6.68 18.85
C ASN A 153 -31.39 6.09 17.49
N ASN A 154 -30.39 5.21 17.49
CA ASN A 154 -29.84 4.65 16.23
C ASN A 154 -30.20 3.18 16.08
N THR A 155 -31.13 2.69 16.88
CA THR A 155 -31.55 1.29 16.80
C THR A 155 -32.44 1.03 15.59
N LEU A 156 -32.04 0.07 14.76
CA LEU A 156 -32.84 -0.40 13.63
C LEU A 156 -33.67 -1.64 14.02
N THR A 157 -34.90 -1.67 13.54
CA THR A 157 -35.92 -2.64 13.93
C THR A 157 -36.65 -3.18 12.70
N PRO A 158 -37.48 -4.23 12.87
CA PRO A 158 -38.25 -4.72 11.73
C PRO A 158 -39.17 -3.70 11.05
N THR A 159 -39.44 -2.58 11.70
CA THR A 159 -40.33 -1.57 11.14
C THR A 159 -39.62 -0.23 10.84
N THR A 160 -38.30 -0.18 11.00
CA THR A 160 -37.52 0.98 10.53
C THR A 160 -37.10 0.79 9.09
N LEU A 161 -36.76 1.89 8.43
CA LEU A 161 -36.16 1.88 7.10
C LEU A 161 -34.85 2.67 7.14
N PRO A 162 -33.69 1.99 7.00
CA PRO A 162 -33.57 0.55 6.76
C PRO A 162 -33.95 -0.25 7.99
N PRO A 163 -34.48 -1.47 7.78
CA PRO A 163 -34.81 -2.37 8.87
C PRO A 163 -33.56 -3.03 9.48
N GLY A 164 -33.75 -3.66 10.64
CA GLY A 164 -32.71 -4.46 11.27
C GLY A 164 -33.33 -5.28 12.39
N THR A 165 -32.50 -6.08 13.08
CA THR A 165 -32.99 -6.77 14.28
C THR A 165 -31.95 -6.70 15.37
N ILE A 166 -32.42 -6.81 16.61
CA ILE A 166 -31.53 -6.87 17.79
C ILE A 166 -31.56 -8.28 18.36
N GLN A 167 -30.38 -8.83 18.64
CA GLN A 167 -30.28 -10.19 19.14
C GLN A 167 -29.55 -10.16 20.46
N TYR A 168 -30.22 -10.63 21.52
CA TYR A 168 -29.58 -10.83 22.81
C TYR A 168 -29.05 -12.26 22.86
N LEU A 169 -27.77 -12.41 23.16
CA LEU A 169 -27.14 -13.73 23.21
C LEU A 169 -26.82 -14.04 24.67
N THR A 170 -27.53 -15.04 25.19
CA THR A 170 -27.61 -15.33 26.62
C THR A 170 -26.68 -16.46 27.05
N ASP A 171 -26.03 -17.11 26.09
CA ASP A 171 -25.02 -18.13 26.38
C ASP A 171 -23.75 -17.54 27.00
N THR A 172 -23.69 -17.53 28.33
CA THR A 172 -22.60 -16.89 29.08
C THR A 172 -21.27 -17.64 29.02
N SER A 173 -21.24 -18.82 28.40
CA SER A 173 -19.98 -19.52 28.11
C SER A 173 -19.33 -18.94 26.86
N LYS A 174 -20.08 -18.15 26.09
CA LYS A 174 -19.58 -17.49 24.87
C LYS A 174 -19.67 -15.96 24.85
N TYR A 175 -20.56 -15.37 25.64
CA TYR A 175 -20.82 -13.92 25.59
C TYR A 175 -21.00 -13.40 27.00
N PRO A 176 -20.48 -12.19 27.28
CA PRO A 176 -20.66 -11.58 28.61
C PRO A 176 -22.12 -11.22 28.85
N LYS A 177 -22.49 -11.12 30.12
CA LYS A 177 -23.88 -10.87 30.49
C LYS A 177 -24.31 -9.54 29.89
N GLY A 178 -25.45 -9.55 29.22
CA GLY A 178 -25.99 -8.35 28.61
C GLY A 178 -25.66 -8.17 27.15
N TYR A 179 -24.84 -9.06 26.59
CA TYR A 179 -24.40 -8.94 25.20
C TYR A 179 -25.58 -8.94 24.23
N PHE A 180 -25.58 -7.95 23.33
CA PHE A 180 -26.48 -7.93 22.20
C PHE A 180 -25.80 -7.35 20.95
N VAL A 181 -26.34 -7.69 19.79
CA VAL A 181 -25.87 -7.14 18.53
C VAL A 181 -27.04 -6.65 17.67
N GLN A 182 -26.77 -5.64 16.85
CA GLN A 182 -27.68 -5.18 15.83
C GLN A 182 -27.34 -5.96 14.56
N ASN A 183 -28.30 -6.71 14.05
CA ASN A 183 -28.19 -7.36 12.75
C ASN A 183 -28.77 -6.45 11.69
N THR A 184 -28.04 -6.30 10.58
CA THR A 184 -28.55 -5.55 9.42
C THR A 184 -28.29 -6.31 8.13
N TYR A 185 -29.01 -5.94 7.07
CA TYR A 185 -28.91 -6.62 5.79
C TYR A 185 -28.61 -5.66 4.63
N PHE A 186 -27.96 -4.54 4.94
CA PHE A 186 -27.53 -3.57 3.93
C PHE A 186 -26.02 -3.34 4.07
N ASP A 187 -25.40 -2.96 2.96
CA ASP A 187 -23.94 -2.92 2.85
C ASP A 187 -23.35 -1.53 3.02
N PHE A 188 -23.66 -0.89 4.14
CA PHE A 188 -23.00 0.35 4.53
C PHE A 188 -23.11 0.55 6.04
N PHE A 189 -22.12 1.21 6.63
CA PHE A 189 -22.09 1.37 8.10
C PHE A 189 -23.21 2.25 8.60
N ASN A 190 -23.89 1.78 9.62
CA ASN A 190 -24.97 2.51 10.25
C ASN A 190 -24.47 3.65 11.15
N TYR A 191 -23.69 4.58 10.57
CA TYR A 191 -23.29 5.82 11.24
C TYR A 191 -24.51 6.56 11.81
N ALA A 192 -24.29 7.32 12.87
CA ALA A 192 -25.34 8.15 13.45
C ALA A 192 -24.76 9.45 13.97
N GLY A 193 -25.65 10.35 14.34
CA GLY A 193 -25.31 11.67 14.82
C GLY A 193 -26.17 12.71 14.15
N LEU A 194 -25.80 13.98 14.38
CA LEU A 194 -26.33 15.13 13.65
C LEU A 194 -25.42 15.33 12.45
N GLN A 195 -25.74 14.57 11.40
CA GLN A 195 -24.90 14.47 10.21
C GLN A 195 -25.15 15.58 9.19
N ARG A 196 -26.22 16.33 9.38
CA ARG A 196 -26.56 17.45 8.52
C ARG A 196 -26.78 18.71 9.34
N SER A 197 -26.77 19.86 8.68
CA SER A 197 -26.81 21.13 9.42
C SER A 197 -28.09 21.36 10.17
N VAL A 198 -27.94 21.95 11.37
CA VAL A 198 -29.02 22.34 12.25
C VAL A 198 -29.02 23.86 12.23
N LEU A 199 -30.18 24.45 12.01
CA LEU A 199 -30.25 25.90 11.99
C LEU A 199 -31.55 26.43 12.57
N LEU A 200 -31.51 27.72 12.87
CA LEU A 200 -32.67 28.49 13.21
C LEU A 200 -32.91 29.40 12.01
N TYR A 201 -34.16 29.61 11.68
CA TYR A 201 -34.50 30.58 10.66
C TYR A 201 -35.80 31.28 11.03
N THR A 202 -36.04 32.41 10.39
CA THR A 202 -37.24 33.17 10.68
C THR A 202 -38.08 33.41 9.42
N THR A 203 -39.37 33.64 9.66
CA THR A 203 -40.30 34.10 8.65
C THR A 203 -41.32 35.00 9.35
N PRO A 204 -42.19 35.67 8.58
CA PRO A 204 -43.32 36.30 9.25
C PRO A 204 -44.30 35.25 9.76
N THR A 205 -45.27 35.69 10.57
CA THR A 205 -46.23 34.78 11.16
C THR A 205 -47.25 34.24 10.16
N THR A 206 -47.48 35.01 9.10
CA THR A 206 -48.13 34.51 7.90
C THR A 206 -47.07 34.41 6.81
N TYR A 207 -46.92 33.22 6.25
CA TYR A 207 -45.75 32.88 5.42
C TYR A 207 -46.05 31.85 4.35
N ILE A 208 -45.20 31.83 3.34
CA ILE A 208 -45.23 30.84 2.27
C ILE A 208 -44.77 29.51 2.85
N ASP A 209 -45.67 28.52 2.90
CA ASP A 209 -45.35 27.24 3.57
C ASP A 209 -44.89 26.16 2.60
N ASP A 210 -45.49 26.12 1.41
CA ASP A 210 -45.17 25.09 0.42
C ASP A 210 -45.24 25.70 -0.97
N ILE A 211 -44.47 25.13 -1.90
CA ILE A 211 -44.51 25.47 -3.31
C ILE A 211 -44.36 24.14 -4.04
N THR A 212 -45.15 23.93 -5.09
CA THR A 212 -44.96 22.82 -6.00
C THR A 212 -44.91 23.38 -7.40
N VAL A 213 -43.84 23.07 -8.13
CA VAL A 213 -43.69 23.48 -9.53
C VAL A 213 -43.56 22.24 -10.41
N THR A 214 -44.28 22.23 -11.54
CA THR A 214 -44.02 21.25 -12.59
C THR A 214 -43.88 22.01 -13.90
N THR A 215 -43.14 21.42 -14.84
CA THR A 215 -42.77 22.13 -16.06
C THR A 215 -42.99 21.25 -17.29
N SER A 216 -43.43 21.89 -18.36
CA SER A 216 -43.65 21.20 -19.63
C SER A 216 -43.35 22.18 -20.74
N VAL A 217 -43.40 21.69 -21.97
CA VAL A 217 -42.99 22.41 -23.14
C VAL A 217 -44.14 22.42 -24.13
N GLU A 218 -44.36 23.55 -24.79
CA GLU A 218 -45.30 23.63 -25.91
C GLU A 218 -44.61 24.32 -27.06
N GLN A 219 -44.36 23.55 -28.13
CA GLN A 219 -43.58 24.02 -29.26
C GLN A 219 -42.26 24.65 -28.78
N ASP A 220 -42.23 25.97 -28.69
CA ASP A 220 -41.02 26.73 -28.43
C ASP A 220 -41.11 27.41 -27.06
N SER A 221 -42.21 27.16 -26.35
CA SER A 221 -42.52 27.86 -25.11
C SER A 221 -42.40 26.94 -23.92
N GLY A 222 -41.97 27.50 -22.80
CA GLY A 222 -41.95 26.75 -21.54
C GLY A 222 -43.22 27.03 -20.77
N LEU A 223 -43.74 26.02 -20.09
CA LEU A 223 -44.87 26.23 -19.20
C LEU A 223 -44.43 25.90 -17.79
N VAL A 224 -44.70 26.82 -16.85
CA VAL A 224 -44.37 26.62 -15.45
C VAL A 224 -45.65 26.68 -14.64
N ASN A 225 -46.04 25.52 -14.13
CA ASN A 225 -47.26 25.38 -13.35
C ASN A 225 -46.97 25.41 -11.85
N TYR A 226 -47.43 26.46 -11.18
CA TYR A 226 -47.13 26.66 -9.76
C TYR A 226 -48.35 26.47 -8.88
N GLN A 227 -48.08 26.03 -7.65
CA GLN A 227 -49.09 25.88 -6.61
C GLN A 227 -48.39 26.33 -5.35
N ILE A 228 -49.00 27.26 -4.62
CA ILE A 228 -48.42 27.83 -3.40
C ILE A 228 -49.38 27.66 -2.23
N SER A 229 -48.83 27.30 -1.07
CA SER A 229 -49.60 27.18 0.15
C SER A 229 -49.09 28.23 1.15
N VAL A 230 -50.02 28.98 1.73
CA VAL A 230 -49.73 29.99 2.75
C VAL A 230 -50.37 29.57 4.07
N LYS A 231 -49.62 29.69 5.17
CA LYS A 231 -50.16 29.42 6.51
C LYS A 231 -50.14 30.71 7.31
N GLY A 232 -51.04 30.79 8.29
CA GLY A 232 -51.24 31.99 9.08
C GLY A 232 -52.58 32.60 8.70
N SER A 233 -52.57 33.89 8.39
CA SER A 233 -53.80 34.58 8.01
C SER A 233 -54.46 33.99 6.77
N ASN A 234 -55.76 34.27 6.64
CA ASN A 234 -56.57 33.79 5.53
C ASN A 234 -56.69 34.83 4.42
N LEU A 235 -56.49 36.10 4.77
CA LEU A 235 -56.53 37.21 3.81
C LEU A 235 -55.13 37.57 3.33
N PHE A 236 -54.88 37.33 2.05
CA PHE A 236 -53.59 37.66 1.45
C PHE A 236 -53.68 37.68 -0.07
N LYS A 237 -52.63 38.19 -0.72
CA LYS A 237 -52.45 38.05 -2.16
C LYS A 237 -51.02 37.66 -2.47
N LEU A 238 -50.85 36.93 -3.59
CA LEU A 238 -49.55 36.44 -4.01
C LEU A 238 -49.19 37.04 -5.35
N GLU A 239 -47.92 37.37 -5.53
CA GLU A 239 -47.37 37.71 -6.82
C GLU A 239 -46.27 36.70 -7.08
N VAL A 240 -46.18 36.25 -8.32
CA VAL A 240 -45.14 35.30 -8.73
C VAL A 240 -44.49 35.80 -10.00
N ARG A 241 -43.16 35.79 -10.02
CA ARG A 241 -42.37 36.20 -11.18
C ARG A 241 -41.31 35.17 -11.49
N LEU A 242 -41.14 34.85 -12.78
CA LEU A 242 -40.06 33.99 -13.23
C LEU A 242 -38.96 34.86 -13.81
N LEU A 243 -37.75 34.67 -13.29
CA LEU A 243 -36.58 35.42 -13.73
C LEU A 243 -35.61 34.49 -14.45
N ASP A 244 -35.01 35.00 -15.52
CA ASP A 244 -34.03 34.24 -16.29
C ASP A 244 -32.69 34.25 -15.57
N ALA A 245 -31.68 33.65 -16.17
CA ALA A 245 -30.35 33.52 -15.55
C ALA A 245 -29.64 34.84 -15.33
N GLU A 246 -30.06 35.88 -16.06
CA GLU A 246 -29.53 37.23 -15.88
C GLU A 246 -30.42 38.10 -14.99
N ASN A 247 -31.39 37.46 -14.34
CA ASN A 247 -32.31 38.11 -13.38
C ASN A 247 -33.35 39.07 -13.96
N LYS A 248 -33.63 38.98 -15.25
CA LYS A 248 -34.73 39.75 -15.82
C LYS A 248 -36.01 38.93 -15.85
N VAL A 249 -37.12 39.59 -15.55
CA VAL A 249 -38.42 38.93 -15.48
C VAL A 249 -38.88 38.52 -16.88
N VAL A 250 -39.20 37.24 -17.04
CA VAL A 250 -39.67 36.69 -18.33
C VAL A 250 -41.15 36.33 -18.33
N ALA A 251 -41.72 36.13 -17.13
CA ALA A 251 -43.15 35.83 -16.96
C ALA A 251 -43.58 36.22 -15.55
N ASN A 252 -44.88 36.42 -15.36
CA ASN A 252 -45.41 36.73 -14.03
C ASN A 252 -46.90 36.48 -13.90
N GLY A 253 -47.35 36.28 -12.67
CA GLY A 253 -48.75 35.99 -12.37
C GLY A 253 -49.07 36.21 -10.90
N THR A 254 -50.21 35.68 -10.48
CA THR A 254 -50.70 35.89 -9.12
C THR A 254 -51.42 34.63 -8.61
N GLY A 255 -51.89 34.70 -7.36
CA GLY A 255 -52.73 33.65 -6.80
C GLY A 255 -51.99 32.43 -6.27
N THR A 256 -52.77 31.49 -5.72
CA THR A 256 -52.22 30.26 -5.13
C THR A 256 -51.87 29.20 -6.17
N GLN A 257 -52.37 29.38 -7.39
CA GLN A 257 -52.01 28.50 -8.50
C GLN A 257 -52.07 29.24 -9.82
N GLY A 258 -51.39 28.69 -10.82
CA GLY A 258 -51.34 29.33 -12.12
C GLY A 258 -50.28 28.72 -13.00
N GLN A 259 -50.19 29.25 -14.22
CA GLN A 259 -49.26 28.75 -15.22
C GLN A 259 -48.57 29.91 -15.90
N LEU A 260 -47.26 30.00 -15.74
CA LEU A 260 -46.47 31.02 -16.41
C LEU A 260 -45.99 30.47 -17.75
N LYS A 261 -46.26 31.22 -18.82
CA LYS A 261 -45.77 30.83 -20.14
C LYS A 261 -44.44 31.56 -20.40
N VAL A 262 -43.43 30.82 -20.85
CA VAL A 262 -42.10 31.36 -21.07
C VAL A 262 -41.76 31.31 -22.56
N PRO A 263 -41.86 32.45 -23.26
CA PRO A 263 -41.58 32.45 -24.69
C PRO A 263 -40.13 32.09 -25.00
N GLY A 264 -39.90 31.24 -26.01
CA GLY A 264 -38.55 30.95 -26.49
C GLY A 264 -37.63 30.45 -25.39
N VAL A 265 -38.13 29.47 -24.64
CA VAL A 265 -37.53 28.97 -23.40
C VAL A 265 -36.13 28.38 -23.58
N SER A 266 -35.32 28.49 -22.53
CA SER A 266 -34.04 27.81 -22.44
C SER A 266 -34.25 26.61 -21.51
N LEU A 267 -34.36 25.44 -22.12
CA LEU A 267 -34.61 24.21 -21.38
C LEU A 267 -33.41 23.84 -20.53
N TRP A 268 -33.72 23.15 -19.43
CA TRP A 268 -32.71 22.54 -18.55
C TRP A 268 -32.27 21.24 -19.19
N TRP A 269 -30.99 21.15 -19.50
CA TRP A 269 -30.39 19.99 -20.12
C TRP A 269 -29.36 19.36 -19.18
N PRO A 270 -29.34 18.01 -19.09
CA PRO A 270 -28.24 17.36 -18.38
C PRO A 270 -26.84 17.72 -18.89
N TYR A 271 -25.87 17.66 -17.99
CA TYR A 271 -24.46 17.79 -18.33
C TYR A 271 -24.12 16.91 -19.52
N LEU A 272 -23.48 17.51 -20.53
CA LEU A 272 -23.01 16.85 -21.76
C LEU A 272 -24.12 16.50 -22.77
N MET A 273 -25.37 16.76 -22.42
CA MET A 273 -26.48 16.61 -23.37
C MET A 273 -26.63 17.87 -24.23
N HIS A 274 -26.07 18.97 -23.74
CA HIS A 274 -26.16 20.27 -24.38
C HIS A 274 -24.93 21.10 -23.99
N GLU A 275 -24.49 22.01 -24.86
CA GLU A 275 -23.30 22.83 -24.61
C GLU A 275 -23.45 23.77 -23.41
N ARG A 276 -24.68 24.12 -23.07
CA ARG A 276 -24.96 25.00 -21.94
C ARG A 276 -26.04 24.33 -21.12
N PRO A 277 -25.62 23.35 -20.29
CA PRO A 277 -26.55 22.54 -19.55
C PRO A 277 -27.08 23.27 -18.32
N ALA A 278 -28.11 22.69 -17.72
CA ALA A 278 -28.53 23.06 -16.39
C ALA A 278 -29.05 24.49 -16.29
N TYR A 279 -29.70 24.98 -17.36
CA TYR A 279 -30.27 26.33 -17.34
C TYR A 279 -31.32 26.49 -16.26
N LEU A 280 -31.09 27.41 -15.31
CA LEU A 280 -32.07 27.63 -14.24
C LEU A 280 -32.70 29.01 -14.28
N TYR A 281 -34.03 29.04 -14.25
CA TYR A 281 -34.79 30.25 -13.96
C TYR A 281 -34.99 30.31 -12.46
N SER A 282 -35.48 31.45 -11.96
CA SER A 282 -35.90 31.54 -10.56
C SER A 282 -37.35 32.00 -10.47
N LEU A 283 -38.10 31.31 -9.61
CA LEU A 283 -39.49 31.62 -9.30
C LEU A 283 -39.49 32.40 -8.00
N GLU A 284 -39.80 33.69 -8.10
CA GLU A 284 -39.79 34.59 -6.96
C GLU A 284 -41.22 34.77 -6.49
N VAL A 285 -41.53 34.27 -5.30
CA VAL A 285 -42.87 34.39 -4.74
C VAL A 285 -42.86 35.50 -3.69
N GLN A 286 -43.71 36.49 -3.90
CA GLN A 286 -43.90 37.57 -2.94
C GLN A 286 -45.31 37.52 -2.36
N LEU A 287 -45.38 37.29 -1.05
CA LEU A 287 -46.65 37.30 -0.33
C LEU A 287 -46.86 38.63 0.38
N THR A 288 -48.10 39.12 0.29
CA THR A 288 -48.57 40.25 1.07
CA THR A 288 -48.56 40.25 1.07
C THR A 288 -49.82 39.82 1.84
N ALA A 289 -49.74 39.84 3.16
CA ALA A 289 -50.80 39.32 4.01
C ALA A 289 -51.13 40.31 5.11
N GLN A 290 -52.40 40.31 5.50
CA GLN A 290 -52.87 41.10 6.61
C GLN A 290 -52.95 40.21 7.84
N THR A 291 -52.36 40.66 8.95
CA THR A 291 -52.27 39.87 10.17
C THR A 291 -52.76 40.66 11.39
N SER A 292 -52.68 40.04 12.56
CA SER A 292 -53.07 40.66 13.83
C SER A 292 -52.13 41.79 14.23
N LEU A 293 -50.88 41.73 13.76
CA LEU A 293 -49.90 42.79 14.01
C LEU A 293 -49.62 43.61 12.75
N GLY A 294 -50.60 43.64 11.86
CA GLY A 294 -50.52 44.46 10.65
C GLY A 294 -50.17 43.68 9.39
N PRO A 295 -50.01 44.39 8.27
CA PRO A 295 -49.61 43.69 7.04
C PRO A 295 -48.15 43.25 7.11
N VAL A 296 -47.86 42.11 6.49
CA VAL A 296 -46.51 41.60 6.40
C VAL A 296 -46.22 41.21 4.97
N SER A 297 -44.93 41.11 4.65
CA SER A 297 -44.48 40.61 3.35
C SER A 297 -43.58 39.39 3.56
N ASP A 298 -43.75 38.39 2.70
CA ASP A 298 -42.89 37.21 2.71
C ASP A 298 -42.35 36.99 1.30
N PHE A 299 -41.05 36.69 1.22
CA PHE A 299 -40.34 36.45 -0.05
C PHE A 299 -39.65 35.09 0.00
N TYR A 300 -39.89 34.27 -1.02
CA TYR A 300 -39.13 33.02 -1.21
C TYR A 300 -38.86 32.83 -2.70
N THR A 301 -37.63 32.41 -3.03
CA THR A 301 -37.24 32.21 -4.42
C THR A 301 -36.76 30.79 -4.68
N LEU A 302 -37.43 30.11 -5.61
CA LEU A 302 -37.20 28.71 -5.92
C LEU A 302 -36.54 28.59 -7.29
N PRO A 303 -35.37 27.95 -7.38
CA PRO A 303 -34.81 27.70 -8.73
C PRO A 303 -35.71 26.77 -9.55
N VAL A 304 -35.82 27.06 -10.85
CA VAL A 304 -36.69 26.27 -11.72
C VAL A 304 -35.95 25.87 -13.00
N GLY A 305 -35.97 24.57 -13.29
CA GLY A 305 -35.39 24.03 -14.52
C GLY A 305 -36.50 23.48 -15.38
N ILE A 306 -36.68 24.08 -16.54
CA ILE A 306 -37.77 23.72 -17.43
C ILE A 306 -37.34 22.52 -18.23
N ARG A 307 -37.90 21.37 -17.88
CA ARG A 307 -37.55 20.11 -18.51
C ARG A 307 -38.65 19.07 -18.28
N THR A 308 -38.75 18.10 -19.17
CA THR A 308 -39.70 17.00 -19.05
C THR A 308 -39.00 15.64 -19.02
N VAL A 309 -39.68 14.65 -18.44
CA VAL A 309 -39.20 13.28 -18.40
C VAL A 309 -40.33 12.32 -18.80
N ALA A 310 -39.99 11.36 -19.66
CA ALA A 310 -40.94 10.34 -20.09
C ALA A 310 -40.23 9.04 -20.41
N VAL A 311 -40.93 7.93 -20.22
CA VAL A 311 -40.41 6.59 -20.47
C VAL A 311 -41.27 5.88 -21.52
N THR A 312 -40.62 5.35 -22.54
CA THR A 312 -41.29 4.58 -23.59
C THR A 312 -40.93 3.12 -23.39
N LYS A 313 -41.20 2.25 -24.35
CA LYS A 313 -40.89 0.83 -24.18
C LYS A 313 -39.40 0.53 -24.30
N SER A 314 -38.63 1.44 -24.89
CA SER A 314 -37.20 1.26 -25.07
C SER A 314 -36.33 2.48 -24.80
N GLN A 315 -36.93 3.63 -24.45
CA GLN A 315 -36.17 4.88 -24.29
C GLN A 315 -36.55 5.63 -23.03
N PHE A 316 -35.59 6.40 -22.51
CA PHE A 316 -35.83 7.31 -21.41
C PHE A 316 -35.63 8.69 -22.02
N LEU A 317 -36.70 9.47 -22.10
CA LEU A 317 -36.66 10.76 -22.79
C LEU A 317 -36.58 11.93 -21.83
N ILE A 318 -35.61 12.80 -22.05
CA ILE A 318 -35.52 14.07 -21.36
C ILE A 318 -35.76 15.15 -22.41
N ASN A 319 -36.80 15.96 -22.19
CA ASN A 319 -37.20 16.97 -23.16
C ASN A 319 -37.48 16.36 -24.54
N GLY A 320 -38.07 15.17 -24.53
CA GLY A 320 -38.37 14.44 -25.75
C GLY A 320 -37.19 13.85 -26.52
N LYS A 321 -35.97 13.93 -25.98
CA LYS A 321 -34.78 13.38 -26.65
C LYS A 321 -34.27 12.17 -25.86
N PRO A 322 -33.81 11.11 -26.57
CA PRO A 322 -33.25 9.93 -25.89
C PRO A 322 -32.10 10.31 -24.97
N PHE A 323 -32.16 9.84 -23.73
CA PHE A 323 -31.12 10.06 -22.74
C PHE A 323 -30.53 8.71 -22.33
N TYR A 324 -29.23 8.72 -22.09
CA TYR A 324 -28.54 7.56 -21.59
C TYR A 324 -27.82 7.95 -20.31
N PHE A 325 -28.16 7.26 -19.23
CA PHE A 325 -27.46 7.46 -17.95
C PHE A 325 -26.06 6.86 -18.11
N HIS A 326 -25.03 7.68 -17.92
CA HIS A 326 -23.67 7.14 -17.81
C HIS A 326 -23.05 7.73 -16.56
N GLY A 327 -23.19 7.02 -15.44
CA GLY A 327 -23.02 7.65 -14.15
C GLY A 327 -22.45 6.76 -13.09
N VAL A 328 -22.77 7.08 -11.83
CA VAL A 328 -22.25 6.33 -10.70
C VAL A 328 -23.29 6.15 -9.60
N ASN A 329 -23.00 5.27 -8.66
CA ASN A 329 -23.66 5.25 -7.36
C ASN A 329 -22.72 5.97 -6.39
N LYS A 330 -23.27 6.63 -5.37
CA LYS A 330 -22.42 7.29 -4.39
C LYS A 330 -22.77 6.80 -3.00
N HIS A 331 -22.16 7.41 -2.00
CA HIS A 331 -22.59 7.29 -0.62
C HIS A 331 -22.20 8.60 0.06
N GLU A 332 -22.93 8.96 1.09
CA GLU A 332 -22.51 10.04 1.98
C GLU A 332 -21.54 9.41 2.96
N ASP A 333 -20.26 9.55 2.64
CA ASP A 333 -19.22 8.83 3.38
C ASP A 333 -17.84 9.48 3.15
N ALA A 334 -17.13 9.76 4.23
CA ALA A 334 -15.74 10.22 4.14
C ALA A 334 -15.00 9.93 5.45
N ASP A 335 -13.68 10.03 5.41
CA ASP A 335 -12.86 9.82 6.60
C ASP A 335 -13.29 10.74 7.75
N ILE A 336 -13.26 10.15 8.94
CA ILE A 336 -13.46 10.86 10.20
C ILE A 336 -14.89 11.33 10.45
N ARG A 337 -15.48 12.07 9.51
CA ARG A 337 -16.80 12.66 9.72
C ARG A 337 -17.94 11.69 9.38
N GLY A 338 -17.59 10.52 8.84
CA GLY A 338 -18.59 9.53 8.47
C GLY A 338 -19.52 10.05 7.38
N LYS A 339 -20.81 10.20 7.71
CA LYS A 339 -21.82 10.70 6.75
C LYS A 339 -22.04 12.22 6.87
N GLY A 340 -21.21 12.87 7.68
CA GLY A 340 -21.30 14.30 7.90
C GLY A 340 -21.19 15.13 6.63
N PHE A 341 -22.05 16.11 6.51
CA PHE A 341 -21.97 17.04 5.39
C PHE A 341 -20.69 17.89 5.44
N ASP A 342 -20.12 18.14 4.27
CA ASP A 342 -18.84 18.88 4.16
C ASP A 342 -18.74 19.61 2.82
N TRP A 343 -18.51 20.93 2.87
CA TRP A 343 -18.48 21.71 1.63
C TRP A 343 -17.32 21.34 0.69
N PRO A 344 -16.08 21.28 1.20
CA PRO A 344 -14.98 20.88 0.32
C PRO A 344 -15.15 19.53 -0.40
N LEU A 345 -15.55 18.48 0.33
CA LEU A 345 -15.74 17.16 -0.32
C LEU A 345 -16.89 17.18 -1.31
N LEU A 346 -17.94 17.94 -1.01
CA LEU A 346 -19.05 18.14 -1.95
C LEU A 346 -18.56 18.75 -3.29
N VAL A 347 -17.84 19.86 -3.22
CA VAL A 347 -17.38 20.48 -4.45
C VAL A 347 -16.39 19.56 -5.16
N LYS A 348 -15.50 18.91 -4.39
CA LYS A 348 -14.53 17.99 -4.97
C LYS A 348 -15.23 16.90 -5.75
N ASP A 349 -16.25 16.30 -5.13
CA ASP A 349 -16.99 15.22 -5.76
C ASP A 349 -17.63 15.66 -7.07
N PHE A 350 -18.23 16.84 -7.09
CA PHE A 350 -18.82 17.33 -8.34
C PHE A 350 -17.79 17.63 -9.43
N ASN A 351 -16.63 18.15 -9.02
CA ASN A 351 -15.55 18.28 -9.97
C ASN A 351 -15.12 16.91 -10.54
N LEU A 352 -15.08 15.89 -9.69
CA LEU A 352 -14.68 14.56 -10.16
C LEU A 352 -15.74 13.97 -11.08
N LEU A 353 -17.01 14.17 -10.74
CA LEU A 353 -18.08 13.70 -11.61
C LEU A 353 -17.95 14.34 -12.98
N ARG A 354 -17.78 15.65 -13.05
CA ARG A 354 -17.70 16.29 -14.36
CA ARG A 354 -17.68 16.32 -14.36
C ARG A 354 -16.43 15.89 -15.11
N TRP A 355 -15.31 15.72 -14.40
CA TRP A 355 -14.04 15.18 -14.97
C TRP A 355 -14.27 13.79 -15.55
N LEU A 356 -14.98 12.97 -14.81
CA LEU A 356 -15.31 11.60 -15.23
C LEU A 356 -16.15 11.55 -16.49
N GLY A 357 -16.92 12.60 -16.78
CA GLY A 357 -17.94 12.52 -17.82
C GLY A 357 -19.22 11.86 -17.32
N ALA A 358 -19.38 11.79 -16.00
CA ALA A 358 -20.62 11.25 -15.41
C ALA A 358 -21.76 12.27 -15.55
N ASN A 359 -22.91 11.85 -16.06
CA ASN A 359 -24.08 12.73 -16.16
C ASN A 359 -25.21 12.43 -15.14
N ALA A 360 -24.97 11.52 -14.20
CA ALA A 360 -26.02 11.02 -13.34
C ALA A 360 -25.47 10.33 -12.10
N PHE A 361 -26.21 10.41 -10.99
CA PHE A 361 -26.01 9.39 -9.94
C PHE A 361 -27.31 8.97 -9.27
N ARG A 362 -27.26 7.80 -8.64
CA ARG A 362 -28.34 7.34 -7.79
C ARG A 362 -27.92 7.65 -6.38
N THR A 363 -28.87 8.10 -5.56
CA THR A 363 -28.60 8.37 -4.15
C THR A 363 -28.67 7.05 -3.38
N SER A 364 -27.76 6.14 -3.71
CA SER A 364 -27.68 4.89 -2.98
C SER A 364 -27.28 5.24 -1.53
N HIS A 365 -28.02 4.81 -0.51
CA HIS A 365 -29.34 4.20 -0.56
C HIS A 365 -30.28 4.93 0.42
N TYR A 366 -30.38 6.24 0.24
CA TYR A 366 -31.11 7.12 1.15
C TYR A 366 -31.02 8.49 0.50
N PRO A 367 -31.95 9.40 0.80
CA PRO A 367 -31.80 10.73 0.22
C PRO A 367 -30.59 11.40 0.80
N TYR A 368 -29.88 12.16 -0.03
CA TYR A 368 -28.68 12.91 0.40
C TYR A 368 -29.05 14.31 0.92
N ALA A 369 -28.06 15.00 1.50
CA ALA A 369 -28.25 16.38 1.96
C ALA A 369 -28.87 17.22 0.84
N GLU A 370 -29.76 18.14 1.20
CA GLU A 370 -30.40 19.03 0.23
C GLU A 370 -29.38 19.80 -0.63
N GLU A 371 -28.28 20.20 0.00
CA GLU A 371 -27.22 20.93 -0.67
C GLU A 371 -26.71 20.14 -1.90
N VAL A 372 -26.66 18.81 -1.79
CA VAL A 372 -26.23 17.94 -2.90
C VAL A 372 -27.20 18.05 -4.09
N MET A 373 -28.48 18.09 -3.78
CA MET A 373 -29.51 18.15 -4.81
C MET A 373 -29.47 19.50 -5.48
N GLN A 374 -29.22 20.54 -4.69
CA GLN A 374 -29.05 21.91 -5.22
C GLN A 374 -27.89 21.98 -6.20
N MET A 375 -26.81 21.28 -5.89
CA MET A 375 -25.66 21.20 -6.79
C MET A 375 -25.99 20.44 -8.07
N CYS A 376 -26.75 19.34 -7.96
CA CYS A 376 -27.18 18.59 -9.15
C CYS A 376 -28.00 19.46 -10.09
N ASP A 377 -28.92 20.26 -9.55
CA ASP A 377 -29.62 21.23 -10.39
C ASP A 377 -28.67 22.16 -11.14
N ARG A 378 -27.63 22.64 -10.47
CA ARG A 378 -26.76 23.66 -11.05
C ARG A 378 -25.69 23.09 -11.98
N TYR A 379 -25.30 21.83 -11.76
CA TYR A 379 -24.26 21.19 -12.57
C TYR A 379 -24.83 20.28 -13.67
N GLY A 380 -26.14 20.04 -13.65
CA GLY A 380 -26.79 19.17 -14.65
C GLY A 380 -26.57 17.68 -14.46
N ILE A 381 -26.29 17.27 -13.23
CA ILE A 381 -26.12 15.85 -12.93
C ILE A 381 -27.50 15.34 -12.53
N VAL A 382 -28.09 14.48 -13.37
CA VAL A 382 -29.41 13.92 -13.06
C VAL A 382 -29.34 12.92 -11.89
N VAL A 383 -30.47 12.71 -11.22
CA VAL A 383 -30.52 11.94 -10.00
C VAL A 383 -31.68 10.95 -10.00
N ILE A 384 -31.36 9.72 -9.63
CA ILE A 384 -32.39 8.75 -9.27
C ILE A 384 -32.40 8.86 -7.76
N ASP A 385 -33.47 9.45 -7.23
CA ASP A 385 -33.56 9.83 -5.83
C ASP A 385 -34.20 8.69 -5.05
N GLU A 386 -33.41 8.09 -4.15
CA GLU A 386 -33.79 6.80 -3.56
C GLU A 386 -34.01 6.91 -2.06
N CYS A 387 -35.14 6.39 -1.57
CA CYS A 387 -35.39 6.44 -0.14
C CYS A 387 -34.62 5.33 0.56
N PRO A 388 -34.58 5.34 1.90
CA PRO A 388 -33.78 4.33 2.60
C PRO A 388 -34.41 2.94 2.70
N GLY A 389 -35.10 2.51 1.65
CA GLY A 389 -35.70 1.17 1.56
C GLY A 389 -34.71 0.09 1.14
N VAL A 390 -33.64 -0.01 1.92
CA VAL A 390 -32.60 -0.97 1.65
C VAL A 390 -32.52 -1.92 2.82
N GLY A 391 -32.10 -3.17 2.54
CA GLY A 391 -31.97 -4.22 3.56
C GLY A 391 -33.27 -4.93 3.92
N LEU A 392 -34.27 -4.81 3.05
CA LEU A 392 -35.56 -5.47 3.27
C LEU A 392 -35.39 -6.91 2.82
N ALA A 393 -34.62 -7.66 3.60
CA ALA A 393 -34.15 -9.01 3.22
C ALA A 393 -34.98 -10.14 3.76
N LEU A 394 -35.73 -9.91 4.85
CA LEU A 394 -36.41 -10.99 5.57
C LEU A 394 -37.92 -10.89 5.42
N PRO A 395 -38.63 -12.04 5.33
CA PRO A 395 -40.09 -12.00 5.26
C PRO A 395 -40.78 -11.08 6.28
N GLN A 396 -40.25 -11.03 7.51
CA GLN A 396 -40.85 -10.24 8.59
C GLN A 396 -40.86 -8.72 8.39
N PHE A 397 -40.02 -8.22 7.48
CA PHE A 397 -39.93 -6.79 7.23
C PHE A 397 -41.04 -6.28 6.32
N PHE A 398 -41.82 -7.18 5.74
CA PHE A 398 -42.97 -6.82 4.91
C PHE A 398 -44.23 -7.04 5.72
N ASN A 399 -44.60 -5.99 6.45
CA ASN A 399 -45.77 -5.96 7.31
C ASN A 399 -46.59 -4.70 7.02
N ASN A 400 -47.91 -4.79 7.18
CA ASN A 400 -48.80 -3.63 6.98
C ASN A 400 -48.27 -2.37 7.67
N VAL A 401 -47.63 -2.56 8.82
CA VAL A 401 -47.00 -1.48 9.57
C VAL A 401 -45.77 -0.92 8.83
N SER A 402 -44.94 -1.80 8.29
CA SER A 402 -43.75 -1.39 7.52
C SER A 402 -44.19 -0.63 6.27
N LEU A 403 -45.25 -1.11 5.65
CA LEU A 403 -45.79 -0.52 4.44
C LEU A 403 -46.28 0.91 4.66
N HIS A 404 -47.01 1.15 5.76
CA HIS A 404 -47.46 2.52 6.08
C HIS A 404 -46.27 3.45 6.33
N HIS A 405 -45.30 3.00 7.10
CA HIS A 405 -44.13 3.82 7.37
C HIS A 405 -43.39 4.13 6.06
N HIS A 406 -43.25 3.14 5.18
CA HIS A 406 -42.53 3.31 3.90
C HIS A 406 -43.26 4.32 3.02
N MET A 407 -44.59 4.21 2.98
CA MET A 407 -45.39 5.18 2.24
C MET A 407 -45.19 6.60 2.79
N GLN A 408 -45.14 6.73 4.11
CA GLN A 408 -44.91 8.03 4.75
C GLN A 408 -43.51 8.55 4.41
N VAL A 409 -42.54 7.64 4.43
CA VAL A 409 -41.15 8.01 4.12
C VAL A 409 -41.06 8.51 2.67
N MET A 410 -41.69 7.83 1.74
CA MET A 410 -41.72 8.31 0.35
C MET A 410 -42.38 9.68 0.26
N GLU A 411 -43.46 9.90 1.02
CA GLU A 411 -44.10 11.21 1.08
C GLU A 411 -43.14 12.32 1.50
N GLU A 412 -42.31 12.04 2.50
CA GLU A 412 -41.30 12.99 2.97
C GLU A 412 -40.27 13.24 1.89
N VAL A 413 -39.86 12.17 1.21
CA VAL A 413 -38.87 12.25 0.16
C VAL A 413 -39.38 13.13 -1.00
N VAL A 414 -40.58 12.81 -1.47
CA VAL A 414 -41.22 13.59 -2.52
C VAL A 414 -41.43 15.05 -2.12
N ARG A 415 -41.95 15.30 -0.91
CA ARG A 415 -42.12 16.67 -0.41
C ARG A 415 -40.82 17.46 -0.45
N ARG A 416 -39.73 16.82 -0.04
CA ARG A 416 -38.47 17.52 0.09
C ARG A 416 -37.87 17.82 -1.28
N ASP A 417 -37.98 16.87 -2.22
CA ASP A 417 -37.21 16.96 -3.45
C ASP A 417 -37.99 17.16 -4.73
N LYS A 418 -39.33 17.24 -4.62
CA LYS A 418 -40.22 17.37 -5.80
C LYS A 418 -39.90 18.48 -6.78
N ASN A 419 -39.22 19.54 -6.32
CA ASN A 419 -38.97 20.70 -7.16
C ASN A 419 -37.59 20.74 -7.82
N HIS A 420 -36.79 19.69 -7.65
CA HIS A 420 -35.46 19.65 -8.24
C HIS A 420 -35.53 19.14 -9.68
N PRO A 421 -35.17 19.98 -10.67
CA PRO A 421 -35.17 19.49 -12.06
C PRO A 421 -34.20 18.33 -12.28
N ALA A 422 -33.14 18.26 -11.48
CA ALA A 422 -32.15 17.20 -11.62
C ALA A 422 -32.70 15.82 -11.25
N VAL A 423 -33.72 15.77 -10.38
CA VAL A 423 -34.28 14.48 -10.00
C VAL A 423 -35.17 14.05 -11.14
N VAL A 424 -34.83 12.91 -11.75
CA VAL A 424 -35.58 12.41 -12.91
C VAL A 424 -36.35 11.10 -12.64
N MET A 425 -36.14 10.48 -11.49
CA MET A 425 -36.82 9.22 -11.16
C MET A 425 -36.72 8.97 -9.66
N TRP A 426 -37.76 8.38 -9.12
CA TRP A 426 -37.79 7.96 -7.71
C TRP A 426 -37.45 6.48 -7.65
N SER A 427 -36.64 6.09 -6.67
CA SER A 427 -36.42 4.69 -6.36
C SER A 427 -36.92 4.41 -4.94
N VAL A 428 -37.82 3.44 -4.80
CA VAL A 428 -38.49 3.18 -3.52
C VAL A 428 -37.76 2.12 -2.69
N ALA A 429 -36.82 1.39 -3.30
CA ALA A 429 -36.06 0.36 -2.58
C ALA A 429 -34.82 -0.08 -3.33
N ASN A 430 -33.92 -0.72 -2.59
CA ASN A 430 -32.77 -1.39 -3.18
C ASN A 430 -32.64 -2.82 -2.70
N GLU A 431 -32.64 -3.76 -3.64
CA GLU A 431 -32.52 -5.18 -3.36
C GLU A 431 -33.43 -5.68 -2.22
N PRO A 432 -34.72 -5.38 -2.32
CA PRO A 432 -35.69 -5.99 -1.40
C PRO A 432 -35.85 -7.46 -1.78
N ALA A 433 -36.37 -8.26 -0.87
CA ALA A 433 -36.69 -9.67 -1.14
C ALA A 433 -37.93 -9.77 -2.05
N SER A 434 -37.77 -9.33 -3.30
CA SER A 434 -38.91 -9.14 -4.21
C SER A 434 -39.35 -10.43 -4.89
N HIS A 435 -38.64 -11.53 -4.62
CA HIS A 435 -39.14 -12.88 -4.94
C HIS A 435 -40.39 -13.26 -4.11
N LEU A 436 -40.59 -12.58 -2.97
CA LEU A 436 -41.72 -12.84 -2.08
C LEU A 436 -43.03 -12.20 -2.57
N GLU A 437 -44.14 -12.93 -2.50
CA GLU A 437 -45.43 -12.38 -2.94
C GLU A 437 -45.84 -11.19 -2.08
N SER A 438 -45.61 -11.27 -0.77
CA SER A 438 -45.84 -10.13 0.13
C SER A 438 -45.02 -8.92 -0.27
N ALA A 439 -43.77 -9.14 -0.69
CA ALA A 439 -42.90 -8.04 -1.11
C ALA A 439 -43.42 -7.39 -2.40
N GLY A 440 -43.92 -8.22 -3.32
CA GLY A 440 -44.50 -7.73 -4.56
C GLY A 440 -45.68 -6.79 -4.35
N TYR A 441 -46.58 -7.16 -3.45
CA TYR A 441 -47.73 -6.30 -3.10
C TYR A 441 -47.25 -5.01 -2.43
N TYR A 442 -46.41 -5.18 -1.41
CA TYR A 442 -45.80 -4.07 -0.67
C TYR A 442 -45.22 -3.07 -1.65
N LEU A 443 -44.42 -3.53 -2.60
CA LEU A 443 -43.79 -2.64 -3.58
C LEU A 443 -44.80 -2.02 -4.53
N LYS A 444 -45.78 -2.81 -4.94
CA LYS A 444 -46.89 -2.32 -5.78
C LYS A 444 -47.53 -1.09 -5.13
N MET A 445 -47.83 -1.18 -3.84
CA MET A 445 -48.51 -0.09 -3.15
C MET A 445 -47.59 1.10 -2.87
N VAL A 446 -46.32 0.84 -2.49
CA VAL A 446 -45.38 1.96 -2.31
C VAL A 446 -45.21 2.75 -3.61
N ILE A 447 -45.07 2.02 -4.71
CA ILE A 447 -44.91 2.62 -6.02
C ILE A 447 -46.15 3.38 -6.44
N ALA A 448 -47.32 2.74 -6.32
CA ALA A 448 -48.58 3.43 -6.62
C ALA A 448 -48.74 4.71 -5.77
N HIS A 449 -48.42 4.62 -4.47
CA HIS A 449 -48.48 5.80 -3.60
C HIS A 449 -47.63 6.93 -4.14
N THR A 450 -46.41 6.57 -4.54
CA THR A 450 -45.45 7.55 -5.04
C THR A 450 -45.98 8.21 -6.32
N LYS A 451 -46.42 7.40 -7.27
CA LYS A 451 -47.01 7.92 -8.51
C LYS A 451 -48.15 8.90 -8.24
N SER A 452 -48.97 8.61 -7.23
CA SER A 452 -50.11 9.49 -6.91
C SER A 452 -49.64 10.83 -6.32
N LEU A 453 -48.53 10.79 -5.58
CA LEU A 453 -47.94 12.01 -5.04
C LEU A 453 -47.34 12.90 -6.10
N ASP A 454 -46.65 12.31 -7.08
CA ASP A 454 -45.91 13.08 -8.06
C ASP A 454 -46.25 12.56 -9.44
N PRO A 455 -47.08 13.31 -10.19
CA PRO A 455 -47.38 12.90 -11.56
C PRO A 455 -46.25 13.08 -12.58
N SER A 456 -45.16 13.74 -12.21
CA SER A 456 -44.21 14.24 -13.18
C SER A 456 -42.97 13.37 -13.46
N ARG A 457 -42.74 12.34 -12.64
CA ARG A 457 -41.56 11.48 -12.77
C ARG A 457 -41.90 9.98 -12.72
N PRO A 458 -41.08 9.14 -13.38
CA PRO A 458 -41.18 7.70 -13.27
C PRO A 458 -40.68 7.20 -11.92
N VAL A 459 -41.10 5.99 -11.58
CA VAL A 459 -40.76 5.34 -10.31
C VAL A 459 -40.18 3.96 -10.58
N THR A 460 -39.16 3.58 -9.81
CA THR A 460 -38.53 2.27 -9.91
C THR A 460 -38.22 1.73 -8.52
N PHE A 461 -37.70 0.51 -8.49
CA PHE A 461 -36.90 0.04 -7.36
C PHE A 461 -35.75 -0.73 -8.00
N VAL A 462 -34.67 -0.89 -7.24
CA VAL A 462 -33.47 -1.52 -7.77
C VAL A 462 -33.41 -2.97 -7.30
N SER A 463 -33.25 -3.90 -8.25
CA SER A 463 -33.42 -5.33 -7.97
C SER A 463 -32.18 -6.17 -8.21
N ASN A 464 -31.98 -7.19 -7.36
CA ASN A 464 -31.02 -8.25 -7.63
C ASN A 464 -31.75 -9.60 -7.74
N SER A 465 -33.06 -9.54 -7.97
CA SER A 465 -33.88 -10.74 -8.06
C SER A 465 -33.65 -11.43 -9.40
N ASN A 466 -34.03 -12.70 -9.47
CA ASN A 466 -34.03 -13.44 -10.74
C ASN A 466 -35.22 -12.94 -11.54
N TYR A 467 -35.05 -12.75 -12.85
CA TYR A 467 -36.10 -12.17 -13.70
C TYR A 467 -37.44 -12.91 -13.61
N ALA A 468 -37.41 -14.23 -13.43
CA ALA A 468 -38.64 -15.02 -13.37
C ALA A 468 -39.34 -14.90 -12.02
N ALA A 469 -38.59 -14.58 -10.97
CA ALA A 469 -39.09 -14.64 -9.60
C ALA A 469 -39.56 -13.29 -9.07
N ASP A 470 -39.15 -12.21 -9.75
CA ASP A 470 -39.34 -10.85 -9.24
C ASP A 470 -40.81 -10.44 -9.29
N LYS A 471 -41.43 -10.35 -8.12
CA LYS A 471 -42.86 -10.04 -8.03
C LYS A 471 -43.09 -8.53 -8.03
N GLY A 472 -42.03 -7.75 -7.83
CA GLY A 472 -42.09 -6.28 -7.90
C GLY A 472 -41.92 -5.71 -9.30
N ALA A 473 -41.26 -6.47 -10.19
CA ALA A 473 -40.86 -5.95 -11.49
C ALA A 473 -42.00 -5.43 -12.37
N PRO A 474 -43.20 -6.02 -12.26
CA PRO A 474 -44.26 -5.48 -13.10
C PRO A 474 -44.60 -4.00 -12.86
N TYR A 475 -44.34 -3.49 -11.65
CA TYR A 475 -44.81 -2.17 -11.25
C TYR A 475 -43.84 -1.01 -11.52
N VAL A 476 -42.60 -1.33 -11.96
CA VAL A 476 -41.58 -0.31 -12.22
C VAL A 476 -41.68 0.22 -13.65
N ASP A 477 -41.46 1.53 -13.80
CA ASP A 477 -41.44 2.19 -15.11
C ASP A 477 -40.16 1.91 -15.86
N VAL A 478 -39.08 1.77 -15.09
CA VAL A 478 -37.77 1.42 -15.61
C VAL A 478 -37.26 0.28 -14.72
N ILE A 479 -36.73 -0.76 -15.36
CA ILE A 479 -36.16 -1.89 -14.65
C ILE A 479 -34.69 -1.58 -14.34
N CYS A 480 -34.30 -1.65 -13.07
CA CYS A 480 -32.95 -1.36 -12.63
C CYS A 480 -32.36 -2.64 -12.01
N LEU A 481 -31.27 -3.10 -12.62
CA LEU A 481 -30.67 -4.40 -12.32
C LEU A 481 -29.25 -4.26 -11.75
N ASN A 482 -29.05 -4.90 -10.62
CA ASN A 482 -27.74 -5.11 -10.02
C ASN A 482 -27.19 -6.50 -10.33
N SER A 483 -25.99 -6.54 -10.91
CA SER A 483 -25.31 -7.80 -11.16
C SER A 483 -23.78 -7.62 -11.14
N TYR A 484 -23.10 -8.66 -10.68
CA TYR A 484 -21.67 -8.64 -10.44
C TYR A 484 -21.06 -9.95 -10.92
N TYR A 485 -21.22 -10.23 -12.21
CA TYR A 485 -20.74 -11.50 -12.77
C TYR A 485 -19.21 -11.60 -12.63
N SER A 486 -18.74 -12.80 -12.28
CA SER A 486 -17.33 -13.10 -11.95
C SER A 486 -16.89 -12.62 -10.57
N TRP A 487 -17.71 -11.80 -9.90
CA TRP A 487 -17.34 -11.26 -8.59
C TRP A 487 -18.11 -11.96 -7.47
N TYR A 488 -19.43 -11.86 -7.49
CA TYR A 488 -20.24 -12.50 -6.45
C TYR A 488 -20.56 -13.96 -6.74
N HIS A 489 -20.22 -14.43 -7.94
CA HIS A 489 -20.28 -15.85 -8.31
C HIS A 489 -19.32 -16.09 -9.45
N ASP A 490 -19.01 -17.37 -9.67
CA ASP A 490 -18.00 -17.79 -10.65
C ASP A 490 -16.72 -16.98 -10.47
N TYR A 491 -16.19 -17.01 -9.26
CA TYR A 491 -15.10 -16.12 -8.84
C TYR A 491 -13.91 -16.13 -9.81
N GLY A 492 -13.60 -14.96 -10.36
CA GLY A 492 -12.41 -14.82 -11.19
C GLY A 492 -12.70 -15.00 -12.68
N HIS A 493 -13.89 -15.50 -13.01
CA HIS A 493 -14.21 -15.92 -14.38
C HIS A 493 -14.71 -14.77 -15.26
N LEU A 494 -13.79 -13.90 -15.60
CA LEU A 494 -14.09 -12.73 -16.44
C LEU A 494 -14.65 -13.14 -17.79
N GLU A 495 -14.27 -14.32 -18.26
CA GLU A 495 -14.68 -14.78 -19.59
C GLU A 495 -16.18 -15.07 -19.72
N LEU A 496 -16.89 -15.11 -18.59
CA LEU A 496 -18.32 -15.44 -18.55
C LEU A 496 -19.22 -14.22 -18.61
N ILE A 497 -18.63 -13.03 -18.46
CA ILE A 497 -19.39 -11.82 -18.19
C ILE A 497 -20.27 -11.42 -19.37
N GLN A 498 -19.73 -11.40 -20.59
CA GLN A 498 -20.53 -10.99 -21.75
C GLN A 498 -21.73 -11.95 -21.97
N LEU A 499 -21.50 -13.24 -21.80
CA LEU A 499 -22.57 -14.24 -21.97
C LEU A 499 -23.67 -14.02 -20.92
N GLN A 500 -23.28 -13.94 -19.65
CA GLN A 500 -24.27 -13.81 -18.59
C GLN A 500 -25.04 -12.50 -18.66
N LEU A 501 -24.38 -11.43 -19.11
CA LEU A 501 -25.04 -10.13 -19.29
C LEU A 501 -26.03 -10.15 -20.45
N ALA A 502 -25.63 -10.80 -21.54
CA ALA A 502 -26.51 -10.94 -22.71
C ALA A 502 -27.78 -11.68 -22.30
N THR A 503 -27.59 -12.76 -21.57
CA THR A 503 -28.70 -13.54 -21.08
C THR A 503 -29.59 -12.70 -20.16
N GLN A 504 -28.96 -11.92 -19.28
CA GLN A 504 -29.66 -11.04 -18.36
C GLN A 504 -30.61 -10.13 -19.13
N PHE A 505 -30.05 -9.39 -20.07
CA PHE A 505 -30.81 -8.37 -20.79
C PHE A 505 -31.91 -9.02 -21.64
N GLU A 506 -31.58 -10.11 -22.34
CA GLU A 506 -32.59 -10.83 -23.16
C GLU A 506 -33.76 -11.32 -22.31
N ASN A 507 -33.45 -12.04 -21.25
CA ASN A 507 -34.46 -12.56 -20.33
C ASN A 507 -35.35 -11.46 -19.76
N TRP A 508 -34.73 -10.41 -19.22
CA TRP A 508 -35.50 -9.34 -18.57
C TRP A 508 -36.38 -8.59 -19.57
N TYR A 509 -35.84 -8.29 -20.75
CA TYR A 509 -36.59 -7.51 -21.74
C TYR A 509 -37.69 -8.34 -22.37
N LYS A 510 -37.42 -9.62 -22.64
CA LYS A 510 -38.46 -10.49 -23.21
C LYS A 510 -39.65 -10.61 -22.25
N LYS A 511 -39.40 -10.67 -20.95
CA LYS A 511 -40.48 -10.81 -20.00
C LYS A 511 -41.27 -9.52 -19.83
N TYR A 512 -40.59 -8.37 -19.88
CA TYR A 512 -41.19 -7.09 -19.44
C TYR A 512 -41.30 -5.95 -20.46
N GLN A 513 -40.48 -5.96 -21.49
CA GLN A 513 -40.54 -4.96 -22.56
C GLN A 513 -40.56 -3.50 -22.03
N LYS A 514 -39.69 -3.23 -21.06
CA LYS A 514 -39.53 -1.93 -20.43
C LYS A 514 -38.02 -1.58 -20.44
N PRO A 515 -37.66 -0.28 -20.50
CA PRO A 515 -36.23 0.06 -20.55
C PRO A 515 -35.50 -0.46 -19.32
N ILE A 516 -34.20 -0.73 -19.48
CA ILE A 516 -33.38 -1.32 -18.41
C ILE A 516 -32.16 -0.45 -18.14
N ILE A 517 -31.85 -0.26 -16.86
CA ILE A 517 -30.59 0.36 -16.43
C ILE A 517 -29.76 -0.67 -15.67
N GLN A 518 -28.49 -0.83 -16.01
CA GLN A 518 -27.55 -1.61 -15.20
C GLN A 518 -27.16 -0.68 -14.07
N SER A 519 -27.84 -0.81 -12.93
CA SER A 519 -27.71 0.14 -11.81
C SER A 519 -26.54 -0.16 -10.85
N GLU A 520 -26.03 -1.39 -10.88
CA GLU A 520 -24.80 -1.73 -10.17
C GLU A 520 -24.01 -2.79 -10.93
N TYR A 521 -22.69 -2.62 -10.94
CA TYR A 521 -21.70 -3.63 -11.29
C TYR A 521 -20.34 -3.13 -10.79
N GLY A 522 -19.38 -4.03 -10.61
CA GLY A 522 -18.03 -3.66 -10.21
C GLY A 522 -17.23 -4.74 -9.52
N ALA A 523 -16.12 -4.32 -8.90
CA ALA A 523 -15.21 -5.26 -8.28
C ALA A 523 -14.54 -4.61 -7.07
N GLU A 524 -14.39 -5.37 -5.98
CA GLU A 524 -13.66 -4.85 -4.84
C GLU A 524 -12.21 -4.71 -5.32
N THR A 525 -11.60 -3.58 -5.02
CA THR A 525 -10.27 -3.23 -5.57
C THR A 525 -9.43 -2.51 -4.54
N ILE A 526 -8.35 -3.13 -4.09
CA ILE A 526 -7.40 -2.50 -3.18
C ILE A 526 -6.34 -1.73 -3.97
N ALA A 527 -6.35 -0.41 -3.85
CA ALA A 527 -5.37 0.40 -4.56
C ALA A 527 -3.96 -0.11 -4.32
N GLY A 528 -3.19 -0.30 -5.38
CA GLY A 528 -1.82 -0.83 -5.28
C GLY A 528 -1.64 -2.31 -5.56
N PHE A 529 -2.72 -3.08 -5.54
CA PHE A 529 -2.64 -4.49 -5.79
C PHE A 529 -2.65 -4.67 -7.29
N HIS A 530 -1.61 -5.34 -7.81
CA HIS A 530 -1.42 -5.53 -9.25
C HIS A 530 -1.13 -6.98 -9.58
N GLN A 531 -1.69 -7.48 -10.68
CA GLN A 531 -1.31 -8.79 -11.20
C GLN A 531 -1.71 -8.94 -12.65
N ASP A 532 -0.82 -9.55 -13.43
CA ASP A 532 -1.15 -10.05 -14.77
C ASP A 532 -0.76 -11.51 -14.83
N PRO A 533 -1.64 -12.38 -15.33
CA PRO A 533 -3.06 -12.10 -15.63
C PRO A 533 -3.79 -11.63 -14.38
N PRO A 534 -4.92 -10.93 -14.54
CA PRO A 534 -5.56 -10.31 -13.39
C PRO A 534 -6.24 -11.28 -12.44
N LEU A 535 -6.19 -10.94 -11.15
CA LEU A 535 -6.89 -11.67 -10.10
C LEU A 535 -7.77 -10.71 -9.32
N MET A 536 -8.87 -11.22 -8.77
CA MET A 536 -9.76 -10.40 -7.93
C MET A 536 -8.98 -9.55 -6.92
N PHE A 537 -9.47 -8.33 -6.72
CA PHE A 537 -8.94 -7.32 -5.79
C PHE A 537 -7.82 -6.46 -6.39
N THR A 538 -7.30 -6.84 -7.56
CA THR A 538 -6.28 -6.04 -8.23
C THR A 538 -6.94 -4.96 -9.08
N GLU A 539 -6.19 -3.91 -9.37
CA GLU A 539 -6.68 -2.82 -10.22
C GLU A 539 -6.94 -3.34 -11.64
N GLU A 540 -6.13 -4.30 -12.07
CA GLU A 540 -6.25 -4.90 -13.41
C GLU A 540 -7.55 -5.70 -13.54
N TYR A 541 -7.92 -6.40 -12.47
CA TYR A 541 -9.21 -7.11 -12.47
C TYR A 541 -10.35 -6.12 -12.55
N GLN A 542 -10.30 -5.04 -11.80
CA GLN A 542 -11.35 -4.02 -11.88
C GLN A 542 -11.46 -3.52 -13.31
N LYS A 543 -10.33 -3.19 -13.92
CA LYS A 543 -10.31 -2.74 -15.31
C LYS A 543 -10.94 -3.76 -16.24
N SER A 544 -10.54 -5.03 -16.12
CA SER A 544 -11.02 -6.08 -17.02
CA SER A 544 -11.02 -6.08 -17.01
C SER A 544 -12.51 -6.35 -16.84
N LEU A 545 -12.96 -6.43 -15.58
CA LEU A 545 -14.39 -6.63 -15.32
C LEU A 545 -15.20 -5.49 -15.94
N LEU A 546 -14.70 -4.25 -15.79
CA LEU A 546 -15.38 -3.06 -16.38
C LEU A 546 -15.43 -3.19 -17.90
N GLU A 547 -14.30 -3.51 -18.51
CA GLU A 547 -14.21 -3.68 -19.97
C GLU A 547 -15.23 -4.68 -20.48
N GLN A 548 -15.35 -5.82 -19.81
CA GLN A 548 -16.30 -6.86 -20.22
C GLN A 548 -17.75 -6.41 -20.06
N TYR A 549 -18.06 -5.76 -18.94
CA TYR A 549 -19.39 -5.17 -18.74
C TYR A 549 -19.70 -4.16 -19.85
N HIS A 550 -18.73 -3.33 -20.18
CA HIS A 550 -18.90 -2.28 -21.18
C HIS A 550 -19.21 -2.88 -22.55
N LEU A 551 -18.53 -3.96 -22.88
CA LEU A 551 -18.77 -4.67 -24.14
C LEU A 551 -20.20 -5.28 -24.19
N GLY A 552 -20.65 -5.84 -23.07
CA GLY A 552 -22.03 -6.30 -22.96
C GLY A 552 -23.01 -5.15 -23.08
N LEU A 553 -22.69 -4.04 -22.44
CA LEU A 553 -23.58 -2.89 -22.44
C LEU A 553 -23.72 -2.34 -23.85
N ASP A 554 -22.61 -2.27 -24.57
CA ASP A 554 -22.60 -1.76 -25.96
C ASP A 554 -23.58 -2.50 -26.87
N GLN A 555 -23.80 -3.79 -26.61
CA GLN A 555 -24.70 -4.59 -27.46
C GLN A 555 -26.20 -4.28 -27.30
N LYS A 556 -26.59 -3.56 -26.24
CA LYS A 556 -28.01 -3.24 -26.01
C LYS A 556 -28.28 -1.75 -25.70
N ARG A 557 -27.24 -0.93 -25.60
CA ARG A 557 -27.42 0.46 -25.17
C ARG A 557 -27.93 1.39 -26.28
N ARG A 558 -28.02 0.88 -27.50
CA ARG A 558 -28.71 1.59 -28.57
C ARG A 558 -30.07 0.93 -28.87
N LYS A 559 -30.54 0.07 -27.96
CA LYS A 559 -31.78 -0.69 -28.14
C LYS A 559 -32.80 -0.47 -27.04
N TYR A 560 -32.61 -1.11 -25.88
CA TYR A 560 -33.48 -0.92 -24.73
C TYR A 560 -32.76 -0.77 -23.38
N VAL A 561 -31.43 -0.79 -23.40
CA VAL A 561 -30.68 -0.45 -22.17
C VAL A 561 -30.45 1.07 -22.18
N VAL A 562 -30.99 1.75 -21.15
CA VAL A 562 -30.98 3.20 -21.12
C VAL A 562 -30.01 3.81 -20.07
N GLY A 563 -29.23 2.97 -19.41
CA GLY A 563 -28.30 3.49 -18.43
C GLY A 563 -27.32 2.47 -17.87
N GLU A 564 -26.22 3.01 -17.35
CA GLU A 564 -25.25 2.24 -16.62
C GLU A 564 -24.70 3.11 -15.48
N LEU A 565 -24.65 2.53 -14.30
CA LEU A 565 -24.13 3.21 -13.12
C LEU A 565 -23.13 2.28 -12.42
N ILE A 566 -21.87 2.67 -12.36
CA ILE A 566 -20.85 1.88 -11.69
C ILE A 566 -21.04 1.91 -10.17
N TRP A 567 -20.94 0.74 -9.52
CA TRP A 567 -20.76 0.68 -8.07
C TRP A 567 -19.25 0.60 -7.83
N ASN A 568 -18.62 1.59 -7.20
CA ASN A 568 -19.19 2.81 -6.64
C ASN A 568 -18.24 3.97 -6.98
N PHE A 569 -18.74 5.19 -6.86
CA PHE A 569 -17.93 6.39 -6.99
C PHE A 569 -16.67 6.26 -6.14
N ALA A 570 -16.84 5.94 -4.85
CA ALA A 570 -15.69 5.83 -3.95
C ALA A 570 -15.83 4.78 -2.85
N ASP A 571 -14.67 4.26 -2.44
CA ASP A 571 -14.52 3.37 -1.28
C ASP A 571 -15.24 3.99 -0.07
N PHE A 572 -16.01 3.18 0.65
CA PHE A 572 -16.79 3.67 1.80
C PHE A 572 -16.86 2.62 2.91
N MET A 573 -17.32 3.02 4.10
CA MET A 573 -17.27 2.14 5.26
C MET A 573 -18.50 1.24 5.40
N THR A 574 -18.26 0.03 5.88
CA THR A 574 -19.31 -0.95 6.17
C THR A 574 -19.02 -1.54 7.53
N GLU A 575 -19.93 -2.40 8.00
CA GLU A 575 -19.65 -3.25 9.14
C GLU A 575 -18.52 -4.22 8.84
N GLN A 576 -17.91 -4.72 9.91
CA GLN A 576 -16.84 -5.68 9.81
C GLN A 576 -17.37 -7.04 9.39
N SER A 577 -16.65 -7.67 8.47
CA SER A 577 -16.93 -9.05 8.07
C SER A 577 -15.74 -9.49 7.22
N PRO A 578 -15.56 -10.82 7.05
CA PRO A 578 -14.46 -11.33 6.23
C PRO A 578 -14.48 -10.97 4.74
N THR A 579 -15.58 -10.44 4.23
CA THR A 579 -15.63 -9.99 2.84
C THR A 579 -15.51 -8.48 2.67
N ARG A 580 -15.23 -7.76 3.75
CA ARG A 580 -15.12 -6.29 3.71
C ARG A 580 -13.83 -5.82 4.34
N VAL A 581 -12.88 -5.47 3.48
CA VAL A 581 -11.56 -5.01 3.90
C VAL A 581 -11.68 -3.54 4.28
N LEU A 582 -11.88 -3.27 5.57
CA LEU A 582 -12.12 -1.90 6.01
C LEU A 582 -13.18 -1.23 5.13
N GLY A 583 -14.32 -1.90 4.96
CA GLY A 583 -15.41 -1.33 4.18
C GLY A 583 -15.47 -1.94 2.81
N ASN A 584 -16.20 -1.26 1.93
CA ASN A 584 -16.43 -1.65 0.55
C ASN A 584 -15.40 -0.95 -0.33
N LYS A 585 -14.63 -1.75 -1.09
CA LYS A 585 -13.49 -1.23 -1.87
C LYS A 585 -13.78 -1.23 -3.36
N LYS A 586 -15.06 -1.15 -3.73
CA LYS A 586 -15.46 -1.14 -5.16
C LYS A 586 -15.38 0.27 -5.80
N GLY A 587 -14.91 1.27 -5.05
CA GLY A 587 -14.73 2.60 -5.61
C GLY A 587 -13.85 2.60 -6.84
N ILE A 588 -14.18 3.47 -7.79
CA ILE A 588 -13.20 3.84 -8.83
C ILE A 588 -12.29 4.98 -8.33
N PHE A 589 -12.75 5.67 -7.27
CA PHE A 589 -11.93 6.57 -6.49
C PHE A 589 -11.72 5.98 -5.11
N THR A 590 -10.59 6.32 -4.52
CA THR A 590 -10.35 6.02 -3.12
C THR A 590 -11.30 6.85 -2.24
N ARG A 591 -11.41 6.50 -0.96
CA ARG A 591 -12.20 7.31 -0.03
C ARG A 591 -11.63 8.74 0.07
N GLN A 592 -10.34 8.92 -0.23
CA GLN A 592 -9.70 10.24 -0.23
C GLN A 592 -9.81 10.99 -1.58
N ARG A 593 -10.66 10.48 -2.46
CA ARG A 593 -11.05 11.14 -3.72
C ARG A 593 -9.92 11.24 -4.76
N GLN A 594 -9.11 10.19 -4.86
CA GLN A 594 -8.15 10.04 -5.96
C GLN A 594 -8.44 8.79 -6.79
N PRO A 595 -8.20 8.87 -8.12
CA PRO A 595 -8.61 7.82 -9.03
C PRO A 595 -7.73 6.58 -8.94
N LYS A 596 -8.37 5.43 -8.88
CA LYS A 596 -7.74 4.16 -9.16
C LYS A 596 -7.59 4.08 -10.68
N SER A 597 -6.75 3.17 -11.18
CA SER A 597 -6.54 3.10 -12.64
C SER A 597 -7.83 2.91 -13.45
N ALA A 598 -8.78 2.15 -12.92
CA ALA A 598 -10.09 1.95 -13.58
C ALA A 598 -10.88 3.27 -13.80
N ALA A 599 -10.62 4.30 -13.00
CA ALA A 599 -11.33 5.56 -13.14
C ALA A 599 -11.09 6.15 -14.53
N PHE A 600 -9.83 6.08 -14.97
CA PHE A 600 -9.41 6.60 -16.28
C PHE A 600 -10.08 5.84 -17.41
N LEU A 601 -10.26 4.54 -17.20
CA LEU A 601 -10.94 3.70 -18.18
CA LEU A 601 -10.94 3.69 -18.17
C LEU A 601 -12.38 4.14 -18.34
N LEU A 602 -13.10 4.24 -17.21
CA LEU A 602 -14.52 4.64 -17.24
C LEU A 602 -14.66 6.04 -17.85
N ARG A 603 -13.78 6.94 -17.45
CA ARG A 603 -13.73 8.28 -18.00
C ARG A 603 -13.66 8.30 -19.53
N GLU A 604 -12.67 7.61 -20.10
CA GLU A 604 -12.60 7.51 -21.56
C GLU A 604 -13.93 7.01 -22.17
N ARG A 605 -14.56 6.01 -21.56
CA ARG A 605 -15.85 5.50 -22.07
C ARG A 605 -16.97 6.56 -22.05
N TYR A 606 -17.13 7.23 -20.91
CA TYR A 606 -18.21 8.17 -20.70
C TYR A 606 -18.10 9.36 -21.67
N TRP A 607 -16.88 9.86 -21.88
CA TRP A 607 -16.68 10.95 -22.84
C TRP A 607 -16.96 10.46 -24.26
N LYS A 608 -16.52 9.25 -24.57
CA LYS A 608 -16.80 8.65 -25.87
C LYS A 608 -18.31 8.54 -26.09
N ILE A 609 -19.05 8.03 -25.11
CA ILE A 609 -20.51 7.91 -25.23
C ILE A 609 -21.16 9.30 -25.38
N ALA A 610 -20.66 10.28 -24.62
CA ALA A 610 -21.20 11.64 -24.67
C ALA A 610 -21.03 12.27 -26.04
N ASN A 611 -19.94 11.94 -26.72
CA ASN A 611 -19.63 12.55 -28.01
C ASN A 611 -20.33 11.89 -29.21
N GLU A 612 -20.99 10.76 -28.97
CA GLU A 612 -21.77 10.09 -30.02
C GLU A 612 -23.00 10.92 -30.40
N GLY B 2 42.09 -12.46 -19.36
CA GLY B 2 41.78 -12.05 -20.76
C GLY B 2 42.56 -12.84 -21.80
N LEU B 3 43.86 -12.55 -21.92
CA LEU B 3 44.71 -13.20 -22.93
C LEU B 3 44.86 -14.70 -22.68
N GLN B 4 44.80 -15.09 -21.40
CA GLN B 4 44.93 -16.49 -21.01
C GLN B 4 43.69 -17.32 -21.37
N GLY B 5 43.60 -17.71 -22.64
CA GLY B 5 42.70 -18.80 -23.05
C GLY B 5 41.21 -18.51 -23.18
N GLY B 6 40.45 -19.55 -23.49
CA GLY B 6 39.02 -19.44 -23.72
C GLY B 6 38.23 -19.54 -22.43
N MET B 7 36.93 -19.32 -22.54
CA MET B 7 36.01 -19.43 -21.41
C MET B 7 34.62 -19.81 -21.95
N LEU B 8 34.55 -20.99 -22.58
CA LEU B 8 33.30 -21.48 -23.12
C LEU B 8 32.34 -21.88 -21.99
N TYR B 9 31.06 -21.62 -22.18
CA TYR B 9 30.09 -21.97 -21.17
C TYR B 9 30.02 -23.50 -21.06
N PRO B 10 30.27 -24.05 -19.86
CA PRO B 10 30.35 -25.49 -19.74
C PRO B 10 29.07 -26.21 -20.13
N GLN B 11 29.22 -27.35 -20.79
CA GLN B 11 28.08 -28.18 -21.20
C GLN B 11 28.50 -29.62 -21.15
N GLU B 12 27.52 -30.50 -20.96
CA GLU B 12 27.78 -31.93 -21.05
C GLU B 12 27.88 -32.27 -22.52
N SER B 13 28.75 -33.22 -22.83
CA SER B 13 28.86 -33.77 -24.18
C SER B 13 29.41 -35.18 -24.04
N PRO B 14 29.45 -35.96 -25.13
CA PRO B 14 30.06 -37.29 -25.05
C PRO B 14 31.43 -37.34 -24.35
N SER B 15 32.18 -36.25 -24.39
CA SER B 15 33.50 -36.15 -23.76
C SER B 15 33.57 -35.25 -22.52
N ARG B 16 32.44 -34.69 -22.07
CA ARG B 16 32.46 -33.72 -20.96
C ARG B 16 31.31 -33.95 -19.97
N GLU B 17 31.63 -33.91 -18.69
CA GLU B 17 30.65 -33.98 -17.61
C GLU B 17 30.59 -32.64 -16.90
N CYS B 18 29.45 -32.37 -16.27
CA CYS B 18 29.31 -31.22 -15.36
C CYS B 18 28.66 -31.65 -14.06
N LYS B 19 29.13 -31.05 -12.97
CA LYS B 19 28.53 -31.23 -11.66
C LYS B 19 28.38 -29.88 -10.99
N GLU B 20 27.13 -29.45 -10.84
CA GLU B 20 26.78 -28.21 -10.18
C GLU B 20 26.95 -28.35 -8.68
N LEU B 21 27.50 -27.31 -8.04
CA LEU B 21 27.66 -27.26 -6.59
C LEU B 21 26.72 -26.22 -5.97
N ASP B 22 25.47 -26.23 -6.38
CA ASP B 22 24.46 -25.35 -5.80
C ASP B 22 23.96 -25.94 -4.49
N GLY B 23 23.34 -25.10 -3.67
CA GLY B 23 22.79 -25.54 -2.39
C GLY B 23 23.54 -24.89 -1.25
N LEU B 24 23.69 -25.64 -0.16
CA LEU B 24 24.27 -25.07 1.06
C LEU B 24 25.80 -25.14 1.09
N TRP B 25 26.41 -24.00 1.38
CA TRP B 25 27.84 -23.90 1.67
C TRP B 25 28.00 -23.37 3.10
N SER B 26 29.13 -23.66 3.73
CA SER B 26 29.44 -23.09 5.04
C SER B 26 29.96 -21.69 4.80
N PHE B 27 29.71 -20.79 5.74
CA PHE B 27 29.95 -19.35 5.53
C PHE B 27 30.33 -18.65 6.84
N ARG B 28 31.27 -17.72 6.74
CA ARG B 28 31.62 -16.82 7.83
C ARG B 28 32.14 -15.53 7.24
N ALA B 29 31.63 -14.41 7.73
CA ALA B 29 32.26 -13.12 7.43
C ALA B 29 33.33 -12.87 8.48
N ASP B 30 34.47 -12.34 8.05
CA ASP B 30 35.59 -12.03 8.95
C ASP B 30 35.47 -10.59 9.44
N PHE B 31 34.91 -10.45 10.64
CA PHE B 31 34.66 -9.16 11.27
C PHE B 31 35.84 -8.65 12.09
N SER B 32 37.01 -9.28 11.95
CA SER B 32 38.22 -8.77 12.61
C SER B 32 38.48 -7.32 12.23
N ASP B 33 38.98 -6.51 13.18
CA ASP B 33 39.14 -5.08 12.92
C ASP B 33 40.01 -4.82 11.70
N ASN B 34 41.08 -5.59 11.54
CA ASN B 34 41.95 -5.38 10.37
C ASN B 34 41.48 -6.22 9.18
N ARG B 35 40.35 -6.91 9.35
CA ARG B 35 39.67 -7.68 8.29
C ARG B 35 40.54 -8.77 7.68
N ARG B 36 41.61 -9.13 8.40
CA ARG B 36 42.67 -9.98 7.88
C ARG B 36 42.87 -11.25 8.71
N ARG B 37 42.06 -11.43 9.75
CA ARG B 37 42.25 -12.55 10.69
C ARG B 37 42.30 -13.89 9.99
N GLY B 38 41.44 -14.08 8.98
CA GLY B 38 41.37 -15.35 8.28
C GLY B 38 42.64 -15.70 7.53
N PHE B 39 43.37 -14.68 7.06
CA PHE B 39 44.65 -14.93 6.42
C PHE B 39 45.73 -15.17 7.47
N GLU B 40 45.77 -14.30 8.49
CA GLU B 40 46.73 -14.43 9.60
C GLU B 40 46.68 -15.83 10.21
N GLU B 41 45.46 -16.33 10.42
CA GLU B 41 45.23 -17.65 11.01
C GLU B 41 45.16 -18.79 9.99
N GLN B 42 45.35 -18.49 8.70
CA GLN B 42 45.38 -19.50 7.66
C GLN B 42 44.15 -20.42 7.73
N TRP B 43 42.95 -19.84 7.78
CA TRP B 43 41.73 -20.65 7.95
C TRP B 43 41.59 -21.75 6.90
N TYR B 44 41.99 -21.43 5.68
CA TYR B 44 41.88 -22.33 4.52
C TYR B 44 42.62 -23.67 4.68
N ARG B 45 43.62 -23.73 5.57
CA ARG B 45 44.37 -24.97 5.76
C ARG B 45 43.58 -26.05 6.48
N ARG B 46 42.48 -25.68 7.17
CA ARG B 46 41.62 -26.66 7.83
C ARG B 46 40.15 -26.40 7.50
N PRO B 47 39.30 -27.42 7.69
CA PRO B 47 37.89 -27.13 7.46
C PRO B 47 37.46 -25.88 8.24
N LEU B 48 36.67 -25.05 7.59
CA LEU B 48 36.32 -23.73 8.09
C LEU B 48 35.75 -23.71 9.51
N TRP B 49 34.96 -24.72 9.88
CA TRP B 49 34.29 -24.75 11.19
C TRP B 49 35.31 -24.83 12.35
N GLU B 50 36.46 -25.41 12.08
CA GLU B 50 37.52 -25.52 13.09
C GLU B 50 37.98 -24.17 13.62
N SER B 51 37.94 -23.14 12.78
CA SER B 51 38.43 -21.83 13.19
C SER B 51 37.34 -20.92 13.78
N GLY B 52 36.14 -21.45 13.98
CA GLY B 52 35.07 -20.71 14.66
C GLY B 52 33.68 -21.00 14.09
N PRO B 53 32.63 -20.37 14.65
CA PRO B 53 31.28 -20.55 14.14
C PRO B 53 31.11 -20.23 12.65
N THR B 54 30.24 -20.99 12.00
CA THR B 54 29.86 -20.77 10.60
C THR B 54 28.35 -20.81 10.53
N VAL B 55 27.78 -20.37 9.40
CA VAL B 55 26.35 -20.53 9.14
C VAL B 55 26.17 -21.12 7.76
N ASP B 56 24.96 -21.57 7.44
CA ASP B 56 24.64 -21.97 6.09
C ASP B 56 24.44 -20.74 5.22
N MET B 57 24.98 -20.77 4.01
CA MET B 57 24.67 -19.77 3.00
C MET B 57 24.29 -20.52 1.73
N PRO B 58 23.13 -20.18 1.14
CA PRO B 58 22.73 -20.77 -0.13
C PRO B 58 23.60 -20.25 -1.29
N VAL B 59 23.90 -21.13 -2.24
CA VAL B 59 24.58 -20.76 -3.48
C VAL B 59 23.83 -21.37 -4.66
N PRO B 60 23.56 -20.56 -5.70
CA PRO B 60 23.89 -19.14 -5.89
C PRO B 60 22.96 -18.18 -5.14
N SER B 61 23.53 -17.12 -4.56
CA SER B 61 22.75 -16.11 -3.85
C SER B 61 23.71 -15.02 -3.42
N SER B 62 23.17 -13.83 -3.22
CA SER B 62 23.85 -12.81 -2.43
C SER B 62 23.66 -13.21 -0.96
N PHE B 63 24.63 -12.89 -0.11
CA PHE B 63 24.48 -13.20 1.32
C PHE B 63 23.73 -12.13 2.12
N ASN B 64 23.52 -10.95 1.54
CA ASN B 64 23.20 -9.78 2.35
C ASN B 64 21.82 -9.80 2.99
N ASP B 65 20.84 -10.37 2.31
CA ASP B 65 19.48 -10.41 2.84
C ASP B 65 19.05 -11.78 3.39
N ILE B 66 19.99 -12.72 3.50
CA ILE B 66 19.63 -14.08 3.90
C ILE B 66 19.38 -14.18 5.40
N SER B 67 20.08 -13.36 6.18
CA SER B 67 19.97 -13.45 7.64
C SER B 67 19.28 -12.23 8.21
N GLN B 68 19.15 -12.20 9.53
CA GLN B 68 18.60 -11.04 10.23
C GLN B 68 19.73 -10.28 10.95
N ASP B 69 20.94 -10.32 10.39
CA ASP B 69 22.10 -9.68 11.00
C ASP B 69 22.44 -8.39 10.26
N TRP B 70 22.19 -7.29 10.96
CA TRP B 70 22.33 -5.93 10.51
C TRP B 70 23.74 -5.68 9.99
N ARG B 71 24.73 -6.20 10.71
CA ARG B 71 26.14 -5.96 10.36
C ARG B 71 26.61 -6.77 9.15
N LEU B 72 25.92 -7.88 8.87
CA LEU B 72 26.25 -8.69 7.70
C LEU B 72 25.73 -8.02 6.44
N ARG B 73 24.53 -7.46 6.51
CA ARG B 73 23.96 -6.83 5.30
C ARG B 73 24.86 -5.72 4.76
N HIS B 74 25.48 -4.94 5.65
CA HIS B 74 26.35 -3.83 5.21
C HIS B 74 27.85 -4.09 5.40
N PHE B 75 28.19 -5.36 5.53
CA PHE B 75 29.57 -5.82 5.78
C PHE B 75 30.48 -5.44 4.62
N VAL B 76 31.70 -4.98 4.95
CA VAL B 76 32.73 -4.61 3.99
C VAL B 76 34.04 -5.30 4.37
N GLY B 77 34.56 -6.17 3.51
CA GLY B 77 35.75 -6.96 3.80
C GLY B 77 35.68 -8.34 3.14
N TRP B 78 36.26 -9.34 3.79
CA TRP B 78 36.33 -10.70 3.26
C TRP B 78 35.25 -11.60 3.87
N VAL B 79 34.48 -12.27 3.03
CA VAL B 79 33.65 -13.37 3.49
C VAL B 79 34.23 -14.68 2.97
N TRP B 80 33.93 -15.77 3.69
CA TRP B 80 34.51 -17.09 3.48
C TRP B 80 33.44 -18.15 3.29
N TYR B 81 33.53 -18.86 2.17
CA TYR B 81 32.60 -19.91 1.78
C TYR B 81 33.36 -21.23 1.74
N GLU B 82 32.70 -22.32 2.10
CA GLU B 82 33.32 -23.63 1.97
C GLU B 82 32.31 -24.74 1.68
N ARG B 83 32.71 -25.67 0.82
CA ARG B 83 31.90 -26.83 0.45
C ARG B 83 32.80 -28.06 0.37
N GLU B 84 32.36 -29.19 0.91
CA GLU B 84 33.03 -30.47 0.67
C GLU B 84 32.28 -31.26 -0.42
N VAL B 85 33.04 -31.85 -1.35
CA VAL B 85 32.46 -32.59 -2.47
C VAL B 85 33.05 -33.99 -2.58
N ILE B 86 32.19 -34.96 -2.88
CA ILE B 86 32.65 -36.32 -3.20
C ILE B 86 32.63 -36.47 -4.73
N LEU B 87 33.81 -36.70 -5.30
CA LEU B 87 33.97 -36.79 -6.74
C LEU B 87 33.87 -38.23 -7.17
N PRO B 88 33.28 -38.49 -8.36
CA PRO B 88 33.30 -39.83 -8.95
C PRO B 88 34.72 -40.40 -8.98
N GLU B 89 34.86 -41.69 -8.71
CA GLU B 89 36.20 -42.29 -8.64
C GLU B 89 36.90 -42.20 -10.00
N ARG B 90 36.12 -42.23 -11.08
CA ARG B 90 36.68 -42.16 -12.43
C ARG B 90 37.41 -40.84 -12.67
N TRP B 91 36.96 -39.75 -12.06
CA TRP B 91 37.62 -38.44 -12.20
C TRP B 91 39.00 -38.44 -11.55
N THR B 92 39.12 -39.18 -10.47
CA THR B 92 40.32 -39.20 -9.64
C THR B 92 41.27 -40.35 -10.00
N GLN B 93 40.75 -41.39 -10.65
CA GLN B 93 41.52 -42.59 -10.98
C GLN B 93 41.92 -42.66 -12.45
N ASP B 94 41.06 -42.14 -13.33
CA ASP B 94 41.36 -42.11 -14.76
C ASP B 94 42.12 -40.83 -15.10
N LEU B 95 43.42 -40.96 -15.32
CA LEU B 95 44.28 -39.79 -15.58
C LEU B 95 44.05 -39.15 -16.94
N ARG B 96 43.18 -39.73 -17.77
CA ARG B 96 42.72 -39.08 -18.99
C ARG B 96 41.64 -38.02 -18.69
N THR B 97 41.24 -37.88 -17.43
CA THR B 97 40.27 -36.86 -17.04
C THR B 97 40.98 -35.54 -16.69
N ARG B 98 40.58 -34.47 -17.36
CA ARG B 98 40.91 -33.11 -16.94
C ARG B 98 39.72 -32.59 -16.10
N VAL B 99 39.99 -32.19 -14.86
CA VAL B 99 38.96 -31.67 -13.96
C VAL B 99 39.14 -30.16 -13.75
N VAL B 100 38.08 -29.40 -14.00
CA VAL B 100 38.11 -27.95 -13.91
C VAL B 100 37.08 -27.46 -12.89
N LEU B 101 37.50 -26.51 -12.06
CA LEU B 101 36.61 -25.79 -11.14
C LEU B 101 36.27 -24.43 -11.72
N ARG B 102 34.99 -24.18 -11.95
CA ARG B 102 34.52 -22.95 -12.57
C ARG B 102 33.67 -22.16 -11.58
N ILE B 103 34.03 -20.89 -11.37
CA ILE B 103 33.26 -19.98 -10.52
C ILE B 103 32.54 -18.95 -11.39
N GLY B 104 31.20 -18.94 -11.37
CA GLY B 104 30.44 -18.08 -12.28
C GLY B 104 30.71 -16.60 -12.07
N SER B 105 30.86 -16.20 -10.82
CA SER B 105 31.21 -14.83 -10.49
C SER B 105 31.61 -14.68 -9.03
N ALA B 106 32.30 -13.57 -8.73
CA ALA B 106 32.65 -13.25 -7.36
C ALA B 106 32.49 -11.74 -7.10
N HIS B 107 33.58 -11.04 -6.84
CA HIS B 107 33.52 -9.63 -6.49
C HIS B 107 34.90 -9.01 -6.68
N SER B 108 35.26 -7.96 -5.93
CA SER B 108 36.48 -7.18 -6.21
C SER B 108 37.72 -8.05 -6.20
N TYR B 109 37.79 -8.97 -5.24
CA TYR B 109 38.81 -10.01 -5.24
C TYR B 109 38.25 -11.33 -4.75
N ALA B 110 38.77 -12.42 -5.33
CA ALA B 110 38.41 -13.76 -4.87
C ALA B 110 39.64 -14.65 -4.94
N ILE B 111 39.84 -15.43 -3.88
CA ILE B 111 40.89 -16.42 -3.81
C ILE B 111 40.23 -17.78 -3.55
N VAL B 112 40.68 -18.81 -4.25
CA VAL B 112 40.11 -20.15 -4.11
C VAL B 112 41.22 -21.13 -3.73
N TRP B 113 40.96 -21.89 -2.66
CA TRP B 113 41.82 -22.98 -2.27
C TRP B 113 41.12 -24.31 -2.50
N VAL B 114 41.92 -25.31 -2.88
CA VAL B 114 41.42 -26.67 -3.02
C VAL B 114 42.25 -27.54 -2.08
N ASN B 115 41.59 -28.13 -1.09
CA ASN B 115 42.25 -28.88 -0.01
C ASN B 115 43.36 -28.07 0.68
N GLY B 116 43.09 -26.79 0.91
CA GLY B 116 44.03 -25.89 1.57
C GLY B 116 45.12 -25.31 0.68
N VAL B 117 45.15 -25.71 -0.59
CA VAL B 117 46.17 -25.25 -1.54
C VAL B 117 45.61 -24.16 -2.46
N ASP B 118 46.22 -22.98 -2.45
CA ASP B 118 45.70 -21.90 -3.29
C ASP B 118 45.91 -22.24 -4.76
N THR B 119 44.84 -22.14 -5.55
CA THR B 119 44.85 -22.56 -6.94
C THR B 119 44.24 -21.58 -7.92
N LEU B 120 43.56 -20.54 -7.43
CA LEU B 120 42.83 -19.65 -8.34
C LEU B 120 42.53 -18.29 -7.67
N GLU B 121 42.74 -17.22 -8.43
CA GLU B 121 42.42 -15.88 -7.97
C GLU B 121 41.80 -15.07 -9.11
N HIS B 122 41.00 -14.07 -8.76
CA HIS B 122 40.32 -13.26 -9.78
C HIS B 122 39.96 -11.87 -9.26
N GLU B 123 40.16 -10.88 -10.11
CA GLU B 123 39.88 -9.48 -9.80
C GLU B 123 38.63 -9.05 -10.54
N GLY B 124 37.59 -8.67 -9.81
CA GLY B 124 36.41 -8.04 -10.43
C GLY B 124 35.21 -8.95 -10.43
N GLY B 125 34.02 -8.37 -10.37
CA GLY B 125 32.79 -9.15 -10.27
C GLY B 125 32.15 -9.42 -11.62
N TYR B 126 31.06 -10.19 -11.57
CA TYR B 126 30.13 -10.36 -12.69
C TYR B 126 30.71 -11.17 -13.85
N LEU B 127 31.88 -11.80 -13.65
CA LEU B 127 32.59 -12.51 -14.73
C LEU B 127 33.20 -13.82 -14.23
N PRO B 128 33.14 -14.89 -15.05
CA PRO B 128 33.58 -16.19 -14.57
C PRO B 128 35.11 -16.38 -14.56
N PHE B 129 35.55 -17.33 -13.74
CA PHE B 129 36.94 -17.71 -13.72
C PHE B 129 37.05 -19.20 -13.32
N GLU B 130 38.13 -19.87 -13.74
CA GLU B 130 38.28 -21.32 -13.56
C GLU B 130 39.73 -21.77 -13.42
N ALA B 131 39.92 -22.96 -12.87
CA ALA B 131 41.23 -23.58 -12.77
C ALA B 131 41.10 -25.07 -13.05
N ASP B 132 42.13 -25.60 -13.73
CA ASP B 132 42.34 -27.03 -13.92
C ASP B 132 42.92 -27.57 -12.60
N ILE B 133 42.09 -28.30 -11.87
CA ILE B 133 42.47 -28.85 -10.56
C ILE B 133 42.80 -30.35 -10.63
N SER B 134 43.07 -30.85 -11.83
CA SER B 134 43.29 -32.29 -12.01
C SER B 134 44.37 -32.84 -11.08
N ASN B 135 45.49 -32.11 -11.01
CA ASN B 135 46.64 -32.51 -10.19
C ASN B 135 46.37 -32.60 -8.69
N LEU B 136 45.39 -31.83 -8.22
CA LEU B 136 45.04 -31.81 -6.80
C LEU B 136 44.02 -32.87 -6.42
N VAL B 137 43.20 -33.30 -7.39
CA VAL B 137 42.19 -34.33 -7.12
C VAL B 137 42.68 -35.75 -7.49
N GLN B 138 43.69 -35.84 -8.34
CA GLN B 138 44.29 -37.11 -8.71
C GLN B 138 45.61 -37.29 -7.95
N VAL B 139 45.57 -36.97 -6.65
CA VAL B 139 46.74 -37.04 -5.77
C VAL B 139 46.32 -37.34 -4.33
N GLY B 140 47.23 -37.98 -3.58
CA GLY B 140 47.06 -38.19 -2.14
C GLY B 140 47.89 -37.19 -1.36
N SER B 144 40.45 -38.19 -0.81
CA SER B 144 39.18 -38.42 -0.14
C SER B 144 38.10 -37.48 -0.71
N ARG B 145 37.64 -36.51 0.08
CA ARG B 145 36.74 -35.50 -0.43
C ARG B 145 37.52 -34.39 -1.11
N LEU B 146 36.79 -33.47 -1.73
CA LEU B 146 37.34 -32.24 -2.27
C LEU B 146 36.82 -31.11 -1.39
N ARG B 147 37.71 -30.35 -0.76
CA ARG B 147 37.32 -29.21 0.07
C ARG B 147 37.63 -27.93 -0.68
N ILE B 148 36.58 -27.21 -1.07
CA ILE B 148 36.70 -25.96 -1.82
C ILE B 148 36.43 -24.80 -0.87
N THR B 149 37.42 -23.91 -0.73
CA THR B 149 37.30 -22.72 0.12
C THR B 149 37.47 -21.50 -0.76
N ILE B 150 36.55 -20.55 -0.60
CA ILE B 150 36.57 -19.31 -1.39
C ILE B 150 36.44 -18.09 -0.48
N ALA B 151 37.39 -17.16 -0.57
CA ALA B 151 37.33 -15.90 0.14
C ALA B 151 37.08 -14.79 -0.86
N ILE B 152 36.05 -13.99 -0.60
CA ILE B 152 35.59 -12.95 -1.50
C ILE B 152 35.65 -11.60 -0.78
N ASN B 153 36.33 -10.62 -1.40
CA ASN B 153 36.41 -9.26 -0.86
C ASN B 153 35.45 -8.37 -1.64
N ASN B 154 34.59 -7.64 -0.93
CA ASN B 154 33.60 -6.79 -1.59
C ASN B 154 33.90 -5.31 -1.50
N THR B 155 35.12 -4.97 -1.11
CA THR B 155 35.48 -3.56 -0.97
C THR B 155 35.64 -2.94 -2.34
N LEU B 156 35.02 -1.77 -2.53
CA LEU B 156 35.21 -1.00 -3.76
C LEU B 156 36.18 0.14 -3.46
N THR B 157 37.07 0.40 -4.41
CA THR B 157 38.18 1.33 -4.21
C THR B 157 38.35 2.16 -5.46
N PRO B 158 39.25 3.16 -5.45
CA PRO B 158 39.48 3.90 -6.69
C PRO B 158 39.97 3.09 -7.88
N THR B 159 40.33 1.82 -7.65
CA THR B 159 40.84 0.97 -8.70
C THR B 159 39.97 -0.25 -8.99
N THR B 160 38.82 -0.38 -8.34
CA THR B 160 37.82 -1.41 -8.67
C THR B 160 36.85 -0.87 -9.75
N LEU B 161 36.17 -1.80 -10.42
CA LEU B 161 35.12 -1.47 -11.39
C LEU B 161 33.86 -2.28 -11.01
N PRO B 162 32.86 -1.63 -10.42
CA PRO B 162 32.74 -0.19 -10.19
C PRO B 162 33.67 0.27 -9.08
N PRO B 163 34.10 1.55 -9.15
CA PRO B 163 34.94 2.14 -8.11
C PRO B 163 34.12 2.52 -6.89
N GLY B 164 34.82 2.74 -5.79
CA GLY B 164 34.25 3.37 -4.60
C GLY B 164 35.39 3.96 -3.78
N THR B 165 35.06 4.49 -2.60
CA THR B 165 36.08 4.97 -1.69
C THR B 165 35.70 4.52 -0.28
N ILE B 166 36.72 4.30 0.56
CA ILE B 166 36.52 3.96 1.94
C ILE B 166 36.94 5.14 2.81
N GLN B 167 36.11 5.48 3.79
CA GLN B 167 36.37 6.62 4.66
C GLN B 167 36.28 6.20 6.10
N TYR B 168 37.41 6.26 6.81
CA TYR B 168 37.42 6.14 8.26
C TYR B 168 37.11 7.51 8.85
N LEU B 169 36.14 7.57 9.75
CA LEU B 169 35.70 8.82 10.38
C LEU B 169 36.14 8.75 11.85
N THR B 170 37.10 9.59 12.22
CA THR B 170 37.80 9.45 13.50
C THR B 170 37.26 10.35 14.63
N ASP B 171 36.23 11.15 14.34
CA ASP B 171 35.64 12.05 15.33
C ASP B 171 34.79 11.24 16.29
N THR B 172 35.34 10.95 17.47
CA THR B 172 34.68 10.06 18.42
C THR B 172 33.51 10.69 19.18
N SER B 173 33.29 11.99 18.97
CA SER B 173 32.07 12.67 19.48
C SER B 173 30.87 12.41 18.56
N LYS B 174 31.12 11.86 17.38
CA LYS B 174 30.06 11.58 16.41
C LYS B 174 30.02 10.11 15.94
N TYR B 175 31.16 9.42 15.99
CA TYR B 175 31.26 8.06 15.50
C TYR B 175 32.09 7.22 16.44
N PRO B 176 31.72 5.95 16.59
CA PRO B 176 32.49 5.09 17.48
C PRO B 176 33.86 4.77 16.89
N LYS B 177 34.82 4.46 17.75
CA LYS B 177 36.15 4.10 17.31
C LYS B 177 36.07 2.99 16.26
N GLY B 178 36.80 3.18 15.17
CA GLY B 178 36.89 2.17 14.11
C GLY B 178 35.85 2.31 13.02
N TYR B 179 34.94 3.28 13.18
CA TYR B 179 33.89 3.52 12.19
C TYR B 179 34.43 3.82 10.81
N PHE B 180 33.90 3.14 9.81
CA PHE B 180 34.19 3.49 8.43
C PHE B 180 32.99 3.14 7.58
N VAL B 181 32.93 3.78 6.42
CA VAL B 181 31.88 3.49 5.46
C VAL B 181 32.43 3.37 4.05
N GLN B 182 31.67 2.64 3.26
CA GLN B 182 31.88 2.49 1.83
C GLN B 182 31.03 3.54 1.14
N ASN B 183 31.66 4.43 0.39
CA ASN B 183 30.93 5.37 -0.44
C ASN B 183 30.93 4.86 -1.87
N THR B 184 29.82 5.05 -2.56
CA THR B 184 29.69 4.64 -3.95
C THR B 184 28.97 5.73 -4.72
N TYR B 185 29.14 5.73 -6.04
CA TYR B 185 28.51 6.73 -6.91
C TYR B 185 27.67 6.10 -8.00
N PHE B 186 27.15 4.91 -7.70
CA PHE B 186 26.24 4.20 -8.59
C PHE B 186 24.97 3.83 -7.84
N ASP B 187 23.88 3.75 -8.60
CA ASP B 187 22.54 3.64 -8.03
C ASP B 187 22.03 2.19 -7.99
N PHE B 188 22.83 1.30 -7.40
CA PHE B 188 22.34 -0.03 -7.01
C PHE B 188 23.13 -0.59 -5.82
N PHE B 189 22.49 -1.46 -5.05
CA PHE B 189 23.09 -1.95 -3.80
C PHE B 189 24.23 -2.91 -4.12
N ASN B 190 25.36 -2.73 -3.44
CA ASN B 190 26.55 -3.54 -3.70
C ASN B 190 26.47 -4.90 -3.01
N TYR B 191 25.46 -5.67 -3.40
CA TYR B 191 25.29 -7.05 -2.96
C TYR B 191 26.57 -7.87 -3.22
N ALA B 192 26.82 -8.89 -2.40
CA ALA B 192 27.95 -9.79 -2.63
C ALA B 192 27.65 -11.22 -2.24
N GLY B 193 28.59 -12.10 -2.62
CA GLY B 193 28.44 -13.54 -2.40
C GLY B 193 28.80 -14.33 -3.65
N LEU B 194 28.49 -15.61 -3.61
CA LEU B 194 28.56 -16.46 -4.79
C LEU B 194 27.18 -16.39 -5.44
N GLN B 195 27.01 -15.37 -6.27
CA GLN B 195 25.70 -15.03 -6.84
C GLN B 195 25.35 -15.84 -8.10
N ARG B 196 26.35 -16.55 -8.65
CA ARG B 196 26.17 -17.42 -9.80
C ARG B 196 26.68 -18.81 -9.50
N SER B 197 26.27 -19.76 -10.32
CA SER B 197 26.60 -21.14 -10.05
C SER B 197 28.11 -21.41 -10.07
N VAL B 198 28.52 -22.27 -9.15
CA VAL B 198 29.87 -22.83 -9.10
C VAL B 198 29.71 -24.27 -9.56
N LEU B 199 30.61 -24.74 -10.40
CA LEU B 199 30.55 -26.14 -10.83
C LEU B 199 31.91 -26.74 -11.12
N LEU B 200 31.93 -28.07 -11.12
CA LEU B 200 33.08 -28.81 -11.58
C LEU B 200 32.66 -29.40 -12.92
N TYR B 201 33.58 -29.40 -13.86
CA TYR B 201 33.36 -30.07 -15.12
C TYR B 201 34.64 -30.77 -15.61
N THR B 202 34.47 -31.68 -16.56
CA THR B 202 35.59 -32.45 -17.10
C THR B 202 35.72 -32.30 -18.61
N THR B 203 36.95 -32.49 -19.08
CA THR B 203 37.24 -32.63 -20.50
C THR B 203 38.35 -33.64 -20.63
N PRO B 204 38.67 -34.05 -21.87
CA PRO B 204 39.92 -34.78 -22.04
C PRO B 204 41.11 -33.84 -21.81
N THR B 205 42.31 -34.39 -21.73
CA THR B 205 43.50 -33.59 -21.48
C THR B 205 43.90 -32.74 -22.68
N THR B 206 43.52 -33.16 -23.88
CA THR B 206 43.58 -32.32 -25.07
C THR B 206 42.13 -31.99 -25.43
N TYR B 207 41.84 -30.71 -25.58
CA TYR B 207 40.45 -30.24 -25.57
C TYR B 207 40.25 -28.94 -26.33
N ILE B 208 39.00 -28.68 -26.67
CA ILE B 208 38.59 -27.46 -27.36
C ILE B 208 38.58 -26.35 -26.32
N ASP B 209 39.47 -25.37 -26.47
CA ASP B 209 39.62 -24.31 -25.47
C ASP B 209 38.85 -23.05 -25.81
N ASP B 210 38.74 -22.73 -27.10
CA ASP B 210 38.07 -21.51 -27.52
C ASP B 210 37.45 -21.70 -28.90
N ILE B 211 36.37 -20.96 -29.14
CA ILE B 211 35.70 -20.94 -30.43
C ILE B 211 35.30 -19.50 -30.66
N THR B 212 35.56 -18.97 -31.87
CA THR B 212 35.13 -17.63 -32.23
C THR B 212 34.41 -17.72 -33.56
N VAL B 213 33.12 -17.42 -33.54
CA VAL B 213 32.29 -17.48 -34.72
C VAL B 213 31.84 -16.08 -35.10
N THR B 214 31.93 -15.77 -36.38
CA THR B 214 31.31 -14.58 -36.94
C THR B 214 30.50 -14.98 -38.16
N THR B 215 29.45 -14.24 -38.45
CA THR B 215 28.55 -14.61 -39.54
C THR B 215 28.33 -13.44 -40.46
N SER B 216 28.16 -13.73 -41.75
CA SER B 216 27.76 -12.70 -42.71
C SER B 216 26.75 -13.29 -43.70
N VAL B 217 26.23 -12.46 -44.60
CA VAL B 217 25.23 -12.92 -45.56
C VAL B 217 25.74 -12.64 -46.96
N GLU B 218 25.48 -13.59 -47.87
CA GLU B 218 25.79 -13.44 -49.29
C GLU B 218 24.57 -13.87 -50.09
N GLN B 219 23.85 -12.89 -50.63
CA GLN B 219 22.58 -13.10 -51.31
C GLN B 219 21.61 -13.81 -50.36
N ASP B 220 21.20 -15.05 -50.68
CA ASP B 220 20.32 -15.85 -49.84
CA ASP B 220 20.32 -15.82 -49.80
C ASP B 220 21.10 -16.95 -49.12
N SER B 221 22.42 -16.79 -49.04
CA SER B 221 23.30 -17.73 -48.35
C SER B 221 23.87 -17.09 -47.09
N GLY B 222 24.14 -17.92 -46.09
CA GLY B 222 24.79 -17.46 -44.87
C GLY B 222 26.19 -18.00 -44.83
N LEU B 223 27.10 -17.23 -44.24
CA LEU B 223 28.49 -17.63 -44.13
C LEU B 223 28.84 -17.67 -42.66
N VAL B 224 29.41 -18.77 -42.19
CA VAL B 224 29.75 -18.94 -40.78
C VAL B 224 31.25 -19.16 -40.70
N ASN B 225 31.95 -18.11 -40.27
CA ASN B 225 33.38 -18.18 -40.07
C ASN B 225 33.67 -18.77 -38.71
N TYR B 226 34.60 -19.71 -38.64
CA TYR B 226 35.07 -20.28 -37.36
C TYR B 226 36.57 -20.16 -37.18
N GLN B 227 36.95 -19.92 -35.91
CA GLN B 227 38.33 -20.00 -35.42
C GLN B 227 38.28 -20.83 -34.14
N ILE B 228 39.06 -21.90 -34.09
CA ILE B 228 38.98 -22.84 -32.97
C ILE B 228 40.35 -23.04 -32.37
N SER B 229 40.41 -22.99 -31.04
CA SER B 229 41.67 -23.10 -30.32
C SER B 229 41.65 -24.39 -29.54
N VAL B 230 42.68 -25.21 -29.74
CA VAL B 230 42.85 -26.48 -29.04
C VAL B 230 44.08 -26.41 -28.13
N LYS B 231 43.92 -26.92 -26.90
CA LYS B 231 44.99 -26.98 -25.90
C LYS B 231 45.35 -28.42 -25.58
N GLY B 232 46.62 -28.62 -25.21
CA GLY B 232 47.16 -29.94 -24.91
C GLY B 232 48.06 -30.40 -26.05
N SER B 233 47.73 -31.55 -26.61
CA SER B 233 48.47 -32.13 -27.74
C SER B 233 48.45 -31.22 -28.96
N ASN B 234 49.57 -31.16 -29.66
CA ASN B 234 49.66 -30.44 -30.94
C ASN B 234 49.29 -31.31 -32.14
N LEU B 235 49.09 -32.60 -31.92
CA LEU B 235 48.73 -33.54 -32.97
C LEU B 235 47.24 -33.84 -32.91
N PHE B 236 46.47 -33.21 -33.79
CA PHE B 236 45.02 -33.40 -33.77
C PHE B 236 44.36 -33.09 -35.12
N LYS B 237 43.08 -33.44 -35.18
CA LYS B 237 42.21 -33.14 -36.31
C LYS B 237 40.88 -32.58 -35.80
N LEU B 238 40.35 -31.58 -36.52
CA LEU B 238 39.07 -30.96 -36.20
C LEU B 238 38.09 -31.18 -37.33
N GLU B 239 36.87 -31.53 -36.96
CA GLU B 239 35.75 -31.59 -37.86
C GLU B 239 34.70 -30.68 -37.28
N VAL B 240 34.04 -29.90 -38.14
CA VAL B 240 32.97 -29.02 -37.70
C VAL B 240 31.75 -29.26 -38.57
N ARG B 241 30.57 -29.30 -37.93
CA ARG B 241 29.31 -29.48 -38.65
C ARG B 241 28.32 -28.42 -38.20
N LEU B 242 27.58 -27.87 -39.15
CA LEU B 242 26.53 -26.93 -38.81
C LEU B 242 25.19 -27.64 -38.96
N LEU B 243 24.45 -27.72 -37.86
CA LEU B 243 23.15 -28.36 -37.85
C LEU B 243 22.08 -27.28 -37.80
N ASP B 244 21.00 -27.49 -38.56
CA ASP B 244 19.85 -26.60 -38.54
C ASP B 244 18.97 -26.89 -37.31
N ALA B 245 17.82 -26.22 -37.25
CA ALA B 245 16.96 -26.27 -36.06
C ALA B 245 16.25 -27.63 -35.88
N GLU B 246 16.21 -28.46 -36.91
CA GLU B 246 15.72 -29.84 -36.80
C GLU B 246 16.86 -30.87 -36.75
N ASN B 247 18.07 -30.41 -36.40
CA ASN B 247 19.24 -31.29 -36.18
C ASN B 247 19.85 -31.88 -37.46
N LYS B 248 19.51 -31.32 -38.61
CA LYS B 248 20.02 -31.79 -39.89
C LYS B 248 21.28 -31.01 -40.24
N VAL B 249 22.34 -31.73 -40.58
CA VAL B 249 23.60 -31.14 -41.02
C VAL B 249 23.41 -30.39 -42.35
N VAL B 250 23.69 -29.09 -42.36
CA VAL B 250 23.55 -28.27 -43.58
C VAL B 250 24.87 -27.81 -44.18
N ALA B 251 25.96 -28.02 -43.43
CA ALA B 251 27.30 -27.67 -43.89
C ALA B 251 28.35 -28.30 -42.99
N ASN B 252 29.54 -28.56 -43.53
CA ASN B 252 30.63 -29.08 -42.70
C ASN B 252 31.99 -28.73 -43.26
N GLY B 253 32.99 -28.81 -42.39
CA GLY B 253 34.35 -28.50 -42.75
C GLY B 253 35.31 -29.09 -41.73
N THR B 254 36.56 -28.64 -41.79
CA THR B 254 37.63 -29.14 -40.93
C THR B 254 38.57 -28.02 -40.53
N GLY B 255 39.54 -28.34 -39.68
CA GLY B 255 40.61 -27.41 -39.35
C GLY B 255 40.26 -26.44 -38.24
N THR B 256 41.27 -25.68 -37.84
CA THR B 256 41.11 -24.67 -36.81
C THR B 256 40.44 -23.41 -37.36
N GLN B 257 40.47 -23.22 -38.68
CA GLN B 257 39.87 -22.04 -39.27
C GLN B 257 39.26 -22.29 -40.64
N GLY B 258 38.14 -21.64 -40.91
CA GLY B 258 37.46 -21.79 -42.18
C GLY B 258 36.13 -21.08 -42.21
N GLN B 259 35.32 -21.46 -43.19
CA GLN B 259 34.03 -20.84 -43.42
C GLN B 259 33.05 -21.87 -43.94
N LEU B 260 31.88 -21.94 -43.31
CA LEU B 260 30.81 -22.81 -43.78
C LEU B 260 29.78 -21.97 -44.55
N LYS B 261 29.27 -22.50 -45.65
CA LYS B 261 28.25 -21.81 -46.44
C LYS B 261 26.90 -22.51 -46.27
N VAL B 262 25.87 -21.72 -46.01
CA VAL B 262 24.55 -22.21 -45.69
C VAL B 262 23.57 -21.75 -46.76
N PRO B 263 23.27 -22.62 -47.74
CA PRO B 263 22.35 -22.18 -48.78
C PRO B 263 20.94 -21.99 -48.25
N GLY B 264 20.26 -20.95 -48.74
CA GLY B 264 18.88 -20.69 -48.36
C GLY B 264 18.76 -20.55 -46.87
N VAL B 265 19.62 -19.72 -46.30
CA VAL B 265 19.77 -19.62 -44.86
C VAL B 265 18.53 -19.04 -44.21
N SER B 266 18.33 -19.41 -42.95
CA SER B 266 17.37 -18.75 -42.09
C SER B 266 18.15 -17.80 -41.17
N LEU B 267 18.06 -16.50 -41.45
CA LEU B 267 18.73 -15.49 -40.62
C LEU B 267 18.13 -15.44 -39.21
N TRP B 268 18.96 -15.06 -38.24
CA TRP B 268 18.51 -14.78 -36.88
C TRP B 268 17.90 -13.38 -36.87
N TRP B 269 16.61 -13.27 -36.55
CA TRP B 269 15.95 -11.97 -36.42
C TRP B 269 15.51 -11.71 -34.99
N PRO B 270 15.63 -10.46 -34.53
CA PRO B 270 15.05 -10.08 -33.25
C PRO B 270 13.56 -10.38 -33.13
N TYR B 271 13.12 -10.64 -31.90
CA TYR B 271 11.71 -10.74 -31.57
C TYR B 271 10.92 -9.58 -32.19
N LEU B 272 9.82 -9.92 -32.85
CA LEU B 272 8.89 -8.98 -33.51
C LEU B 272 9.40 -8.32 -34.79
N MET B 273 10.65 -8.63 -35.20
CA MET B 273 11.16 -8.20 -36.49
C MET B 273 10.87 -9.23 -37.61
N HIS B 274 10.53 -10.45 -37.21
CA HIS B 274 10.22 -11.54 -38.15
C HIS B 274 9.30 -12.54 -37.45
N GLU B 275 8.37 -13.14 -38.20
CA GLU B 275 7.35 -14.03 -37.62
C GLU B 275 7.94 -15.28 -36.97
N ARG B 276 9.13 -15.68 -37.43
CA ARG B 276 9.91 -16.77 -36.84
C ARG B 276 11.27 -16.18 -36.41
N PRO B 277 11.31 -15.53 -35.25
CA PRO B 277 12.55 -14.89 -34.81
C PRO B 277 13.56 -15.86 -34.19
N ALA B 278 14.78 -15.37 -33.98
CA ALA B 278 15.78 -16.06 -33.19
C ALA B 278 16.18 -17.46 -33.73
N TYR B 279 16.14 -17.66 -35.04
CA TYR B 279 16.52 -18.96 -35.60
C TYR B 279 17.97 -19.25 -35.25
N LEU B 280 18.21 -20.38 -34.59
CA LEU B 280 19.56 -20.81 -34.25
C LEU B 280 19.92 -22.12 -34.93
N TYR B 281 21.05 -22.10 -35.62
CA TYR B 281 21.79 -23.30 -36.02
C TYR B 281 22.64 -23.73 -34.83
N SER B 282 23.31 -24.86 -34.95
CA SER B 282 24.31 -25.23 -33.96
C SER B 282 25.59 -25.69 -34.63
N LEU B 283 26.72 -25.17 -34.15
CA LEU B 283 28.03 -25.58 -34.62
C LEU B 283 28.58 -26.72 -33.74
N GLU B 284 28.59 -27.94 -34.27
CA GLU B 284 29.17 -29.09 -33.57
C GLU B 284 30.64 -29.27 -33.93
N VAL B 285 31.49 -29.14 -32.94
CA VAL B 285 32.95 -29.22 -33.13
C VAL B 285 33.45 -30.54 -32.55
N GLN B 286 34.09 -31.34 -33.40
CA GLN B 286 34.59 -32.64 -32.96
C GLN B 286 36.09 -32.69 -33.09
N LEU B 287 36.77 -32.83 -31.96
CA LEU B 287 38.24 -32.88 -31.92
C LEU B 287 38.64 -34.35 -31.80
N THR B 288 39.62 -34.77 -32.62
CA THR B 288 40.27 -36.07 -32.44
C THR B 288 41.77 -35.78 -32.29
N ALA B 289 42.34 -36.12 -31.14
CA ALA B 289 43.72 -35.77 -30.83
C ALA B 289 44.54 -36.99 -30.44
N GLN B 290 45.84 -36.94 -30.71
CA GLN B 290 46.75 -37.98 -30.26
C GLN B 290 47.43 -37.50 -28.97
N THR B 291 47.24 -38.28 -27.89
CA THR B 291 47.81 -37.94 -26.59
C THR B 291 48.77 -39.05 -26.13
N SER B 292 49.49 -38.78 -25.04
CA SER B 292 50.48 -39.73 -24.51
C SER B 292 49.81 -40.93 -23.84
N LEU B 293 48.50 -40.82 -23.59
CA LEU B 293 47.68 -41.90 -23.07
C LEU B 293 46.70 -42.39 -24.15
N GLY B 294 47.03 -42.10 -25.42
CA GLY B 294 46.27 -42.60 -26.58
C GLY B 294 45.31 -41.59 -27.20
N PRO B 295 44.62 -41.99 -28.29
CA PRO B 295 43.62 -41.12 -28.93
C PRO B 295 42.49 -40.67 -28.01
N VAL B 296 42.04 -39.43 -28.17
CA VAL B 296 40.91 -38.90 -27.42
C VAL B 296 40.01 -38.05 -28.31
N SER B 297 38.72 -38.08 -28.03
CA SER B 297 37.72 -37.27 -28.71
C SER B 297 37.24 -36.16 -27.77
N ASP B 298 36.99 -34.98 -28.33
CA ASP B 298 36.34 -33.92 -27.60
C ASP B 298 35.23 -33.35 -28.45
N PHE B 299 34.10 -33.09 -27.82
CA PHE B 299 32.93 -32.54 -28.47
C PHE B 299 32.48 -31.27 -27.74
N TYR B 300 32.12 -30.26 -28.51
CA TYR B 300 31.48 -29.08 -27.96
C TYR B 300 30.56 -28.54 -29.04
N THR B 301 29.36 -28.14 -28.65
CA THR B 301 28.37 -27.58 -29.57
C THR B 301 27.98 -26.17 -29.16
N LEU B 302 28.08 -25.25 -30.11
CA LEU B 302 27.88 -23.82 -29.87
C LEU B 302 26.71 -23.31 -30.71
N PRO B 303 25.70 -22.70 -30.07
CA PRO B 303 24.61 -22.14 -30.87
C PRO B 303 25.07 -21.00 -31.76
N VAL B 304 24.50 -20.89 -32.96
CA VAL B 304 24.88 -19.89 -33.94
C VAL B 304 23.64 -19.25 -34.55
N GLY B 305 23.58 -17.92 -34.49
CA GLY B 305 22.56 -17.16 -35.20
C GLY B 305 23.24 -16.35 -36.29
N ILE B 306 22.83 -16.58 -37.53
CA ILE B 306 23.41 -15.91 -38.67
C ILE B 306 22.72 -14.56 -38.83
N ARG B 307 23.46 -13.51 -38.50
CA ARG B 307 22.97 -12.15 -38.56
C ARG B 307 24.13 -11.14 -38.57
N THR B 308 23.85 -9.97 -39.11
CA THR B 308 24.83 -8.89 -39.16
C THR B 308 24.29 -7.64 -38.48
N VAL B 309 25.20 -6.80 -38.01
CA VAL B 309 24.91 -5.52 -37.39
C VAL B 309 25.78 -4.45 -38.04
N ALA B 310 25.17 -3.31 -38.35
CA ALA B 310 25.91 -2.16 -38.88
C ALA B 310 25.21 -0.89 -38.48
N VAL B 311 25.97 0.20 -38.49
CA VAL B 311 25.51 1.49 -38.04
C VAL B 311 25.87 2.50 -39.12
N THR B 312 24.91 3.33 -39.51
CA THR B 312 25.15 4.44 -40.44
C THR B 312 25.12 5.74 -39.65
N LYS B 313 25.02 6.88 -40.30
CA LYS B 313 24.95 8.15 -39.56
C LYS B 313 23.57 8.39 -38.95
N SER B 314 22.56 7.65 -39.42
CA SER B 314 21.19 7.79 -38.92
C SER B 314 20.43 6.49 -38.63
N GLN B 315 21.04 5.35 -38.91
CA GLN B 315 20.38 4.05 -38.80
C GLN B 315 21.19 2.98 -38.06
N PHE B 316 20.46 2.07 -37.42
CA PHE B 316 21.05 0.86 -36.80
C PHE B 316 20.50 -0.31 -37.58
N LEU B 317 21.38 -1.03 -38.26
CA LEU B 317 20.96 -2.03 -39.23
C LEU B 317 21.22 -3.44 -38.71
N ILE B 318 20.17 -4.25 -38.67
CA ILE B 318 20.31 -5.70 -38.42
C ILE B 318 19.91 -6.43 -39.70
N ASN B 319 20.84 -7.23 -40.19
CA ASN B 319 20.67 -7.93 -41.47
C ASN B 319 20.35 -6.96 -42.59
N GLY B 320 20.95 -5.77 -42.53
CA GLY B 320 20.74 -4.75 -43.56
C GLY B 320 19.45 -3.95 -43.48
N LYS B 321 18.62 -4.22 -42.47
CA LYS B 321 17.30 -3.61 -42.36
C LYS B 321 17.30 -2.70 -41.14
N PRO B 322 16.70 -1.50 -41.27
CA PRO B 322 16.59 -0.63 -40.10
C PRO B 322 15.93 -1.32 -38.90
N PHE B 323 16.58 -1.17 -37.75
CA PHE B 323 16.12 -1.72 -36.49
C PHE B 323 15.84 -0.57 -35.51
N TYR B 324 14.85 -0.76 -34.64
CA TYR B 324 14.57 0.23 -33.61
C TYR B 324 14.48 -0.49 -32.28
N PHE B 325 15.34 -0.10 -31.33
CA PHE B 325 15.30 -0.70 -29.99
C PHE B 325 14.06 -0.19 -29.30
N HIS B 326 13.19 -1.10 -28.88
CA HIS B 326 12.09 -0.71 -28.01
C HIS B 326 12.08 -1.68 -26.85
N GLY B 327 12.72 -1.27 -25.76
CA GLY B 327 13.15 -2.19 -24.75
C GLY B 327 13.23 -1.64 -23.36
N VAL B 328 14.05 -2.29 -22.54
CA VAL B 328 14.18 -1.91 -21.14
C VAL B 328 15.61 -1.97 -20.66
N ASN B 329 15.84 -1.38 -19.49
CA ASN B 329 17.03 -1.63 -18.69
C ASN B 329 16.59 -2.59 -17.60
N LYS B 330 17.49 -3.44 -17.12
CA LYS B 330 17.14 -4.43 -16.07
C LYS B 330 18.14 -4.35 -14.93
N HIS B 331 18.07 -5.31 -14.00
CA HIS B 331 19.11 -5.52 -13.00
C HIS B 331 19.01 -6.95 -12.59
N GLU B 332 20.10 -7.51 -12.09
CA GLU B 332 20.00 -8.79 -11.45
C GLU B 332 19.68 -8.48 -9.99
N ASP B 333 18.40 -8.66 -9.65
CA ASP B 333 17.89 -8.24 -8.36
C ASP B 333 16.50 -8.89 -8.12
N ALA B 334 16.33 -9.47 -6.95
CA ALA B 334 15.04 -9.98 -6.52
C ALA B 334 15.06 -10.08 -5.00
N ASP B 335 13.86 -10.25 -4.42
CA ASP B 335 13.70 -10.40 -2.97
C ASP B 335 14.55 -11.55 -2.43
N ILE B 336 15.12 -11.37 -1.25
CA ILE B 336 15.87 -12.40 -0.51
C ILE B 336 17.23 -12.83 -1.09
N ARG B 337 17.24 -13.23 -2.36
CA ARG B 337 18.48 -13.69 -3.01
C ARG B 337 19.41 -12.57 -3.54
N GLY B 338 18.97 -11.32 -3.48
CA GLY B 338 19.76 -10.22 -4.04
C GLY B 338 20.00 -10.41 -5.53
N LYS B 339 21.27 -10.53 -5.91
CA LYS B 339 21.64 -10.66 -7.33
C LYS B 339 21.80 -12.12 -7.73
N GLY B 340 21.37 -13.01 -6.84
CA GLY B 340 21.46 -14.47 -7.04
C GLY B 340 20.68 -14.99 -8.24
N PHE B 341 21.28 -15.91 -8.98
CA PHE B 341 20.62 -16.50 -10.13
C PHE B 341 19.45 -17.39 -9.71
N ASP B 342 18.39 -17.37 -10.51
CA ASP B 342 17.18 -18.13 -10.19
C ASP B 342 16.42 -18.44 -11.46
N TRP B 343 16.17 -19.72 -11.70
CA TRP B 343 15.49 -20.15 -12.93
C TRP B 343 14.06 -19.62 -13.05
N PRO B 344 13.24 -19.76 -12.00
CA PRO B 344 11.88 -19.23 -12.14
C PRO B 344 11.79 -17.75 -12.49
N LEU B 345 12.56 -16.93 -11.78
CA LEU B 345 12.59 -15.48 -12.08
C LEU B 345 13.14 -15.19 -13.50
N LEU B 346 14.11 -15.97 -13.95
CA LEU B 346 14.67 -15.82 -15.30
C LEU B 346 13.57 -16.00 -16.34
N VAL B 347 12.87 -17.12 -16.27
CA VAL B 347 11.81 -17.43 -17.24
C VAL B 347 10.67 -16.42 -17.13
N LYS B 348 10.27 -16.09 -15.91
CA LYS B 348 9.22 -15.11 -15.72
C LYS B 348 9.58 -13.78 -16.40
N ASP B 349 10.82 -13.33 -16.20
CA ASP B 349 11.25 -12.07 -16.78
C ASP B 349 11.17 -12.11 -18.29
N PHE B 350 11.55 -13.22 -18.91
CA PHE B 350 11.45 -13.30 -20.39
C PHE B 350 10.01 -13.36 -20.88
N ASN B 351 9.16 -14.06 -20.13
CA ASN B 351 7.75 -14.03 -20.44
C ASN B 351 7.20 -12.62 -20.37
N LEU B 352 7.65 -11.84 -19.39
CA LEU B 352 7.23 -10.44 -19.29
C LEU B 352 7.78 -9.56 -20.41
N LEU B 353 9.03 -9.78 -20.78
CA LEU B 353 9.62 -9.05 -21.90
C LEU B 353 8.83 -9.27 -23.18
N ARG B 354 8.52 -10.51 -23.48
CA ARG B 354 7.75 -10.83 -24.68
C ARG B 354 6.33 -10.27 -24.61
N TRP B 355 5.70 -10.40 -23.45
CA TRP B 355 4.37 -9.80 -23.19
C TRP B 355 4.37 -8.29 -23.40
N LEU B 356 5.39 -7.63 -22.88
CA LEU B 356 5.57 -6.17 -23.00
C LEU B 356 5.77 -5.69 -24.45
N GLY B 357 6.18 -6.59 -25.33
CA GLY B 357 6.56 -6.22 -26.68
C GLY B 357 7.98 -5.69 -26.73
N ALA B 358 8.76 -5.92 -25.67
CA ALA B 358 10.16 -5.50 -25.62
C ALA B 358 11.04 -6.35 -26.54
N ASN B 359 11.86 -5.69 -27.34
CA ASN B 359 12.77 -6.42 -28.23
C ASN B 359 14.23 -6.35 -27.86
N ALA B 360 14.54 -5.76 -26.71
CA ALA B 360 15.91 -5.44 -26.34
C ALA B 360 16.02 -5.12 -24.87
N PHE B 361 17.21 -5.36 -24.34
CA PHE B 361 17.61 -4.72 -23.09
C PHE B 361 19.09 -4.48 -23.03
N ARG B 362 19.45 -3.52 -22.18
CA ARG B 362 20.83 -3.24 -21.85
C ARG B 362 21.11 -3.94 -20.52
N THR B 363 22.29 -4.53 -20.37
CA THR B 363 22.69 -5.16 -19.10
C THR B 363 23.21 -4.10 -18.11
N SER B 364 22.33 -3.16 -17.77
CA SER B 364 22.64 -2.18 -16.76
C SER B 364 22.91 -2.92 -15.44
N HIS B 365 24.06 -2.70 -14.79
CA HIS B 365 25.25 -2.02 -15.31
C HIS B 365 26.47 -2.94 -15.09
N TYR B 366 26.40 -4.13 -15.68
CA TYR B 366 27.38 -5.19 -15.48
C TYR B 366 26.93 -6.37 -16.35
N PRO B 367 27.87 -7.25 -16.74
CA PRO B 367 27.43 -8.43 -17.48
C PRO B 367 26.54 -9.28 -16.61
N TYR B 368 25.47 -9.81 -17.19
CA TYR B 368 24.53 -10.68 -16.46
C TYR B 368 24.97 -12.13 -16.57
N ALA B 369 24.33 -13.03 -15.82
CA ALA B 369 24.63 -14.47 -15.89
C ALA B 369 24.61 -14.95 -17.34
N GLU B 370 25.50 -15.87 -17.68
CA GLU B 370 25.54 -16.43 -19.05
C GLU B 370 24.18 -16.99 -19.48
N GLU B 371 23.50 -17.62 -18.56
CA GLU B 371 22.17 -18.20 -18.84
C GLU B 371 21.19 -17.15 -19.39
N VAL B 372 21.33 -15.89 -18.95
CA VAL B 372 20.50 -14.79 -19.45
C VAL B 372 20.81 -14.48 -20.92
N MET B 373 22.10 -14.45 -21.26
CA MET B 373 22.49 -14.27 -22.66
C MET B 373 21.98 -15.44 -23.52
N GLN B 374 22.05 -16.65 -23.01
CA GLN B 374 21.56 -17.81 -23.77
C GLN B 374 20.05 -17.69 -24.04
N MET B 375 19.29 -17.18 -23.07
CA MET B 375 17.84 -16.98 -23.24
C MET B 375 17.60 -15.92 -24.31
N CYS B 376 18.39 -14.84 -24.29
CA CYS B 376 18.28 -13.79 -25.29
C CYS B 376 18.46 -14.35 -26.70
N ASP B 377 19.47 -15.21 -26.88
CA ASP B 377 19.70 -15.83 -28.20
C ASP B 377 18.46 -16.61 -28.69
N ARG B 378 17.81 -17.28 -27.76
CA ARG B 378 16.70 -18.18 -28.09
C ARG B 378 15.36 -17.46 -28.22
N TYR B 379 15.21 -16.35 -27.50
CA TYR B 379 13.98 -15.54 -27.51
C TYR B 379 14.02 -14.31 -28.45
N GLY B 380 15.19 -14.00 -29.02
CA GLY B 380 15.33 -12.88 -29.95
C GLY B 380 15.36 -11.50 -29.30
N ILE B 381 15.77 -11.45 -28.04
CA ILE B 381 15.84 -10.17 -27.33
C ILE B 381 17.28 -9.67 -27.45
N VAL B 382 17.49 -8.59 -28.20
CA VAL B 382 18.86 -8.13 -28.45
C VAL B 382 19.40 -7.44 -27.22
N VAL B 383 20.72 -7.43 -27.11
CA VAL B 383 21.39 -7.00 -25.90
C VAL B 383 22.45 -5.93 -26.18
N ILE B 384 22.40 -4.85 -25.39
CA ILE B 384 23.51 -3.92 -25.27
C ILE B 384 24.26 -4.43 -24.05
N ASP B 385 25.41 -5.09 -24.28
CA ASP B 385 26.16 -5.79 -23.25
C ASP B 385 27.16 -4.83 -22.60
N GLU B 386 26.96 -4.56 -21.31
CA GLU B 386 27.63 -3.47 -20.61
C GLU B 386 28.50 -3.99 -19.49
N CYS B 387 29.74 -3.51 -19.45
CA CYS B 387 30.64 -3.91 -18.39
C CYS B 387 30.31 -3.12 -17.11
N PRO B 388 30.92 -3.50 -15.97
CA PRO B 388 30.69 -2.77 -14.74
C PRO B 388 31.33 -1.37 -14.59
N GLY B 389 31.54 -0.64 -15.70
CA GLY B 389 32.12 0.69 -15.71
C GLY B 389 31.13 1.76 -15.33
N VAL B 390 30.55 1.59 -14.15
CA VAL B 390 29.53 2.47 -13.61
C VAL B 390 30.02 3.09 -12.32
N GLY B 391 29.63 4.33 -12.07
CA GLY B 391 30.08 5.05 -10.90
C GLY B 391 31.41 5.78 -11.05
N LEU B 392 31.85 6.03 -12.29
CA LEU B 392 33.13 6.77 -12.54
C LEU B 392 32.91 8.26 -12.41
N ALA B 393 32.64 8.70 -11.19
CA ALA B 393 32.15 10.05 -10.93
C ALA B 393 33.23 11.05 -10.51
N LEU B 394 34.35 10.53 -10.02
CA LEU B 394 35.43 11.35 -9.48
C LEU B 394 36.68 11.29 -10.32
N PRO B 395 37.41 12.41 -10.39
CA PRO B 395 38.66 12.44 -11.18
C PRO B 395 39.67 11.34 -10.82
N GLN B 396 39.73 10.96 -9.54
CA GLN B 396 40.66 9.94 -9.05
C GLN B 396 40.41 8.53 -9.59
N PHE B 397 39.23 8.32 -10.19
CA PHE B 397 38.88 7.02 -10.74
C PHE B 397 39.43 6.83 -12.14
N PHE B 398 39.88 7.92 -12.76
CA PHE B 398 40.47 7.87 -14.09
C PHE B 398 41.99 7.91 -13.91
N ASN B 399 42.54 6.77 -13.52
CA ASN B 399 43.97 6.59 -13.34
C ASN B 399 44.43 5.41 -14.19
N ASN B 400 45.74 5.20 -14.26
CA ASN B 400 46.27 4.17 -15.15
C ASN B 400 46.06 2.72 -14.70
N VAL B 401 46.02 2.50 -13.40
CA VAL B 401 45.72 1.17 -12.89
C VAL B 401 44.27 0.83 -13.28
N SER B 402 43.36 1.76 -13.02
CA SER B 402 41.94 1.62 -13.40
C SER B 402 41.74 1.42 -14.89
N LEU B 403 42.43 2.23 -15.70
CA LEU B 403 42.33 2.11 -17.16
C LEU B 403 42.72 0.73 -17.61
N HIS B 404 43.90 0.27 -17.17
CA HIS B 404 44.42 -1.04 -17.52
C HIS B 404 43.44 -2.16 -17.13
N HIS B 405 42.89 -2.06 -15.92
CA HIS B 405 41.93 -3.05 -15.43
C HIS B 405 40.64 -3.05 -16.26
N HIS B 406 40.16 -1.85 -16.57
CA HIS B 406 38.96 -1.69 -17.38
C HIS B 406 39.13 -2.39 -18.74
N MET B 407 40.32 -2.24 -19.32
CA MET B 407 40.62 -2.87 -20.61
C MET B 407 40.60 -4.38 -20.48
N GLN B 408 41.17 -4.91 -19.39
CA GLN B 408 41.13 -6.36 -19.14
C GLN B 408 39.69 -6.85 -18.94
N VAL B 409 38.89 -6.05 -18.25
CA VAL B 409 37.50 -6.41 -18.01
C VAL B 409 36.76 -6.49 -19.35
N MET B 410 37.02 -5.53 -20.24
CA MET B 410 36.44 -5.58 -21.59
C MET B 410 36.86 -6.83 -22.35
N GLU B 411 38.13 -7.21 -22.25
CA GLU B 411 38.60 -8.45 -22.89
C GLU B 411 37.84 -9.64 -22.36
N GLU B 412 37.61 -9.64 -21.04
CA GLU B 412 36.83 -10.67 -20.39
C GLU B 412 35.40 -10.70 -20.89
N VAL B 413 34.77 -9.53 -20.98
CA VAL B 413 33.36 -9.45 -21.40
C VAL B 413 33.20 -9.94 -22.83
N VAL B 414 34.11 -9.53 -23.71
CA VAL B 414 34.08 -9.94 -25.11
C VAL B 414 34.39 -11.45 -25.23
N ARG B 415 35.36 -11.93 -24.48
CA ARG B 415 35.66 -13.35 -24.49
C ARG B 415 34.43 -14.17 -24.17
N ARG B 416 33.72 -13.75 -23.13
CA ARG B 416 32.58 -14.53 -22.66
C ARG B 416 31.41 -14.49 -23.64
N ASP B 417 31.17 -13.33 -24.25
CA ASP B 417 29.88 -13.07 -24.90
C ASP B 417 29.94 -12.89 -26.42
N LYS B 418 31.16 -12.94 -26.96
CA LYS B 418 31.42 -12.74 -28.41
C LYS B 418 30.59 -13.58 -29.38
N ASN B 419 30.14 -14.75 -28.95
CA ASN B 419 29.44 -15.67 -29.86
C ASN B 419 27.91 -15.59 -29.77
N HIS B 420 27.39 -14.69 -28.94
CA HIS B 420 25.95 -14.53 -28.77
C HIS B 420 25.36 -13.66 -29.87
N PRO B 421 24.55 -14.23 -30.78
CA PRO B 421 23.93 -13.38 -31.81
C PRO B 421 23.11 -12.23 -31.22
N ALA B 422 22.47 -12.45 -30.07
CA ALA B 422 21.63 -11.44 -29.43
C ALA B 422 22.39 -10.17 -29.07
N VAL B 423 23.65 -10.31 -28.69
CA VAL B 423 24.49 -9.17 -28.34
C VAL B 423 24.75 -8.41 -29.63
N VAL B 424 24.26 -7.18 -29.69
CA VAL B 424 24.44 -6.34 -30.87
C VAL B 424 25.30 -5.10 -30.64
N MET B 425 25.64 -4.79 -29.39
CA MET B 425 26.48 -3.63 -29.10
C MET B 425 27.12 -3.80 -27.74
N TRP B 426 28.35 -3.30 -27.61
CA TRP B 426 29.10 -3.29 -26.35
C TRP B 426 29.01 -1.90 -25.73
N SER B 427 28.84 -1.83 -24.41
CA SER B 427 28.86 -0.55 -23.70
C SER B 427 29.93 -0.61 -22.64
N VAL B 428 30.88 0.33 -22.71
CA VAL B 428 32.06 0.30 -21.85
C VAL B 428 31.88 1.09 -20.55
N ALA B 429 30.81 1.85 -20.43
CA ALA B 429 30.53 2.61 -19.22
C ALA B 429 29.11 3.14 -19.11
N ASN B 430 28.74 3.51 -17.89
CA ASN B 430 27.48 4.23 -17.62
C ASN B 430 27.70 5.50 -16.80
N GLU B 431 27.35 6.64 -17.40
CA GLU B 431 27.44 7.95 -16.74
C GLU B 431 28.81 8.20 -16.11
N PRO B 432 29.88 8.00 -16.91
CA PRO B 432 31.19 8.41 -16.39
C PRO B 432 31.26 9.92 -16.37
N ALA B 433 32.23 10.47 -15.66
CA ALA B 433 32.43 11.91 -15.63
C ALA B 433 33.16 12.35 -16.90
N SER B 434 32.52 12.17 -18.05
CA SER B 434 33.22 12.28 -19.33
C SER B 434 33.44 13.73 -19.78
N HIS B 435 32.97 14.69 -18.98
CA HIS B 435 33.34 16.11 -19.14
C HIS B 435 34.81 16.39 -18.79
N LEU B 436 35.43 15.46 -18.05
CA LEU B 436 36.83 15.56 -17.68
C LEU B 436 37.73 15.13 -18.84
N GLU B 437 38.79 15.90 -19.10
CA GLU B 437 39.72 15.58 -20.17
C GLU B 437 40.29 14.18 -19.99
N SER B 438 40.64 13.85 -18.74
CA SER B 438 41.23 12.55 -18.40
C SER B 438 40.26 11.41 -18.68
N ALA B 439 38.98 11.64 -18.43
CA ALA B 439 37.94 10.67 -18.77
C ALA B 439 37.84 10.54 -20.29
N GLY B 440 38.03 11.66 -21.00
CA GLY B 440 38.05 11.65 -22.46
C GLY B 440 39.02 10.63 -23.02
N TYR B 441 40.28 10.72 -22.58
CA TYR B 441 41.34 9.81 -23.02
C TYR B 441 41.08 8.39 -22.56
N TYR B 442 40.73 8.24 -21.30
CA TYR B 442 40.42 6.94 -20.72
C TYR B 442 39.35 6.23 -21.54
N LEU B 443 38.28 6.94 -21.88
CA LEU B 443 37.17 6.36 -22.62
C LEU B 443 37.57 6.05 -24.05
N LYS B 444 38.34 6.95 -24.64
CA LYS B 444 38.87 6.75 -25.99
C LYS B 444 39.60 5.42 -26.07
N MET B 445 40.45 5.12 -25.08
CA MET B 445 41.30 3.94 -25.12
C MET B 445 40.49 2.68 -24.89
N VAL B 446 39.54 2.72 -23.97
CA VAL B 446 38.73 1.56 -23.69
C VAL B 446 37.81 1.23 -24.89
N ILE B 447 37.26 2.27 -25.52
CA ILE B 447 36.40 2.08 -26.70
C ILE B 447 37.23 1.48 -27.84
N ALA B 448 38.42 2.04 -28.07
CA ALA B 448 39.31 1.54 -29.13
C ALA B 448 39.75 0.09 -28.85
N HIS B 449 40.10 -0.23 -27.60
CA HIS B 449 40.46 -1.60 -27.23
C HIS B 449 39.32 -2.56 -27.57
N THR B 450 38.12 -2.16 -27.17
CA THR B 450 36.95 -2.97 -27.38
C THR B 450 36.74 -3.21 -28.88
N LYS B 451 36.81 -2.14 -29.66
CA LYS B 451 36.62 -2.28 -31.10
C LYS B 451 37.63 -3.24 -31.72
N SER B 452 38.86 -3.19 -31.22
CA SER B 452 39.93 -4.05 -31.73
CA SER B 452 39.93 -4.05 -31.73
C SER B 452 39.65 -5.52 -31.41
N LEU B 453 39.04 -5.76 -30.25
CA LEU B 453 38.69 -7.11 -29.81
C LEU B 453 37.57 -7.74 -30.66
N ASP B 454 36.64 -6.91 -31.11
CA ASP B 454 35.48 -7.38 -31.86
C ASP B 454 35.05 -6.33 -32.87
N PRO B 455 35.66 -6.36 -34.07
CA PRO B 455 35.22 -5.51 -35.15
C PRO B 455 33.79 -5.74 -35.66
N SER B 456 33.14 -6.85 -35.25
CA SER B 456 31.82 -7.19 -35.77
C SER B 456 30.65 -6.40 -35.14
N ARG B 457 30.88 -5.72 -34.03
CA ARG B 457 29.80 -5.01 -33.32
C ARG B 457 30.18 -3.56 -32.98
N PRO B 458 29.19 -2.65 -32.98
CA PRO B 458 29.45 -1.27 -32.55
C PRO B 458 29.73 -1.17 -31.06
N VAL B 459 30.37 -0.08 -30.67
CA VAL B 459 30.71 0.16 -29.28
C VAL B 459 30.19 1.54 -28.89
N THR B 460 29.74 1.63 -27.65
CA THR B 460 29.20 2.85 -27.11
C THR B 460 29.58 2.96 -25.64
N PHE B 461 29.21 4.06 -25.04
CA PHE B 461 29.03 4.15 -23.60
C PHE B 461 27.82 5.04 -23.38
N VAL B 462 27.20 4.90 -22.22
CA VAL B 462 25.94 5.57 -21.93
C VAL B 462 26.23 6.85 -21.13
N SER B 463 25.72 7.98 -21.61
CA SER B 463 26.14 9.30 -21.11
C SER B 463 25.00 10.12 -20.49
N ASN B 464 25.30 10.80 -19.39
CA ASN B 464 24.42 11.88 -18.89
C ASN B 464 25.08 13.26 -18.96
N SER B 465 26.14 13.37 -19.75
CA SER B 465 26.88 14.63 -19.88
C SER B 465 26.15 15.67 -20.73
N ASN B 466 26.62 16.92 -20.64
CA ASN B 466 26.19 17.97 -21.55
C ASN B 466 26.82 17.73 -22.92
N TYR B 467 26.03 17.88 -23.97
CA TYR B 467 26.48 17.55 -25.33
C TYR B 467 27.78 18.27 -25.73
N ALA B 468 27.91 19.51 -25.27
CA ALA B 468 29.07 20.35 -25.62
C ALA B 468 30.33 20.00 -24.84
N ALA B 469 30.17 19.31 -23.71
CA ALA B 469 31.26 19.00 -22.78
C ALA B 469 31.71 17.54 -22.81
N ASP B 470 30.91 16.66 -23.40
CA ASP B 470 31.21 15.22 -23.40
C ASP B 470 32.44 14.91 -24.25
N LYS B 471 33.54 14.57 -23.61
CA LYS B 471 34.81 14.30 -24.30
C LYS B 471 34.95 12.85 -24.80
N GLY B 472 34.02 11.98 -24.42
CA GLY B 472 33.99 10.59 -24.88
C GLY B 472 33.16 10.38 -26.14
N ALA B 473 32.18 11.26 -26.34
CA ALA B 473 31.22 11.16 -27.43
C ALA B 473 31.82 11.07 -28.85
N PRO B 474 32.91 11.79 -29.12
CA PRO B 474 33.51 11.63 -30.46
C PRO B 474 33.85 10.18 -30.90
N TYR B 475 34.09 9.28 -29.95
CA TYR B 475 34.63 7.95 -30.25
C TYR B 475 33.58 6.83 -30.27
N VAL B 476 32.33 7.15 -29.93
CA VAL B 476 31.31 6.09 -29.89
C VAL B 476 30.69 5.92 -31.28
N ASP B 477 30.16 4.72 -31.53
CA ASP B 477 29.49 4.40 -32.81
C ASP B 477 28.01 4.80 -32.78
N VAL B 478 27.42 4.73 -31.60
CA VAL B 478 26.06 5.15 -31.35
C VAL B 478 26.09 5.94 -30.06
N ILE B 479 25.34 7.03 -30.02
CA ILE B 479 25.24 7.90 -28.86
C ILE B 479 24.07 7.45 -27.99
N CYS B 480 24.35 7.14 -26.73
CA CYS B 480 23.31 6.71 -25.78
C CYS B 480 23.17 7.76 -24.68
N LEU B 481 21.97 8.33 -24.58
CA LEU B 481 21.68 9.44 -23.67
C LEU B 481 20.69 9.07 -22.57
N ASN B 482 21.02 9.45 -21.34
CA ASN B 482 20.12 9.33 -20.19
C ASN B 482 19.57 10.70 -19.83
N SER B 483 18.25 10.81 -19.73
CA SER B 483 17.64 12.04 -19.22
C SER B 483 16.31 11.78 -18.53
N TYR B 484 16.01 12.62 -17.54
CA TYR B 484 14.82 12.46 -16.71
C TYR B 484 14.19 13.85 -16.51
N TYR B 485 13.75 14.49 -17.58
CA TYR B 485 13.20 15.83 -17.48
C TYR B 485 11.91 15.77 -16.64
N SER B 486 11.74 16.79 -15.80
CA SER B 486 10.65 16.86 -14.80
C SER B 486 10.88 15.98 -13.58
N TRP B 487 11.83 15.05 -13.64
CA TRP B 487 12.12 14.18 -12.51
C TRP B 487 13.35 14.64 -11.71
N TYR B 488 14.53 14.59 -12.33
CA TYR B 488 15.77 15.01 -11.66
C TYR B 488 15.96 16.52 -11.67
N HIS B 489 15.12 17.23 -12.42
CA HIS B 489 15.10 18.70 -12.45
C HIS B 489 13.72 19.20 -12.84
N ASP B 490 13.42 20.46 -12.51
CA ASP B 490 12.12 21.07 -12.77
C ASP B 490 11.02 20.15 -12.26
N TYR B 491 11.09 19.85 -10.97
CA TYR B 491 10.28 18.78 -10.36
C TYR B 491 8.79 18.96 -10.65
N GLY B 492 8.19 17.97 -11.27
CA GLY B 492 6.75 17.94 -11.51
C GLY B 492 6.32 18.59 -12.81
N HIS B 493 7.25 19.26 -13.50
CA HIS B 493 6.93 20.05 -14.69
C HIS B 493 6.87 19.19 -15.97
N LEU B 494 5.83 18.34 -16.04
CA LEU B 494 5.59 17.46 -17.18
C LEU B 494 5.53 18.23 -18.50
N GLU B 495 5.15 19.50 -18.41
CA GLU B 495 4.91 20.32 -19.60
C GLU B 495 6.20 20.73 -20.31
N LEU B 496 7.34 20.56 -19.65
CA LEU B 496 8.65 20.93 -20.22
C LEU B 496 9.31 19.79 -21.00
N ILE B 497 8.80 18.56 -20.86
CA ILE B 497 9.49 17.38 -21.36
C ILE B 497 9.71 17.45 -22.86
N GLN B 498 8.66 17.76 -23.62
CA GLN B 498 8.78 17.76 -25.08
C GLN B 498 9.79 18.78 -25.59
N LEU B 499 9.76 19.98 -25.03
CA LEU B 499 10.69 21.04 -25.41
C LEU B 499 12.11 20.60 -25.12
N GLN B 500 12.35 20.15 -23.88
CA GLN B 500 13.69 19.79 -23.47
C GLN B 500 14.26 18.59 -24.22
N LEU B 501 13.40 17.63 -24.54
CA LEU B 501 13.82 16.45 -25.30
C LEU B 501 14.19 16.87 -26.72
N ALA B 502 13.41 17.77 -27.31
CA ALA B 502 13.63 18.24 -28.68
C ALA B 502 14.98 18.92 -28.80
N THR B 503 15.27 19.78 -27.83
CA THR B 503 16.53 20.47 -27.74
C THR B 503 17.69 19.50 -27.54
N GLN B 504 17.49 18.49 -26.69
CA GLN B 504 18.47 17.42 -26.48
C GLN B 504 18.86 16.76 -27.79
N PHE B 505 17.88 16.25 -28.52
CA PHE B 505 18.15 15.51 -29.76
C PHE B 505 18.78 16.40 -30.82
N GLU B 506 18.27 17.63 -30.95
CA GLU B 506 18.79 18.57 -31.95
C GLU B 506 20.25 18.91 -31.64
N ASN B 507 20.56 19.19 -30.38
CA ASN B 507 21.90 19.58 -29.97
C ASN B 507 22.92 18.47 -30.20
N TRP B 508 22.61 17.28 -29.70
CA TRP B 508 23.49 16.13 -29.85
C TRP B 508 23.66 15.74 -31.31
N TYR B 509 22.58 15.70 -32.09
CA TYR B 509 22.73 15.22 -33.46
C TYR B 509 23.48 16.22 -34.33
N LYS B 510 23.27 17.51 -34.11
CA LYS B 510 24.02 18.51 -34.88
C LYS B 510 25.51 18.37 -34.62
N LYS B 511 25.89 18.14 -33.37
CA LYS B 511 27.30 18.09 -33.01
C LYS B 511 28.00 16.82 -33.48
N TYR B 512 27.35 15.67 -33.29
CA TYR B 512 28.02 14.38 -33.53
C TYR B 512 27.59 13.61 -34.77
N GLN B 513 26.35 13.78 -35.21
CA GLN B 513 25.86 13.13 -36.44
C GLN B 513 25.99 11.59 -36.41
N LYS B 514 25.69 11.00 -35.25
CA LYS B 514 25.61 9.54 -35.09
C LYS B 514 24.20 9.18 -34.63
N PRO B 515 23.75 7.94 -34.87
CA PRO B 515 22.43 7.57 -34.34
C PRO B 515 22.39 7.68 -32.82
N ILE B 516 21.20 7.94 -32.29
CA ILE B 516 20.99 8.16 -30.85
C ILE B 516 19.99 7.16 -30.28
N ILE B 517 20.31 6.64 -29.10
CA ILE B 517 19.36 5.87 -28.30
C ILE B 517 19.08 6.65 -27.01
N GLN B 518 17.80 6.82 -26.69
CA GLN B 518 17.41 7.30 -25.37
C GLN B 518 17.48 6.08 -24.46
N SER B 519 18.61 5.96 -23.76
CA SER B 519 18.96 4.74 -23.02
C SER B 519 18.38 4.68 -21.60
N GLU B 520 17.97 5.82 -21.06
CA GLU B 520 17.21 5.88 -19.80
C GLU B 520 16.26 7.06 -19.78
N TYR B 521 15.10 6.83 -19.18
CA TYR B 521 14.15 7.87 -18.79
C TYR B 521 13.15 7.13 -17.88
N GLY B 522 12.43 7.88 -17.05
CA GLY B 522 11.53 7.25 -16.07
C GLY B 522 11.15 8.11 -14.87
N ALA B 523 10.39 7.51 -13.96
CA ALA B 523 9.90 8.18 -12.76
C ALA B 523 9.78 7.21 -11.58
N GLU B 524 10.21 7.62 -10.38
CA GLU B 524 10.01 6.78 -9.21
C GLU B 524 8.52 6.71 -8.99
N THR B 525 8.04 5.50 -8.71
CA THR B 525 6.61 5.24 -8.67
C THR B 525 6.28 4.20 -7.60
N ILE B 526 5.56 4.62 -6.56
CA ILE B 526 5.15 3.72 -5.49
C ILE B 526 3.81 3.10 -5.89
N ALA B 527 3.81 1.79 -6.15
CA ALA B 527 2.57 1.11 -6.53
C ALA B 527 1.45 1.46 -5.56
N GLY B 528 0.32 1.87 -6.12
CA GLY B 528 -0.87 2.23 -5.34
C GLY B 528 -1.03 3.71 -4.97
N PHE B 529 0.01 4.50 -5.21
CA PHE B 529 -0.08 5.96 -5.02
C PHE B 529 -0.75 6.54 -6.24
N HIS B 530 -1.88 7.20 -6.03
CA HIS B 530 -2.68 7.77 -7.11
C HIS B 530 -3.00 9.25 -6.87
N GLN B 531 -2.96 10.05 -7.94
CA GLN B 531 -3.47 11.42 -7.85
C GLN B 531 -3.80 11.96 -9.21
N ASP B 532 -4.83 12.79 -9.24
CA ASP B 532 -5.15 13.65 -10.37
C ASP B 532 -5.46 15.04 -9.84
N PRO B 533 -4.84 16.07 -10.44
CA PRO B 533 -3.79 15.98 -11.45
C PRO B 533 -2.56 15.25 -10.89
N PRO B 534 -1.74 14.67 -11.78
CA PRO B 534 -0.66 13.82 -11.27
C PRO B 534 0.45 14.56 -10.50
N LEU B 535 0.98 13.87 -9.48
CA LEU B 535 2.14 14.35 -8.75
C LEU B 535 3.22 13.26 -8.74
N MET B 536 4.48 13.68 -8.62
CA MET B 536 5.62 12.76 -8.50
C MET B 536 5.33 11.63 -7.51
N PHE B 537 5.76 10.42 -7.86
CA PHE B 537 5.63 9.17 -7.08
C PHE B 537 4.31 8.44 -7.31
N THR B 538 3.33 9.09 -7.95
CA THR B 538 2.08 8.41 -8.29
C THR B 538 2.17 7.61 -9.60
N GLU B 539 1.27 6.64 -9.75
CA GLU B 539 1.25 5.85 -10.98
C GLU B 539 0.90 6.74 -12.17
N GLU B 540 0.11 7.77 -11.91
CA GLU B 540 -0.38 8.62 -12.98
C GLU B 540 0.77 9.49 -13.49
N TYR B 541 1.66 9.90 -12.60
CA TYR B 541 2.84 10.68 -12.99
C TYR B 541 3.80 9.86 -13.89
N GLN B 542 3.97 8.58 -13.56
CA GLN B 542 4.81 7.70 -14.37
C GLN B 542 4.23 7.59 -15.78
N LYS B 543 2.94 7.35 -15.85
CA LYS B 543 2.24 7.32 -17.14
C LYS B 543 2.42 8.62 -17.94
N SER B 544 2.21 9.76 -17.27
CA SER B 544 2.27 11.07 -17.92
CA SER B 544 2.27 11.07 -17.92
C SER B 544 3.67 11.38 -18.43
N LEU B 545 4.67 11.13 -17.58
CA LEU B 545 6.06 11.35 -17.96
C LEU B 545 6.44 10.50 -19.16
N LEU B 546 6.05 9.24 -19.11
CA LEU B 546 6.24 8.32 -20.24
C LEU B 546 5.58 8.85 -21.51
N GLU B 547 4.32 9.24 -21.40
CA GLU B 547 3.59 9.79 -22.58
C GLU B 547 4.36 10.93 -23.23
N GLN B 548 4.82 11.87 -22.41
CA GLN B 548 5.51 13.05 -22.93
C GLN B 548 6.84 12.67 -23.56
N TYR B 549 7.59 11.74 -22.93
CA TYR B 549 8.81 11.19 -23.53
C TYR B 549 8.52 10.55 -24.89
N HIS B 550 7.45 9.75 -24.94
CA HIS B 550 7.05 9.05 -26.16
C HIS B 550 6.70 10.02 -27.28
N LEU B 551 6.02 11.11 -26.95
CA LEU B 551 5.67 12.13 -27.96
C LEU B 551 6.92 12.77 -28.56
N GLY B 552 7.94 12.97 -27.73
CA GLY B 552 9.23 13.51 -28.16
C GLY B 552 9.98 12.50 -29.00
N LEU B 553 10.06 11.26 -28.52
CA LEU B 553 10.74 10.23 -29.29
C LEU B 553 10.09 10.07 -30.66
N ASP B 554 8.75 10.17 -30.71
CA ASP B 554 8.02 10.06 -31.98
C ASP B 554 8.53 11.04 -33.04
N GLN B 555 9.02 12.20 -32.63
CA GLN B 555 9.43 13.25 -33.57
C GLN B 555 10.76 12.95 -34.26
N LYS B 556 11.57 12.07 -33.67
CA LYS B 556 12.91 11.76 -34.21
C LYS B 556 13.16 10.28 -34.53
N ARG B 557 12.23 9.39 -34.17
CA ARG B 557 12.46 7.95 -34.32
C ARG B 557 12.32 7.42 -35.77
N ARG B 558 11.87 8.26 -36.69
CA ARG B 558 11.96 7.91 -38.13
C ARG B 558 13.06 8.74 -38.82
N LYS B 559 13.89 9.39 -38.00
CA LYS B 559 15.01 10.16 -38.51
C LYS B 559 16.29 9.50 -38.05
N TYR B 560 16.79 9.89 -36.87
CA TYR B 560 18.09 9.42 -36.36
C TYR B 560 18.07 8.89 -34.93
N VAL B 561 16.92 8.87 -34.26
CA VAL B 561 16.82 8.20 -32.97
C VAL B 561 16.47 6.74 -33.29
N VAL B 562 17.34 5.83 -32.89
CA VAL B 562 17.23 4.41 -33.25
C VAL B 562 16.83 3.51 -32.08
N GLY B 563 16.54 4.10 -30.92
CA GLY B 563 16.07 3.27 -29.82
C GLY B 563 15.62 4.01 -28.58
N GLU B 564 14.86 3.30 -27.77
CA GLU B 564 14.42 3.79 -26.48
C GLU B 564 14.41 2.65 -25.47
N LEU B 565 14.97 2.90 -24.29
CA LEU B 565 14.99 1.92 -23.21
C LEU B 565 14.47 2.57 -21.94
N ILE B 566 13.36 2.07 -21.41
CA ILE B 566 12.83 2.64 -20.19
C ILE B 566 13.71 2.23 -19.01
N TRP B 567 13.92 3.15 -18.08
CA TRP B 567 14.43 2.83 -16.75
C TRP B 567 13.25 2.73 -15.80
N ASN B 568 12.92 1.56 -15.26
CA ASN B 568 13.64 0.27 -15.38
C ASN B 568 12.55 -0.80 -15.51
N PHE B 569 12.93 -2.00 -15.91
CA PHE B 569 12.04 -3.14 -15.99
C PHE B 569 11.32 -3.36 -14.63
N ALA B 570 12.09 -3.34 -13.54
CA ALA B 570 11.51 -3.61 -12.21
C ALA B 570 12.22 -2.85 -11.09
N ASP B 571 11.43 -2.56 -10.05
CA ASP B 571 11.95 -2.03 -8.79
C ASP B 571 13.08 -2.92 -8.27
N PHE B 572 14.15 -2.27 -7.80
CA PHE B 572 15.34 -2.96 -7.30
C PHE B 572 15.97 -2.25 -6.10
N MET B 573 16.84 -2.95 -5.39
CA MET B 573 17.41 -2.44 -4.14
C MET B 573 18.62 -1.52 -4.36
N THR B 574 18.72 -0.49 -3.51
CA THR B 574 19.83 0.43 -3.54
C THR B 574 20.26 0.65 -2.09
N GLU B 575 21.35 1.38 -1.91
CA GLU B 575 21.71 1.92 -0.61
C GLU B 575 20.61 2.85 -0.08
N GLN B 576 20.61 3.01 1.23
CA GLN B 576 19.68 3.90 1.87
C GLN B 576 20.07 5.33 1.61
N SER B 577 19.07 6.15 1.29
CA SER B 577 19.25 7.60 1.15
C SER B 577 17.86 8.21 1.13
N PRO B 578 17.73 9.52 1.45
CA PRO B 578 16.40 10.15 1.43
C PRO B 578 15.67 10.19 0.07
N THR B 579 16.32 9.86 -1.03
CA THR B 579 15.67 9.85 -2.37
C THR B 579 15.32 8.43 -2.84
N ARG B 580 15.61 7.44 -1.99
CA ARG B 580 15.37 6.06 -2.34
C ARG B 580 14.49 5.39 -1.30
N VAL B 581 13.24 5.13 -1.70
CA VAL B 581 12.25 4.55 -0.81
C VAL B 581 12.38 3.04 -0.89
N LEU B 582 13.16 2.45 0.00
CA LEU B 582 13.48 1.02 -0.07
C LEU B 582 13.99 0.63 -1.46
N GLY B 583 14.97 1.37 -1.96
CA GLY B 583 15.51 1.11 -3.29
C GLY B 583 14.96 2.03 -4.35
N ASN B 584 15.17 1.65 -5.60
CA ASN B 584 14.81 2.46 -6.76
C ASN B 584 13.46 1.93 -7.20
N LYS B 585 12.48 2.83 -7.28
CA LYS B 585 11.11 2.47 -7.60
C LYS B 585 10.69 2.93 -8.98
N LYS B 586 11.66 3.11 -9.89
CA LYS B 586 11.30 3.47 -11.29
C LYS B 586 10.81 2.28 -12.13
N GLY B 587 10.67 1.09 -11.54
CA GLY B 587 10.22 -0.06 -12.31
C GLY B 587 8.86 0.12 -12.95
N ILE B 588 8.69 -0.40 -14.16
CA ILE B 588 7.34 -0.56 -14.69
C ILE B 588 6.68 -1.81 -14.10
N PHE B 589 7.49 -2.76 -13.63
CA PHE B 589 7.05 -3.89 -12.82
C PHE B 589 7.51 -3.74 -11.36
N THR B 590 6.75 -4.28 -10.44
CA THR B 590 7.23 -4.36 -9.05
C THR B 590 8.41 -5.34 -8.96
N ARG B 591 9.14 -5.33 -7.85
CA ARG B 591 10.22 -6.30 -7.63
C ARG B 591 9.71 -7.76 -7.67
N GLN B 592 8.41 -7.95 -7.42
CA GLN B 592 7.77 -9.26 -7.42
C GLN B 592 7.16 -9.58 -8.80
N ARG B 593 7.52 -8.78 -9.80
CA ARG B 593 7.24 -9.06 -11.22
C ARG B 593 5.76 -8.97 -11.59
N GLN B 594 5.09 -7.97 -11.05
CA GLN B 594 3.72 -7.64 -11.47
C GLN B 594 3.67 -6.21 -11.98
N PRO B 595 2.83 -5.95 -12.98
CA PRO B 595 2.88 -4.66 -13.65
C PRO B 595 2.21 -3.53 -12.88
N LYS B 596 2.88 -2.39 -12.82
CA LYS B 596 2.25 -1.14 -12.46
C LYS B 596 1.43 -0.70 -13.65
N SER B 597 0.59 0.31 -13.45
CA SER B 597 -0.29 0.74 -14.55
C SER B 597 0.46 1.19 -15.79
N ALA B 598 1.60 1.85 -15.60
CA ALA B 598 2.42 2.33 -16.72
C ALA B 598 2.94 1.20 -17.62
N ALA B 599 3.10 0.00 -17.07
CA ALA B 599 3.55 -1.14 -17.88
C ALA B 599 2.64 -1.36 -19.07
N PHE B 600 1.32 -1.20 -18.85
CA PHE B 600 0.34 -1.43 -19.90
C PHE B 600 0.45 -0.36 -20.98
N LEU B 601 0.73 0.86 -20.55
CA LEU B 601 0.90 1.98 -21.47
CA LEU B 601 0.90 1.98 -21.47
CA LEU B 601 0.91 1.99 -21.46
C LEU B 601 2.07 1.73 -22.40
N LEU B 602 3.23 1.36 -21.82
CA LEU B 602 4.43 1.05 -22.59
C LEU B 602 4.20 -0.15 -23.51
N ARG B 603 3.51 -1.16 -23.01
CA ARG B 603 3.19 -2.34 -23.79
C ARG B 603 2.39 -1.97 -25.05
N GLU B 604 1.38 -1.12 -24.89
CA GLU B 604 0.62 -0.62 -26.05
C GLU B 604 1.55 0.03 -27.10
N ARG B 605 2.42 0.91 -26.62
CA ARG B 605 3.37 1.61 -27.49
C ARG B 605 4.27 0.64 -28.26
N TYR B 606 4.85 -0.32 -27.54
CA TYR B 606 5.82 -1.23 -28.13
C TYR B 606 5.21 -2.12 -29.22
N TRP B 607 4.00 -2.60 -28.99
CA TRP B 607 3.34 -3.42 -30.01
C TRP B 607 2.97 -2.56 -31.22
N LYS B 608 2.52 -1.33 -30.97
CA LYS B 608 2.21 -0.39 -32.05
C LYS B 608 3.45 -0.14 -32.95
N ILE B 609 4.58 0.15 -32.32
CA ILE B 609 5.84 0.38 -33.07
C ILE B 609 6.24 -0.87 -33.83
N ALA B 610 6.16 -2.04 -33.19
CA ALA B 610 6.55 -3.29 -33.84
C ALA B 610 5.70 -3.53 -35.10
N ASN B 611 4.43 -3.10 -35.05
CA ASN B 611 3.47 -3.35 -36.13
C ASN B 611 3.60 -2.38 -37.29
N GLU B 612 4.36 -1.30 -37.11
CA GLU B 612 4.65 -0.37 -38.20
C GLU B 612 5.52 -1.01 -39.27
N THR B 613 6.65 -1.60 -38.82
CA THR B 613 7.65 -2.19 -39.69
C THR B 613 8.19 -1.19 -40.72
N LEU C 3 0.47 48.68 15.06
CA LEU C 3 -0.70 49.13 14.24
C LEU C 3 -1.94 49.31 15.14
N GLN C 4 -3.15 49.18 14.58
CA GLN C 4 -4.35 49.77 15.21
C GLN C 4 -5.35 48.77 15.81
N GLY C 5 -5.77 49.05 17.06
CA GLY C 5 -6.96 48.44 17.64
C GLY C 5 -6.85 46.98 18.06
N GLY C 6 -7.92 46.46 18.63
CA GLY C 6 -7.96 45.07 19.08
C GLY C 6 -8.45 44.09 18.02
N MET C 7 -8.47 42.82 18.40
CA MET C 7 -8.85 41.74 17.49
C MET C 7 -9.37 40.58 18.33
N LEU C 8 -10.47 40.84 19.03
CA LEU C 8 -11.12 39.84 19.88
C LEU C 8 -11.90 38.84 19.02
N TYR C 9 -11.83 37.57 19.38
CA TYR C 9 -12.49 36.54 18.60
C TYR C 9 -13.99 36.77 18.70
N PRO C 10 -14.69 36.84 17.55
CA PRO C 10 -16.09 37.19 17.64
C PRO C 10 -16.94 36.15 18.36
N GLN C 11 -17.95 36.63 19.10
CA GLN C 11 -18.87 35.76 19.81
C GLN C 11 -20.23 36.44 19.83
N GLU C 12 -21.28 35.64 20.00
CA GLU C 12 -22.62 36.17 20.24
C GLU C 12 -22.70 36.60 21.70
N SER C 13 -23.47 37.65 21.95
CA SER C 13 -23.74 38.10 23.32
C SER C 13 -25.04 38.90 23.26
N PRO C 14 -25.58 39.30 24.42
CA PRO C 14 -26.75 40.17 24.39
C PRO C 14 -26.64 41.39 23.46
N SER C 15 -25.41 41.85 23.18
CA SER C 15 -25.17 43.03 22.35
C SER C 15 -24.54 42.75 20.98
N ARG C 16 -24.28 41.48 20.69
CA ARG C 16 -23.56 41.13 19.47
C ARG C 16 -24.15 39.91 18.80
N GLU C 17 -24.31 40.00 17.48
CA GLU C 17 -24.72 38.88 16.64
C GLU C 17 -23.56 38.46 15.73
N CYS C 18 -23.61 37.23 15.22
CA CYS C 18 -22.64 36.75 14.24
C CYS C 18 -23.35 36.06 13.09
N LYS C 19 -22.95 36.37 11.86
CA LYS C 19 -23.44 35.68 10.67
C LYS C 19 -22.28 35.08 9.90
N GLU C 20 -22.17 33.75 9.94
CA GLU C 20 -21.14 33.00 9.22
C GLU C 20 -21.38 33.05 7.71
N LEU C 21 -20.32 33.25 6.94
CA LEU C 21 -20.41 33.21 5.48
C LEU C 21 -19.71 31.97 4.91
N ASP C 22 -19.83 30.85 5.62
CA ASP C 22 -19.29 29.57 5.15
C ASP C 22 -20.08 29.06 3.97
N GLY C 23 -19.47 28.19 3.18
CA GLY C 23 -20.14 27.57 2.04
C GLY C 23 -19.55 27.98 0.72
N LEU C 24 -20.41 28.06 -0.30
CA LEU C 24 -19.96 28.29 -1.67
C LEU C 24 -19.72 29.78 -1.96
N TRP C 25 -18.56 30.08 -2.52
CA TRP C 25 -18.28 31.40 -3.06
C TRP C 25 -17.98 31.24 -4.54
N SER C 26 -18.15 32.31 -5.31
CA SER C 26 -17.74 32.31 -6.72
C SER C 26 -16.25 32.59 -6.78
N PHE C 27 -15.57 31.99 -7.77
CA PHE C 27 -14.13 31.97 -7.80
C PHE C 27 -13.57 32.01 -9.23
N ARG C 28 -12.51 32.78 -9.40
CA ARG C 28 -11.74 32.79 -10.62
C ARG C 28 -10.27 33.10 -10.35
N ALA C 29 -9.37 32.26 -10.86
CA ALA C 29 -7.95 32.59 -10.88
C ALA C 29 -7.69 33.48 -12.09
N ASP C 30 -6.88 34.51 -11.93
CA ASP C 30 -6.51 35.36 -13.05
C ASP C 30 -5.23 34.84 -13.70
N PHE C 31 -5.40 34.09 -14.80
CA PHE C 31 -4.28 33.50 -15.53
C PHE C 31 -3.65 34.43 -16.58
N SER C 32 -3.99 35.72 -16.58
CA SER C 32 -3.36 36.68 -17.51
C SER C 32 -1.85 36.71 -17.33
N ASP C 33 -1.13 36.89 -18.43
CA ASP C 33 0.32 36.85 -18.39
C ASP C 33 0.90 37.78 -17.34
N ASN C 34 0.41 39.02 -17.27
CA ASN C 34 0.91 39.95 -16.26
C ASN C 34 0.18 39.84 -14.92
N ARG C 35 -0.73 38.87 -14.81
CA ARG C 35 -1.43 38.59 -13.57
C ARG C 35 -2.33 39.74 -13.05
N ARG C 36 -2.57 40.75 -13.88
CA ARG C 36 -3.28 41.96 -13.46
C ARG C 36 -4.55 42.27 -14.25
N ARG C 37 -4.98 41.39 -15.15
CA ARG C 37 -6.17 41.65 -15.98
C ARG C 37 -7.41 42.00 -15.14
N GLY C 38 -7.57 41.34 -13.99
CA GLY C 38 -8.69 41.65 -13.08
C GLY C 38 -8.74 43.08 -12.59
N PHE C 39 -7.55 43.68 -12.41
CA PHE C 39 -7.45 45.09 -12.01
C PHE C 39 -7.57 46.00 -13.22
N GLU C 40 -7.09 45.54 -14.38
CA GLU C 40 -7.22 46.33 -15.61
C GLU C 40 -8.67 46.45 -16.06
N GLU C 41 -9.40 45.35 -16.02
CA GLU C 41 -10.82 45.32 -16.35
C GLU C 41 -11.71 45.68 -15.14
N GLN C 42 -11.11 45.84 -13.96
CA GLN C 42 -11.86 46.17 -12.76
C GLN C 42 -13.03 45.21 -12.51
N TRP C 43 -12.72 43.92 -12.39
CA TRP C 43 -13.74 42.90 -12.19
C TRP C 43 -14.66 43.21 -11.01
N TYR C 44 -14.09 43.82 -9.98
CA TYR C 44 -14.82 44.16 -8.76
C TYR C 44 -16.00 45.13 -8.92
N ARG C 45 -16.09 45.84 -10.05
CA ARG C 45 -17.18 46.82 -10.24
C ARG C 45 -18.54 46.14 -10.42
N ARG C 46 -18.51 44.87 -10.82
CA ARG C 46 -19.71 44.11 -11.15
C ARG C 46 -19.60 42.69 -10.60
N PRO C 47 -20.74 41.98 -10.51
CA PRO C 47 -20.68 40.58 -10.13
C PRO C 47 -19.63 39.82 -10.94
N LEU C 48 -18.90 38.92 -10.29
CA LEU C 48 -17.70 38.30 -10.88
C LEU C 48 -18.01 37.55 -12.17
N TRP C 49 -19.18 36.91 -12.24
CA TRP C 49 -19.53 36.10 -13.41
C TRP C 49 -19.64 36.93 -14.69
N GLU C 50 -19.91 38.23 -14.56
CA GLU C 50 -20.04 39.09 -15.74
C GLU C 50 -18.76 39.27 -16.53
N SER C 51 -17.62 39.05 -15.88
CA SER C 51 -16.32 39.25 -16.53
C SER C 51 -15.66 37.95 -17.03
N GLY C 52 -16.29 36.80 -16.83
CA GLY C 52 -15.78 35.55 -17.40
C GLY C 52 -16.24 34.33 -16.64
N PRO C 53 -15.82 33.12 -17.07
CA PRO C 53 -16.15 31.89 -16.37
C PRO C 53 -15.75 31.95 -14.89
N THR C 54 -16.64 31.51 -14.02
CA THR C 54 -16.34 31.36 -12.60
C THR C 54 -16.67 29.94 -12.20
N VAL C 55 -16.13 29.52 -11.07
CA VAL C 55 -16.48 28.21 -10.51
C VAL C 55 -16.83 28.37 -9.04
N ASP C 56 -17.42 27.34 -8.47
CA ASP C 56 -17.70 27.30 -7.04
C ASP C 56 -16.39 27.02 -6.33
N MET C 57 -16.18 27.68 -5.20
CA MET C 57 -15.06 27.35 -4.32
C MET C 57 -15.62 27.35 -2.89
N PRO C 58 -15.37 26.27 -2.12
CA PRO C 58 -15.84 26.20 -0.76
C PRO C 58 -15.00 27.10 0.14
N VAL C 59 -15.63 27.66 1.17
CA VAL C 59 -14.97 28.45 2.19
C VAL C 59 -15.50 28.01 3.55
N PRO C 60 -14.59 27.72 4.51
CA PRO C 60 -13.14 27.73 4.43
C PRO C 60 -12.55 26.51 3.70
N SER C 61 -11.51 26.76 2.92
CA SER C 61 -10.77 25.72 2.21
C SER C 61 -9.57 26.36 1.52
N SER C 62 -8.53 25.57 1.27
CA SER C 62 -7.54 25.95 0.25
C SER C 62 -8.18 25.66 -1.10
N PHE C 63 -7.78 26.38 -2.14
CA PHE C 63 -8.31 26.14 -3.49
C PHE C 63 -7.55 25.06 -4.27
N ASN C 64 -6.38 24.67 -3.77
CA ASN C 64 -5.37 24.04 -4.62
C ASN C 64 -5.70 22.62 -5.02
N ASP C 65 -6.40 21.89 -4.16
CA ASP C 65 -6.76 20.50 -4.42
C ASP C 65 -8.25 20.28 -4.71
N ILE C 66 -9.00 21.34 -4.91
CA ILE C 66 -10.45 21.22 -5.02
C ILE C 66 -10.86 20.87 -6.45
N SER C 67 -10.05 21.27 -7.43
CA SER C 67 -10.42 21.04 -8.84
C SER C 67 -9.50 20.03 -9.52
N GLN C 68 -9.81 19.71 -10.77
CA GLN C 68 -8.93 18.89 -11.59
C GLN C 68 -8.26 19.74 -12.67
N ASP C 69 -8.29 21.06 -12.52
CA ASP C 69 -7.58 21.95 -13.46
C ASP C 69 -6.09 21.88 -13.14
N TRP C 70 -5.31 21.41 -14.11
CA TRP C 70 -3.87 21.21 -13.90
C TRP C 70 -3.10 22.51 -13.55
N ARG C 71 -3.63 23.66 -13.95
CA ARG C 71 -2.93 24.95 -13.77
C ARG C 71 -3.15 25.60 -12.41
N LEU C 72 -4.19 25.18 -11.68
CA LEU C 72 -4.61 25.87 -10.46
C LEU C 72 -3.78 25.52 -9.23
N ARG C 73 -3.38 24.26 -9.09
CA ARG C 73 -2.71 23.84 -7.85
C ARG C 73 -1.43 24.62 -7.62
N HIS C 74 -0.69 24.84 -8.69
CA HIS C 74 0.59 25.52 -8.62
C HIS C 74 0.53 26.97 -9.13
N PHE C 75 -0.69 27.50 -9.26
CA PHE C 75 -0.90 28.90 -9.67
C PHE C 75 -0.21 29.89 -8.74
N VAL C 76 0.42 30.91 -9.34
CA VAL C 76 1.03 32.00 -8.56
C VAL C 76 0.44 33.26 -9.13
N GLY C 77 -0.24 34.05 -8.29
CA GLY C 77 -0.92 35.24 -8.76
C GLY C 77 -2.05 35.69 -7.87
N TRP C 78 -3.05 36.34 -8.47
CA TRP C 78 -4.28 36.72 -7.78
C TRP C 78 -5.41 35.74 -8.08
N VAL C 79 -6.09 35.27 -7.02
CA VAL C 79 -7.36 34.59 -7.16
C VAL C 79 -8.47 35.50 -6.65
N TRP C 80 -9.64 35.38 -7.24
CA TRP C 80 -10.76 36.28 -6.96
C TRP C 80 -11.93 35.47 -6.42
N TYR C 81 -12.41 35.86 -5.24
CA TYR C 81 -13.55 35.20 -4.60
C TYR C 81 -14.71 36.20 -4.52
N GLU C 82 -15.95 35.70 -4.56
CA GLU C 82 -17.09 36.57 -4.36
C GLU C 82 -18.31 35.88 -3.76
N ARG C 83 -19.02 36.60 -2.90
CA ARG C 83 -20.20 36.10 -2.21
C ARG C 83 -21.21 37.23 -2.15
N GLU C 84 -22.49 36.90 -2.33
CA GLU C 84 -23.55 37.87 -2.10
C GLU C 84 -24.31 37.47 -0.86
N VAL C 85 -24.65 38.46 -0.03
CA VAL C 85 -25.32 38.22 1.24
C VAL C 85 -26.56 39.08 1.33
N ILE C 86 -27.64 38.51 1.86
CA ILE C 86 -28.80 39.28 2.27
C ILE C 86 -28.73 39.51 3.77
N LEU C 87 -28.60 40.77 4.16
CA LEU C 87 -28.45 41.15 5.58
C LEU C 87 -29.81 41.27 6.26
N PRO C 88 -29.86 41.00 7.57
CA PRO C 88 -31.06 41.34 8.33
C PRO C 88 -31.39 42.84 8.19
N GLU C 89 -32.66 43.17 7.98
CA GLU C 89 -33.03 44.58 7.76
C GLU C 89 -32.69 45.47 8.95
N ARG C 90 -32.75 44.90 10.15
CA ARG C 90 -32.38 45.58 11.38
C ARG C 90 -30.94 46.12 11.32
N TRP C 91 -30.05 45.37 10.68
CA TRP C 91 -28.65 45.78 10.52
C TRP C 91 -28.53 47.04 9.66
N THR C 92 -29.32 47.09 8.59
CA THR C 92 -29.20 48.12 7.56
C THR C 92 -30.04 49.37 7.81
N GLN C 93 -31.09 49.25 8.64
CA GLN C 93 -32.00 50.36 8.91
C GLN C 93 -31.76 51.01 10.28
N ASP C 94 -31.42 50.21 11.29
CA ASP C 94 -31.15 50.70 12.65
C ASP C 94 -29.69 51.16 12.81
N LEU C 95 -29.47 52.47 12.82
CA LEU C 95 -28.11 53.03 12.81
C LEU C 95 -27.33 52.93 14.13
N ARG C 96 -27.91 52.31 15.15
CA ARG C 96 -27.18 51.95 16.36
C ARG C 96 -26.37 50.66 16.15
N THR C 97 -26.57 49.99 15.01
CA THR C 97 -25.86 48.77 14.68
C THR C 97 -24.55 49.10 14.00
N ARG C 98 -23.45 48.58 14.55
CA ARG C 98 -22.15 48.59 13.87
C ARG C 98 -21.96 47.22 13.23
N VAL C 99 -21.68 47.20 11.92
CA VAL C 99 -21.55 45.95 11.17
C VAL C 99 -20.08 45.76 10.75
N VAL C 100 -19.52 44.59 11.08
CA VAL C 100 -18.11 44.30 10.84
C VAL C 100 -17.95 43.07 9.96
N LEU C 101 -17.05 43.15 8.98
CA LEU C 101 -16.70 42.00 8.14
C LEU C 101 -15.34 41.51 8.60
N ARG C 102 -15.29 40.27 9.06
CA ARG C 102 -14.10 39.64 9.59
C ARG C 102 -13.68 38.53 8.65
N ILE C 103 -12.43 38.59 8.20
CA ILE C 103 -11.80 37.54 7.40
C ILE C 103 -10.75 36.85 8.27
N GLY C 104 -10.94 35.55 8.49
CA GLY C 104 -10.10 34.79 9.40
C GLY C 104 -8.63 34.78 9.01
N SER C 105 -8.38 34.71 7.69
CA SER C 105 -7.03 34.75 7.12
C SER C 105 -7.11 34.84 5.62
N ALA C 106 -5.99 35.20 4.99
CA ALA C 106 -5.91 35.21 3.54
C ALA C 106 -4.54 34.67 3.11
N HIS C 107 -3.68 35.52 2.56
CA HIS C 107 -2.36 35.09 2.14
C HIS C 107 -1.43 36.32 2.05
N SER C 108 -0.45 36.32 1.15
CA SER C 108 0.56 37.37 1.11
C SER C 108 -0.09 38.75 1.02
N TYR C 109 -1.05 38.91 0.11
CA TYR C 109 -1.86 40.13 0.07
C TYR C 109 -3.33 39.79 -0.16
N ALA C 110 -4.22 40.60 0.41
CA ALA C 110 -5.65 40.53 0.12
C ALA C 110 -6.27 41.92 0.06
N ILE C 111 -7.14 42.13 -0.92
CA ILE C 111 -7.94 43.35 -1.02
C ILE C 111 -9.39 42.92 -1.01
N VAL C 112 -10.22 43.65 -0.27
CA VAL C 112 -11.65 43.39 -0.17
C VAL C 112 -12.43 44.59 -0.70
N TRP C 113 -13.38 44.31 -1.60
CA TRP C 113 -14.33 45.32 -2.05
C TRP C 113 -15.72 44.96 -1.52
N VAL C 114 -16.47 45.97 -1.10
CA VAL C 114 -17.85 45.80 -0.64
C VAL C 114 -18.72 46.59 -1.58
N ASN C 115 -19.64 45.90 -2.27
CA ASN C 115 -20.42 46.50 -3.35
C ASN C 115 -19.53 47.33 -4.31
N GLY C 116 -18.39 46.77 -4.71
CA GLY C 116 -17.49 47.41 -5.66
C GLY C 116 -16.57 48.48 -5.10
N VAL C 117 -16.72 48.81 -3.83
CA VAL C 117 -15.92 49.84 -3.17
C VAL C 117 -14.82 49.20 -2.36
N ASP C 118 -13.57 49.60 -2.62
N ASP C 118 -13.56 49.54 -2.67
CA ASP C 118 -12.39 49.07 -1.94
CA ASP C 118 -12.43 48.97 -1.91
C ASP C 118 -12.36 49.50 -0.46
C ASP C 118 -12.56 49.46 -0.47
N THR C 119 -12.48 48.53 0.47
CA THR C 119 -12.76 48.80 1.89
C THR C 119 -11.77 48.24 2.92
N LEU C 120 -10.95 47.28 2.52
CA LEU C 120 -10.09 46.56 3.45
C LEU C 120 -8.94 45.88 2.71
N GLU C 121 -7.72 46.02 3.25
CA GLU C 121 -6.55 45.33 2.72
C GLU C 121 -5.77 44.73 3.88
N HIS C 122 -5.00 43.68 3.59
CA HIS C 122 -4.13 43.05 4.60
C HIS C 122 -2.95 42.36 3.94
N GLU C 123 -1.77 42.53 4.57
CA GLU C 123 -0.57 41.84 4.16
C GLU C 123 -0.29 40.70 5.14
N GLY C 124 -0.03 39.51 4.59
CA GLY C 124 0.43 38.37 5.39
C GLY C 124 -0.68 37.37 5.64
N GLY C 125 -0.32 36.10 5.62
CA GLY C 125 -1.28 35.01 5.82
C GLY C 125 -1.41 34.63 7.28
N TYR C 126 -2.34 33.70 7.54
CA TYR C 126 -2.51 33.06 8.85
C TYR C 126 -3.00 33.95 9.98
N LEU C 127 -3.41 35.18 9.64
CA LEU C 127 -3.85 36.18 10.62
C LEU C 127 -5.11 36.94 10.19
N PRO C 128 -6.00 37.20 11.16
CA PRO C 128 -7.29 37.82 10.86
C PRO C 128 -7.23 39.31 10.56
N PHE C 129 -8.21 39.78 9.79
CA PHE C 129 -8.38 41.20 9.56
C PHE C 129 -9.85 41.54 9.34
N GLU C 130 -10.20 42.78 9.65
CA GLU C 130 -11.59 43.19 9.61
C GLU C 130 -11.77 44.66 9.24
N ALA C 131 -13.02 45.01 8.96
CA ALA C 131 -13.40 46.37 8.59
C ALA C 131 -14.83 46.62 9.05
N ASP C 132 -15.04 47.79 9.65
CA ASP C 132 -16.38 48.30 9.92
C ASP C 132 -17.01 48.74 8.61
N ILE C 133 -18.04 48.02 8.16
CA ILE C 133 -18.74 48.33 6.89
C ILE C 133 -20.14 48.94 7.09
N SER C 134 -20.38 49.53 8.27
CA SER C 134 -21.67 50.14 8.59
C SER C 134 -22.09 51.18 7.55
N ASN C 135 -21.14 52.04 7.16
CA ASN C 135 -21.39 53.07 6.15
C ASN C 135 -21.88 52.53 4.80
N LEU C 136 -21.28 51.43 4.35
CA LEU C 136 -21.62 50.85 3.05
C LEU C 136 -22.90 50.01 3.10
N VAL C 137 -23.26 49.55 4.30
CA VAL C 137 -24.43 48.71 4.52
C VAL C 137 -25.68 49.55 4.80
N GLN C 138 -25.49 50.73 5.40
CA GLN C 138 -26.61 51.55 5.87
C GLN C 138 -26.83 52.81 5.02
N VAL C 139 -26.38 52.79 3.77
CA VAL C 139 -26.65 53.88 2.83
C VAL C 139 -26.21 53.50 1.41
N SER C 144 -31.04 44.47 -3.24
CA SER C 144 -30.66 44.81 -1.87
C SER C 144 -29.71 43.76 -1.29
N ARG C 145 -28.58 43.57 -1.96
CA ARG C 145 -27.59 42.57 -1.53
C ARG C 145 -26.25 43.23 -1.20
N LEU C 146 -25.58 42.70 -0.18
CA LEU C 146 -24.17 43.01 0.06
C LEU C 146 -23.35 42.07 -0.81
N ARG C 147 -22.52 42.63 -1.68
CA ARG C 147 -21.61 41.85 -2.52
C ARG C 147 -20.19 42.00 -2.00
N ILE C 148 -19.59 40.90 -1.55
CA ILE C 148 -18.23 40.90 -1.02
C ILE C 148 -17.28 40.27 -2.02
N THR C 149 -16.28 41.04 -2.46
CA THR C 149 -15.29 40.56 -3.41
C THR C 149 -13.93 40.61 -2.75
N ILE C 150 -13.19 39.51 -2.82
CA ILE C 150 -11.88 39.39 -2.19
C ILE C 150 -10.85 38.88 -3.21
N ALA C 151 -9.83 39.68 -3.50
CA ALA C 151 -8.72 39.25 -4.35
C ALA C 151 -7.56 38.89 -3.42
N ILE C 152 -6.94 37.72 -3.62
CA ILE C 152 -5.90 37.21 -2.75
C ILE C 152 -4.68 36.89 -3.59
N ASN C 153 -3.52 37.46 -3.21
CA ASN C 153 -2.26 37.19 -3.88
C ASN C 153 -1.46 36.21 -3.02
N ASN C 154 -0.93 35.15 -3.66
CA ASN C 154 -0.19 34.11 -2.96
C ASN C 154 1.32 34.12 -3.23
N THR C 155 1.83 35.21 -3.80
CA THR C 155 3.23 35.26 -4.18
C THR C 155 4.08 35.54 -2.94
N LEU C 156 5.10 34.72 -2.73
CA LEU C 156 6.03 34.90 -1.64
C LEU C 156 7.26 35.59 -2.24
N THR C 157 7.83 36.50 -1.46
CA THR C 157 8.93 37.37 -1.90
C THR C 157 9.97 37.52 -0.79
N PRO C 158 11.13 38.15 -1.08
CA PRO C 158 12.12 38.42 -0.03
C PRO C 158 11.67 39.21 1.21
N THR C 159 10.47 39.80 1.20
CA THR C 159 9.96 40.48 2.40
C THR C 159 8.60 39.96 2.89
N THR C 160 8.14 38.83 2.38
CA THR C 160 6.97 38.18 2.98
C THR C 160 7.46 37.21 4.03
N LEU C 161 6.52 36.80 4.90
CA LEU C 161 6.76 35.78 5.90
C LEU C 161 5.67 34.71 5.76
N PRO C 162 6.04 33.51 5.26
CA PRO C 162 7.39 33.11 4.91
C PRO C 162 7.87 33.82 3.65
N PRO C 163 9.20 34.00 3.52
CA PRO C 163 9.75 34.53 2.29
C PRO C 163 9.79 33.51 1.16
N GLY C 164 10.00 34.03 -0.05
CA GLY C 164 10.32 33.20 -1.20
C GLY C 164 10.94 34.07 -2.28
N THR C 165 11.29 33.45 -3.41
CA THR C 165 11.72 34.23 -4.55
C THR C 165 10.97 33.76 -5.79
N ILE C 166 10.89 34.66 -6.77
CA ILE C 166 10.30 34.38 -8.07
C ILE C 166 11.42 34.41 -9.09
N GLN C 167 11.58 33.34 -9.88
CA GLN C 167 12.62 33.30 -10.90
C GLN C 167 11.98 33.10 -12.27
N TYR C 168 12.16 34.09 -13.15
CA TYR C 168 11.83 33.91 -14.56
C TYR C 168 12.97 33.19 -15.24
N LEU C 169 12.66 32.17 -16.05
CA LEU C 169 13.68 31.42 -16.77
C LEU C 169 13.49 31.66 -18.26
N THR C 170 14.46 32.34 -18.87
CA THR C 170 14.32 32.86 -20.24
C THR C 170 15.16 32.14 -21.29
N ASP C 171 15.65 30.94 -20.96
CA ASP C 171 16.23 30.06 -21.96
C ASP C 171 15.06 29.40 -22.67
N THR C 172 14.79 29.86 -23.88
CA THR C 172 13.63 29.40 -24.63
C THR C 172 13.83 28.00 -25.25
N SER C 173 15.03 27.43 -25.13
CA SER C 173 15.29 26.06 -25.57
C SER C 173 14.93 25.05 -24.48
N LYS C 174 14.78 25.51 -23.24
CA LYS C 174 14.42 24.62 -22.14
C LYS C 174 13.10 24.98 -21.46
N TYR C 175 12.64 26.23 -21.64
CA TYR C 175 11.40 26.70 -21.00
C TYR C 175 10.56 27.55 -21.94
N PRO C 176 9.21 27.45 -21.86
CA PRO C 176 8.31 28.22 -22.73
C PRO C 176 8.32 29.71 -22.39
N LYS C 177 7.90 30.53 -23.35
CA LYS C 177 7.87 31.96 -23.17
C LYS C 177 7.06 32.30 -21.92
N GLY C 178 7.68 33.03 -21.00
CA GLY C 178 7.00 33.52 -19.81
C GLY C 178 7.12 32.63 -18.58
N TYR C 179 7.85 31.54 -18.71
CA TYR C 179 8.02 30.61 -17.59
C TYR C 179 8.63 31.32 -16.38
N PHE C 180 8.04 31.10 -15.21
CA PHE C 180 8.66 31.44 -13.94
C PHE C 180 8.27 30.43 -12.88
N VAL C 181 9.04 30.37 -11.81
CA VAL C 181 8.67 29.54 -10.67
C VAL C 181 8.85 30.28 -9.36
N GLN C 182 8.12 29.77 -8.38
CA GLN C 182 8.20 30.24 -7.01
C GLN C 182 9.17 29.32 -6.31
N ASN C 183 10.28 29.88 -5.83
CA ASN C 183 11.21 29.16 -4.95
C ASN C 183 10.89 29.42 -3.50
N THR C 184 10.90 28.37 -2.68
CA THR C 184 10.69 28.50 -1.25
C THR C 184 11.71 27.64 -0.53
N TYR C 185 11.89 27.95 0.76
CA TYR C 185 12.89 27.26 1.59
C TYR C 185 12.25 26.72 2.88
N PHE C 186 10.97 26.36 2.78
CA PHE C 186 10.24 25.76 3.89
C PHE C 186 9.54 24.49 3.42
N ASP C 187 9.39 23.54 4.33
CA ASP C 187 9.00 22.19 3.97
C ASP C 187 7.52 21.97 4.21
N PHE C 188 6.70 22.81 3.60
CA PHE C 188 5.27 22.58 3.53
C PHE C 188 4.70 23.32 2.33
N PHE C 189 3.59 22.81 1.81
CA PHE C 189 3.04 23.31 0.56
C PHE C 189 2.36 24.64 0.79
N ASN C 190 2.66 25.60 -0.09
CA ASN C 190 2.12 26.95 -0.01
C ASN C 190 0.67 27.04 -0.52
N TYR C 191 -0.20 26.28 0.14
CA TYR C 191 -1.64 26.32 -0.11
C TYR C 191 -2.14 27.77 0.02
N ALA C 192 -3.21 28.07 -0.70
CA ALA C 192 -3.88 29.36 -0.61
C ALA C 192 -5.40 29.28 -0.73
N GLY C 193 -6.04 30.39 -0.36
CA GLY C 193 -7.48 30.54 -0.46
C GLY C 193 -7.99 31.26 0.78
N LEU C 194 -9.30 31.20 0.98
CA LEU C 194 -9.90 31.64 2.22
C LEU C 194 -10.02 30.39 3.06
N GLN C 195 -8.97 30.12 3.82
CA GLN C 195 -8.77 28.87 4.55
C GLN C 195 -9.37 28.87 5.95
N ARG C 196 -9.89 30.02 6.37
CA ARG C 196 -10.52 30.18 7.66
C ARG C 196 -11.83 30.91 7.52
N SER C 197 -12.65 30.78 8.55
CA SER C 197 -14.00 31.28 8.53
C SER C 197 -14.05 32.78 8.24
N VAL C 198 -15.01 33.15 7.39
CA VAL C 198 -15.35 34.53 7.09
C VAL C 198 -16.73 34.79 7.68
N LEU C 199 -16.88 35.88 8.42
CA LEU C 199 -18.17 36.22 8.99
C LEU C 199 -18.42 37.72 9.08
N LEU C 200 -19.69 38.04 9.27
CA LEU C 200 -20.15 39.38 9.60
C LEU C 200 -20.52 39.32 11.07
N TYR C 201 -20.23 40.37 11.80
CA TYR C 201 -20.73 40.46 13.15
C TYR C 201 -21.10 41.88 13.49
N THR C 202 -21.86 42.04 14.57
CA THR C 202 -22.31 43.35 14.97
C THR C 202 -21.91 43.65 16.39
N THR C 203 -21.73 44.93 16.65
CA THR C 203 -21.61 45.47 18.01
C THR C 203 -22.40 46.77 18.06
N PRO C 204 -22.55 47.36 19.26
CA PRO C 204 -23.02 48.75 19.30
C PRO C 204 -21.94 49.68 18.72
N THR C 205 -22.30 50.94 18.42
CA THR C 205 -21.34 51.88 17.84
C THR C 205 -20.27 52.35 18.84
N THR C 206 -20.52 52.16 20.13
CA THR C 206 -19.49 52.24 21.17
C THR C 206 -19.36 50.85 21.76
N TYR C 207 -18.16 50.28 21.75
CA TYR C 207 -17.98 48.84 21.96
C TYR C 207 -16.66 48.47 22.63
N ILE C 208 -16.62 47.27 23.20
CA ILE C 208 -15.39 46.73 23.77
C ILE C 208 -14.48 46.34 22.60
N ASP C 209 -13.38 47.06 22.42
CA ASP C 209 -12.46 46.83 21.27
C ASP C 209 -11.30 45.89 21.57
N ASP C 210 -10.83 45.87 22.81
CA ASP C 210 -9.66 45.08 23.17
C ASP C 210 -9.70 44.75 24.65
N ILE C 211 -9.20 43.56 24.99
CA ILE C 211 -9.04 43.15 26.38
C ILE C 211 -7.68 42.51 26.52
N THR C 212 -6.97 42.83 27.60
CA THR C 212 -5.70 42.19 27.89
C THR C 212 -5.72 41.72 29.34
N VAL C 213 -5.46 40.43 29.53
CA VAL C 213 -5.44 39.81 30.85
C VAL C 213 -4.08 39.16 31.07
N THR C 214 -3.51 39.35 32.26
CA THR C 214 -2.39 38.52 32.72
C THR C 214 -2.72 37.99 34.11
N THR C 215 -2.21 36.80 34.46
CA THR C 215 -2.55 36.15 35.71
C THR C 215 -1.31 35.79 36.53
N SER C 216 -1.41 35.96 37.84
CA SER C 216 -0.35 35.57 38.77
C SER C 216 -0.96 34.97 40.03
N VAL C 217 -0.10 34.50 40.93
CA VAL C 217 -0.55 33.85 42.15
C VAL C 217 0.14 34.49 43.36
N GLU C 218 -0.64 34.70 44.42
CA GLU C 218 -0.13 35.18 45.71
C GLU C 218 -0.54 34.14 46.74
N GLN C 219 0.45 33.46 47.31
CA GLN C 219 0.17 32.32 48.17
C GLN C 219 -0.86 31.45 47.44
N ASP C 220 -2.07 31.33 47.99
CA ASP C 220 -3.11 30.51 47.38
C ASP C 220 -4.21 31.37 46.74
N SER C 221 -3.89 32.64 46.50
CA SER C 221 -4.80 33.56 45.84
C SER C 221 -4.47 33.69 44.37
N GLY C 222 -5.51 33.84 43.55
CA GLY C 222 -5.33 34.11 42.13
C GLY C 222 -5.48 35.61 41.89
N LEU C 223 -4.61 36.16 41.05
CA LEU C 223 -4.64 37.57 40.67
C LEU C 223 -4.85 37.70 39.17
N VAL C 224 -5.94 38.34 38.77
CA VAL C 224 -6.30 38.55 37.37
C VAL C 224 -6.23 40.04 37.04
N ASN C 225 -5.15 40.45 36.39
CA ASN C 225 -5.01 41.84 35.92
C ASN C 225 -5.73 42.03 34.59
N TYR C 226 -6.59 43.03 34.49
CA TYR C 226 -7.28 43.31 33.22
C TYR C 226 -7.07 44.73 32.75
N GLN C 227 -7.09 44.89 31.43
CA GLN C 227 -7.01 46.20 30.79
CA GLN C 227 -7.05 46.21 30.80
C GLN C 227 -8.00 46.18 29.61
N ILE C 228 -8.90 47.14 29.57
CA ILE C 228 -9.98 47.16 28.59
C ILE C 228 -9.94 48.44 27.77
N SER C 229 -10.17 48.31 26.47
CA SER C 229 -10.14 49.43 25.55
C SER C 229 -11.50 49.56 24.90
N VAL C 230 -12.03 50.78 24.90
CA VAL C 230 -13.34 51.09 24.35
C VAL C 230 -13.19 52.08 23.21
N LYS C 231 -13.92 51.83 22.12
CA LYS C 231 -13.95 52.71 20.96
C LYS C 231 -15.35 53.27 20.80
N GLY C 232 -15.45 54.45 20.18
CA GLY C 232 -16.71 55.18 20.07
C GLY C 232 -16.76 56.33 21.05
N SER C 233 -17.81 56.37 21.88
CA SER C 233 -17.98 57.42 22.88
C SER C 233 -16.97 57.28 24.02
N ASN C 234 -16.42 58.42 24.50
CA ASN C 234 -15.59 58.41 25.71
C ASN C 234 -16.36 58.73 27.00
N LEU C 235 -17.70 58.61 26.94
CA LEU C 235 -18.54 58.68 28.13
C LEU C 235 -19.17 57.33 28.39
N PHE C 236 -18.58 56.57 29.32
CA PHE C 236 -19.04 55.20 29.61
C PHE C 236 -18.60 54.71 30.98
N LYS C 237 -19.15 53.58 31.41
CA LYS C 237 -18.68 52.86 32.58
C LYS C 237 -18.47 51.37 32.24
N LEU C 238 -17.52 50.75 32.92
CA LEU C 238 -17.24 49.32 32.76
C LEU C 238 -17.45 48.60 34.08
N GLU C 239 -18.18 47.49 34.01
CA GLU C 239 -18.28 46.55 35.13
C GLU C 239 -17.66 45.25 34.65
N VAL C 240 -16.81 44.67 35.49
CA VAL C 240 -16.17 43.39 35.15
C VAL C 240 -16.40 42.36 36.26
N ARG C 241 -16.85 41.16 35.86
CA ARG C 241 -17.01 40.03 36.77
C ARG C 241 -16.17 38.82 36.34
N LEU C 242 -15.67 38.09 37.32
CA LEU C 242 -14.98 36.83 37.05
C LEU C 242 -15.86 35.71 37.59
N LEU C 243 -16.28 34.82 36.69
CA LEU C 243 -17.16 33.71 37.01
C LEU C 243 -16.34 32.42 37.08
N ASP C 244 -16.67 31.56 38.04
CA ASP C 244 -16.02 30.24 38.15
C ASP C 244 -16.59 29.27 37.11
N ALA C 245 -16.15 28.02 37.14
CA ALA C 245 -16.55 27.02 36.14
C ALA C 245 -18.06 26.82 36.05
N GLU C 246 -18.77 26.93 37.18
CA GLU C 246 -20.23 26.86 37.20
C GLU C 246 -20.87 28.25 37.14
N ASN C 247 -20.12 29.25 36.67
CA ASN C 247 -20.61 30.61 36.43
C ASN C 247 -21.09 31.37 37.68
N LYS C 248 -20.46 31.09 38.81
CA LYS C 248 -20.67 31.85 40.04
C LYS C 248 -19.65 32.98 40.06
N VAL C 249 -20.11 34.16 40.46
CA VAL C 249 -19.23 35.33 40.58
C VAL C 249 -18.30 35.14 41.78
N VAL C 250 -17.01 35.12 41.52
CA VAL C 250 -16.01 34.98 42.58
C VAL C 250 -15.22 36.27 42.83
N ALA C 251 -15.43 37.27 41.97
CA ALA C 251 -14.68 38.52 42.05
C ALA C 251 -15.26 39.50 41.04
N ASN C 252 -15.11 40.80 41.32
CA ASN C 252 -15.58 41.83 40.40
C ASN C 252 -14.88 43.17 40.58
N GLY C 253 -14.94 43.99 39.54
CA GLY C 253 -14.31 45.30 39.53
C GLY C 253 -14.96 46.24 38.51
N THR C 254 -14.28 47.35 38.22
CA THR C 254 -14.79 48.38 37.31
C THR C 254 -13.65 49.10 36.60
N GLY C 255 -14.00 49.99 35.68
CA GLY C 255 -13.02 50.83 35.00
C GLY C 255 -12.29 50.13 33.88
N THR C 256 -11.47 50.87 33.16
CA THR C 256 -10.72 50.35 32.02
C THR C 256 -9.57 49.43 32.44
N GLN C 257 -9.22 49.44 33.73
CA GLN C 257 -8.18 48.53 34.20
C GLN C 257 -8.29 48.26 35.70
N GLY C 258 -7.75 47.12 36.09
CA GLY C 258 -7.79 46.72 37.49
C GLY C 258 -7.09 45.40 37.74
N GLN C 259 -7.21 44.92 38.97
CA GLN C 259 -6.71 43.63 39.37
C GLN C 259 -7.77 42.96 40.24
N LEU C 260 -8.24 41.79 39.80
CA LEU C 260 -9.19 41.00 40.56
C LEU C 260 -8.44 40.00 41.42
N LYS C 261 -8.95 39.75 42.63
CA LYS C 261 -8.40 38.76 43.55
C LYS C 261 -9.36 37.58 43.66
N VAL C 262 -8.83 36.37 43.45
CA VAL C 262 -9.63 35.14 43.50
C VAL C 262 -9.17 34.29 44.68
N PRO C 263 -9.93 34.29 45.78
CA PRO C 263 -9.55 33.47 46.94
C PRO C 263 -9.62 31.97 46.67
N GLY C 264 -8.64 31.22 47.18
CA GLY C 264 -8.62 29.78 47.00
C GLY C 264 -8.76 29.41 45.54
N VAL C 265 -7.95 30.05 44.70
CA VAL C 265 -8.08 29.94 43.24
C VAL C 265 -7.84 28.51 42.74
N SER C 266 -8.57 28.14 41.69
CA SER C 266 -8.30 26.91 40.93
C SER C 266 -7.38 27.25 39.76
N LEU C 267 -6.12 26.84 39.84
CA LEU C 267 -5.14 27.16 38.81
C LEU C 267 -5.43 26.35 37.54
N TRP C 268 -4.98 26.91 36.42
CA TRP C 268 -5.02 26.25 35.12
C TRP C 268 -3.80 25.36 35.01
N TRP C 269 -4.04 24.07 34.86
CA TRP C 269 -2.98 23.06 34.78
C TRP C 269 -3.02 22.38 33.42
N PRO C 270 -1.85 22.12 32.83
CA PRO C 270 -1.82 21.28 31.62
C PRO C 270 -2.42 19.88 31.82
N TYR C 271 -2.93 19.33 30.72
CA TYR C 271 -3.39 17.96 30.64
C TYR C 271 -2.28 17.05 31.18
N LEU C 272 -2.67 16.14 32.08
CA LEU C 272 -1.76 15.18 32.75
C LEU C 272 -0.82 15.76 33.83
N MET C 273 -0.94 17.06 34.11
CA MET C 273 -0.19 17.69 35.21
C MET C 273 -1.07 17.87 36.46
N HIS C 274 -2.36 17.58 36.30
CA HIS C 274 -3.35 17.67 37.38
C HIS C 274 -4.57 16.84 36.95
N GLU C 275 -5.22 16.19 37.92
CA GLU C 275 -6.39 15.34 37.64
C GLU C 275 -7.56 16.13 37.05
N ARG C 276 -7.60 17.43 37.33
CA ARG C 276 -8.60 18.33 36.77
C ARG C 276 -7.89 19.48 36.07
N PRO C 277 -7.40 19.22 34.84
CA PRO C 277 -6.60 20.21 34.12
C PRO C 277 -7.48 21.29 33.50
N ALA C 278 -6.82 22.35 33.03
CA ALA C 278 -7.45 23.34 32.17
C ALA C 278 -8.63 24.08 32.82
N TYR C 279 -8.56 24.33 34.12
CA TYR C 279 -9.67 25.02 34.79
C TYR C 279 -9.80 26.43 34.23
N LEU C 280 -10.98 26.73 33.68
CA LEU C 280 -11.24 28.05 33.12
C LEU C 280 -12.30 28.82 33.91
N TYR C 281 -11.92 30.02 34.35
CA TYR C 281 -12.86 31.05 34.77
C TYR C 281 -13.28 31.81 33.51
N SER C 282 -14.26 32.70 33.66
CA SER C 282 -14.63 33.60 32.57
C SER C 282 -14.74 35.05 33.03
N LEU C 283 -14.13 35.94 32.26
CA LEU C 283 -14.20 37.37 32.52
C LEU C 283 -15.33 37.98 31.73
N GLU C 284 -16.41 38.30 32.42
CA GLU C 284 -17.57 38.96 31.82
C GLU C 284 -17.36 40.46 31.88
N VAL C 285 -17.28 41.10 30.71
CA VAL C 285 -17.09 42.54 30.63
C VAL C 285 -18.39 43.18 30.16
N GLN C 286 -18.87 44.18 30.91
CA GLN C 286 -20.10 44.88 30.54
C GLN C 286 -19.86 46.39 30.46
N LEU C 287 -20.06 46.93 29.27
CA LEU C 287 -19.91 48.35 28.99
C LEU C 287 -21.27 49.02 28.96
N THR C 288 -21.43 50.09 29.72
CA THR C 288 -22.58 50.99 29.59
C THR C 288 -22.04 52.33 29.09
N ALA C 289 -22.52 52.76 27.92
CA ALA C 289 -22.03 54.00 27.31
C ALA C 289 -23.18 54.93 26.92
N GLN C 290 -22.87 56.23 26.84
CA GLN C 290 -23.80 57.24 26.35
C GLN C 290 -23.41 57.63 24.93
N THR C 291 -24.37 57.50 24.01
CA THR C 291 -24.12 57.69 22.57
C THR C 291 -25.05 58.74 21.96
N SER C 292 -24.79 59.04 20.69
CA SER C 292 -25.54 60.00 19.89
C SER C 292 -27.03 59.64 19.75
N LEU C 293 -27.35 58.36 19.91
CA LEU C 293 -28.72 57.86 19.80
C LEU C 293 -29.20 57.25 21.12
N GLY C 294 -28.59 57.63 22.24
CA GLY C 294 -29.00 57.15 23.55
C GLY C 294 -28.01 56.17 24.18
N PRO C 295 -28.40 55.59 25.33
CA PRO C 295 -27.51 54.70 26.08
C PRO C 295 -27.39 53.33 25.41
N VAL C 296 -26.18 52.77 25.40
CA VAL C 296 -25.97 51.42 24.86
C VAL C 296 -25.27 50.52 25.86
N SER C 297 -25.51 49.21 25.72
CA SER C 297 -24.84 48.21 26.52
C SER C 297 -24.04 47.29 25.59
N ASP C 298 -22.85 46.89 26.02
CA ASP C 298 -22.05 45.92 25.27
C ASP C 298 -21.50 44.89 26.23
N PHE C 299 -21.58 43.62 25.82
CA PHE C 299 -21.07 42.49 26.60
C PHE C 299 -20.04 41.71 25.78
N TYR C 300 -18.92 41.35 26.42
CA TYR C 300 -17.99 40.37 25.87
C TYR C 300 -17.49 39.51 27.04
N THR C 301 -17.38 38.20 26.81
CA THR C 301 -16.89 37.28 27.84
C THR C 301 -15.63 36.57 27.34
N LEU C 302 -14.55 36.73 28.10
CA LEU C 302 -13.24 36.16 27.77
C LEU C 302 -12.89 35.04 28.75
N PRO C 303 -12.63 33.81 28.24
CA PRO C 303 -12.11 32.74 29.10
C PRO C 303 -10.78 33.10 29.73
N VAL C 304 -10.57 32.71 30.98
CA VAL C 304 -9.35 33.04 31.71
C VAL C 304 -8.83 31.80 32.43
N GLY C 305 -7.55 31.51 32.23
CA GLY C 305 -6.87 30.45 32.96
C GLY C 305 -5.81 31.08 33.82
N ILE C 306 -5.94 30.94 35.14
CA ILE C 306 -4.97 31.54 36.04
C ILE C 306 -3.78 30.62 36.20
N ARG C 307 -2.65 31.07 35.64
CA ARG C 307 -1.43 30.28 35.61
C ARG C 307 -0.23 31.14 35.27
N THR C 308 0.94 30.67 35.67
CA THR C 308 2.18 31.40 35.43
C THR C 308 3.18 30.53 34.69
N VAL C 309 4.06 31.17 33.94
CA VAL C 309 5.16 30.52 33.23
C VAL C 309 6.48 31.19 33.59
N ALA C 310 7.47 30.39 34.01
CA ALA C 310 8.81 30.91 34.25
C ALA C 310 9.86 29.93 33.78
N VAL C 311 11.07 30.42 33.56
CA VAL C 311 12.18 29.62 33.08
C VAL C 311 13.41 29.87 33.95
N THR C 312 14.07 28.80 34.39
CA THR C 312 15.33 28.90 35.14
C THR C 312 16.46 28.44 34.23
N LYS C 313 17.62 28.18 34.79
CA LYS C 313 18.77 27.69 34.00
C LYS C 313 18.59 26.25 33.53
N SER C 314 17.72 25.48 34.20
CA SER C 314 17.48 24.08 33.87
C SER C 314 16.01 23.62 33.86
N GLN C 315 15.08 24.49 34.24
CA GLN C 315 13.67 24.09 34.36
C GLN C 315 12.74 25.05 33.64
N PHE C 316 11.59 24.52 33.22
CA PHE C 316 10.49 25.29 32.66
C PHE C 316 9.36 25.13 33.67
N LEU C 317 9.01 26.21 34.35
CA LEU C 317 8.05 26.16 35.44
C LEU C 317 6.65 26.64 35.04
N ILE C 318 5.66 25.79 35.26
CA ILE C 318 4.26 26.18 35.11
C ILE C 318 3.67 26.16 36.52
N ASN C 319 3.13 27.31 36.96
CA ASN C 319 2.61 27.45 38.32
C ASN C 319 3.66 27.09 39.38
N GLY C 320 4.91 27.41 39.07
CA GLY C 320 6.04 27.15 39.97
C GLY C 320 6.45 25.69 40.10
N LYS C 321 5.95 24.83 39.23
CA LYS C 321 6.25 23.40 39.27
C LYS C 321 6.94 23.00 37.98
N PRO C 322 7.99 22.16 38.07
CA PRO C 322 8.67 21.77 36.84
C PRO C 322 7.73 21.08 35.85
N PHE C 323 7.88 21.47 34.59
CA PHE C 323 7.07 20.97 33.49
C PHE C 323 7.99 20.36 32.45
N TYR C 324 7.52 19.29 31.83
CA TYR C 324 8.21 18.64 30.73
C TYR C 324 7.25 18.54 29.54
N PHE C 325 7.64 19.12 28.41
CA PHE C 325 6.86 18.99 27.19
C PHE C 325 7.03 17.58 26.67
N HIS C 326 5.92 16.87 26.52
CA HIS C 326 5.93 15.60 25.80
C HIS C 326 4.82 15.66 24.77
N GLY C 327 5.18 16.08 23.55
CA GLY C 327 4.18 16.52 22.60
C GLY C 327 4.55 16.29 21.16
N VAL C 328 3.94 17.09 20.29
CA VAL C 328 4.11 16.94 18.86
C VAL C 328 4.23 18.30 18.18
N ASN C 329 4.66 18.26 16.93
CA ASN C 329 4.52 19.35 15.97
C ASN C 329 3.33 18.96 15.10
N LYS C 330 2.59 19.96 14.62
CA LYS C 330 1.42 19.68 13.75
C LYS C 330 1.53 20.49 12.46
N HIS C 331 0.45 20.48 11.68
CA HIS C 331 0.30 21.39 10.57
C HIS C 331 -1.19 21.51 10.33
N GLU C 332 -1.60 22.63 9.72
CA GLU C 332 -2.96 22.75 9.25
C GLU C 332 -3.02 22.15 7.86
N ASP C 333 -3.50 20.92 7.78
CA ASP C 333 -3.36 20.12 6.58
C ASP C 333 -4.23 18.88 6.64
N ALA C 334 -4.97 18.64 5.57
CA ALA C 334 -5.78 17.45 5.44
C ALA C 334 -6.13 17.26 3.98
N ASP C 335 -6.62 16.05 3.67
CA ASP C 335 -7.00 15.72 2.28
C ASP C 335 -8.02 16.72 1.75
N ILE C 336 -7.81 17.12 0.50
CA ILE C 336 -8.78 17.91 -0.28
C ILE C 336 -8.96 19.38 0.12
N ARG C 337 -9.14 19.66 1.41
CA ARG C 337 -9.35 21.03 1.88
C ARG C 337 -8.02 21.78 2.12
N GLY C 338 -6.89 21.08 2.05
CA GLY C 338 -5.60 21.70 2.31
C GLY C 338 -5.47 22.20 3.74
N LYS C 339 -5.31 23.53 3.91
CA LYS C 339 -5.15 24.12 5.23
C LYS C 339 -6.50 24.62 5.75
N GLY C 340 -7.57 24.28 5.05
CA GLY C 340 -8.92 24.73 5.40
C GLY C 340 -9.37 24.22 6.76
N PHE C 341 -10.03 25.08 7.52
CA PHE C 341 -10.55 24.72 8.82
C PHE C 341 -11.71 23.71 8.72
N ASP C 342 -11.77 22.78 9.65
CA ASP C 342 -12.80 21.72 9.66
C ASP C 342 -13.07 21.26 11.07
N TRP C 343 -14.34 21.27 11.49
CA TRP C 343 -14.67 20.89 12.87
C TRP C 343 -14.39 19.40 13.19
N PRO C 344 -14.85 18.47 12.33
CA PRO C 344 -14.55 17.08 12.65
C PRO C 344 -13.06 16.76 12.78
N LEU C 345 -12.24 17.24 11.84
CA LEU C 345 -10.79 17.04 11.94
C LEU C 345 -10.21 17.67 13.21
N LEU C 346 -10.73 18.83 13.59
CA LEU C 346 -10.26 19.49 14.81
C LEU C 346 -10.51 18.64 16.04
N VAL C 347 -11.74 18.19 16.22
CA VAL C 347 -12.07 17.38 17.41
C VAL C 347 -11.31 16.05 17.37
N LYS C 348 -11.23 15.44 16.19
CA LYS C 348 -10.49 14.19 16.06
C LYS C 348 -9.05 14.38 16.48
N ASP C 349 -8.43 15.47 16.02
CA ASP C 349 -7.04 15.67 16.37
C ASP C 349 -6.87 15.77 17.87
N PHE C 350 -7.73 16.53 18.54
CA PHE C 350 -7.63 16.63 20.00
C PHE C 350 -7.88 15.31 20.73
N ASN C 351 -8.81 14.52 20.24
CA ASN C 351 -8.98 13.18 20.77
C ASN C 351 -7.72 12.32 20.63
N LEU C 352 -7.06 12.43 19.48
CA LEU C 352 -5.79 11.75 19.29
C LEU C 352 -4.67 12.29 20.22
N LEU C 353 -4.60 13.60 20.39
CA LEU C 353 -3.59 14.18 21.30
C LEU C 353 -3.74 13.62 22.70
N ARG C 354 -4.99 13.54 23.17
CA ARG C 354 -5.23 13.04 24.54
C ARG C 354 -4.95 11.53 24.65
N TRP C 355 -5.30 10.80 23.60
CA TRP C 355 -5.04 9.36 23.49
C TRP C 355 -3.53 9.11 23.55
N LEU C 356 -2.78 9.92 22.82
CA LEU C 356 -1.32 9.81 22.71
C LEU C 356 -0.60 10.09 24.04
N GLY C 357 -1.26 10.82 24.93
CA GLY C 357 -0.58 11.31 26.12
C GLY C 357 0.22 12.58 25.85
N ALA C 358 -0.06 13.23 24.72
CA ALA C 358 0.60 14.48 24.40
C ALA C 358 0.02 15.61 25.25
N ASN C 359 0.90 16.39 25.86
CA ASN C 359 0.46 17.57 26.62
C ASN C 359 0.79 18.92 25.98
N ALA C 360 1.26 18.89 24.74
CA ALA C 360 1.78 20.09 24.10
C ALA C 360 1.89 19.95 22.60
N PHE C 361 1.72 21.07 21.89
CA PHE C 361 2.26 21.14 20.54
C PHE C 361 2.75 22.52 20.17
N ARG C 362 3.66 22.56 19.19
CA ARG C 362 4.07 23.80 18.57
C ARG C 362 3.23 23.97 17.32
N THR C 363 2.85 25.22 17.02
CA THR C 363 2.14 25.52 15.80
C THR C 363 3.15 25.72 14.66
N SER C 364 3.85 24.64 14.33
CA SER C 364 4.75 24.62 13.20
C SER C 364 3.90 24.89 11.96
N HIS C 365 4.19 25.90 11.14
CA HIS C 365 5.14 27.00 11.37
C HIS C 365 4.45 28.33 11.08
N TYR C 366 3.35 28.58 11.76
CA TYR C 366 2.46 29.72 11.52
C TYR C 366 1.38 29.61 12.58
N PRO C 367 0.72 30.73 12.91
CA PRO C 367 -0.41 30.63 13.83
C PRO C 367 -1.55 29.82 13.23
N TYR C 368 -2.16 28.96 14.03
CA TYR C 368 -3.31 28.16 13.60
C TYR C 368 -4.60 28.94 13.79
N ALA C 369 -5.72 28.41 13.30
CA ALA C 369 -7.03 29.00 13.53
C ALA C 369 -7.23 29.25 15.02
N GLU C 370 -7.91 30.35 15.32
CA GLU C 370 -8.22 30.70 16.71
C GLU C 370 -8.97 29.56 17.43
N GLU C 371 -9.85 28.89 16.71
CA GLU C 371 -10.63 27.79 17.29
C GLU C 371 -9.72 26.68 17.84
N VAL C 372 -8.56 26.49 17.22
CA VAL C 372 -7.54 25.54 17.71
C VAL C 372 -7.01 26.00 19.06
N MET C 373 -6.76 27.30 19.19
CA MET C 373 -6.25 27.83 20.45
C MET C 373 -7.31 27.75 21.57
N GLN C 374 -8.57 27.99 21.22
CA GLN C 374 -9.67 27.85 22.17
C GLN C 374 -9.75 26.43 22.71
N MET C 375 -9.57 25.46 21.81
CA MET C 375 -9.56 24.06 22.19
C MET C 375 -8.40 23.74 23.14
N CYS C 376 -7.22 24.25 22.82
CA CYS C 376 -6.06 24.10 23.71
C CYS C 376 -6.36 24.59 25.14
N ASP C 377 -7.00 25.75 25.25
CA ASP C 377 -7.31 26.32 26.58
C ASP C 377 -8.23 25.37 27.34
N ARG C 378 -9.17 24.76 26.64
CA ARG C 378 -10.16 23.88 27.25
C ARG C 378 -9.63 22.47 27.57
N TYR C 379 -8.73 21.93 26.72
CA TYR C 379 -8.21 20.56 26.88
C TYR C 379 -6.87 20.50 27.66
N GLY C 380 -6.24 21.66 27.89
CA GLY C 380 -5.00 21.71 28.65
C GLY C 380 -3.77 21.34 27.84
N ILE C 381 -3.83 21.56 26.54
CA ILE C 381 -2.73 21.24 25.67
C ILE C 381 -1.92 22.53 25.47
N VAL C 382 -0.73 22.59 26.05
CA VAL C 382 0.06 23.81 26.00
C VAL C 382 0.60 24.02 24.59
N VAL C 383 0.91 25.26 24.29
CA VAL C 383 1.23 25.66 22.93
C VAL C 383 2.49 26.51 22.89
N ILE C 384 3.40 26.17 21.98
CA ILE C 384 4.47 27.06 21.58
C ILE C 384 3.94 27.69 20.31
N ASP C 385 3.48 28.93 20.42
CA ASP C 385 2.78 29.62 19.35
C ASP C 385 3.81 30.33 18.45
N GLU C 386 3.86 29.93 17.18
CA GLU C 386 4.95 30.29 16.30
C GLU C 386 4.52 31.14 15.12
N CYS C 387 5.18 32.27 14.89
N CYS C 387 5.29 32.21 14.91
CA CYS C 387 4.82 33.12 13.75
CA CYS C 387 5.21 33.11 13.75
C CYS C 387 5.39 32.50 12.49
C CYS C 387 5.35 32.34 12.43
N PRO C 388 4.87 32.91 11.32
CA PRO C 388 5.33 32.34 10.03
C PRO C 388 6.78 32.67 9.60
N GLY C 389 7.72 32.79 10.56
CA GLY C 389 9.12 33.13 10.27
C GLY C 389 9.94 31.89 9.94
N VAL C 390 9.52 31.20 8.88
CA VAL C 390 10.09 29.92 8.46
C VAL C 390 10.60 30.11 7.03
N GLY C 391 11.67 29.42 6.69
CA GLY C 391 12.29 29.52 5.38
C GLY C 391 13.16 30.74 5.17
N LEU C 392 13.66 31.31 6.27
CA LEU C 392 14.55 32.47 6.22
C LEU C 392 15.99 31.96 6.01
N ALA C 393 16.24 31.44 4.80
CA ALA C 393 17.41 30.64 4.50
C ALA C 393 18.54 31.41 3.81
N LEU C 394 18.21 32.51 3.13
CA LEU C 394 19.18 33.25 2.33
C LEU C 394 19.51 34.57 2.99
N PRO C 395 20.76 35.03 2.82
CA PRO C 395 21.18 36.29 3.43
C PRO C 395 20.31 37.49 3.04
N GLN C 396 19.76 37.50 1.83
CA GLN C 396 18.91 38.60 1.35
C GLN C 396 17.61 38.78 2.14
N PHE C 397 17.20 37.78 2.91
CA PHE C 397 15.96 37.85 3.68
C PHE C 397 16.15 38.57 5.01
N PHE C 398 17.39 38.88 5.37
CA PHE C 398 17.72 39.57 6.59
C PHE C 398 18.17 41.01 6.28
N ASN C 399 17.26 41.94 6.50
CA ASN C 399 17.53 43.35 6.28
C ASN C 399 16.55 44.17 7.12
N ASN C 400 16.66 45.49 7.05
CA ASN C 400 15.85 46.36 7.91
C ASN C 400 14.34 46.30 7.59
N VAL C 401 13.99 46.15 6.32
CA VAL C 401 12.59 46.11 5.92
C VAL C 401 11.93 44.80 6.35
N SER C 402 12.61 43.68 6.09
CA SER C 402 12.10 42.40 6.55
C SER C 402 12.07 42.36 8.08
N LEU C 403 13.07 42.97 8.73
CA LEU C 403 13.09 43.01 10.20
C LEU C 403 11.84 43.69 10.75
N HIS C 404 11.54 44.89 10.25
CA HIS C 404 10.39 45.63 10.76
C HIS C 404 9.08 44.94 10.39
N HIS C 405 9.03 44.31 9.21
CA HIS C 405 7.86 43.54 8.85
C HIS C 405 7.64 42.36 9.82
N HIS C 406 8.72 41.67 10.17
CA HIS C 406 8.66 40.52 11.08
C HIS C 406 8.17 40.97 12.48
N MET C 407 8.61 42.16 12.91
CA MET C 407 8.17 42.74 14.18
C MET C 407 6.68 43.04 14.16
N GLN C 408 6.17 43.51 13.02
CA GLN C 408 4.74 43.81 12.89
C GLN C 408 3.91 42.54 12.94
N VAL C 409 4.37 41.50 12.26
CA VAL C 409 3.70 40.21 12.29
C VAL C 409 3.67 39.65 13.71
N MET C 410 4.80 39.70 14.41
CA MET C 410 4.81 39.21 15.80
C MET C 410 3.81 39.97 16.66
N GLU C 411 3.74 41.29 16.45
CA GLU C 411 2.71 42.12 17.11
C GLU C 411 1.30 41.63 16.84
N GLU C 412 1.02 41.27 15.58
CA GLU C 412 -0.28 40.70 15.23
C GLU C 412 -0.56 39.37 15.92
N VAL C 413 0.45 38.50 15.98
CA VAL C 413 0.34 37.20 16.61
C VAL C 413 0.03 37.37 18.09
N VAL C 414 0.77 38.26 18.76
CA VAL C 414 0.55 38.55 20.18
C VAL C 414 -0.82 39.19 20.41
N ARG C 415 -1.20 40.15 19.58
CA ARG C 415 -2.54 40.73 19.72
C ARG C 415 -3.61 39.63 19.72
N ARG C 416 -3.50 38.70 18.77
CA ARG C 416 -4.55 37.72 18.61
C ARG C 416 -4.56 36.74 19.78
N ASP C 417 -3.39 36.33 20.26
CA ASP C 417 -3.29 35.15 21.12
C ASP C 417 -2.87 35.39 22.56
N LYS C 418 -2.59 36.66 22.89
CA LYS C 418 -2.10 37.05 24.23
C LYS C 418 -2.92 36.56 25.42
N ASN C 419 -4.20 36.30 25.23
CA ASN C 419 -5.08 35.91 26.34
C ASN C 419 -5.30 34.41 26.52
N HIS C 420 -4.64 33.56 25.71
CA HIS C 420 -4.85 32.11 25.85
C HIS C 420 -3.92 31.51 26.90
N PRO C 421 -4.47 30.98 28.01
CA PRO C 421 -3.61 30.34 29.01
C PRO C 421 -2.78 29.18 28.43
N ALA C 422 -3.32 28.50 27.43
CA ALA C 422 -2.59 27.39 26.82
C ALA C 422 -1.27 27.82 26.16
N VAL C 423 -1.18 29.05 25.65
CA VAL C 423 0.06 29.54 25.04
C VAL C 423 1.04 29.81 26.18
N VAL C 424 2.09 29.03 26.24
CA VAL C 424 3.12 29.19 27.27
C VAL C 424 4.45 29.76 26.72
N MET C 425 4.63 29.84 25.41
CA MET C 425 5.88 30.40 24.85
C MET C 425 5.66 30.86 23.42
N TRP C 426 6.34 31.93 23.03
CA TRP C 426 6.33 32.43 21.66
C TRP C 426 7.56 31.92 20.94
N SER C 427 7.38 31.46 19.70
CA SER C 427 8.52 31.20 18.81
C SER C 427 8.49 32.14 17.62
N VAL C 428 9.60 32.84 17.38
CA VAL C 428 9.62 33.90 16.38
C VAL C 428 10.11 33.39 15.02
N ALA C 429 10.66 32.19 14.98
CA ALA C 429 11.16 31.62 13.71
C ALA C 429 11.44 30.14 13.82
N ASN C 430 11.52 29.49 12.66
CA ASN C 430 11.97 28.10 12.55
C ASN C 430 13.10 27.93 11.56
N GLU C 431 14.24 27.44 12.04
CA GLU C 431 15.41 27.19 11.21
C GLU C 431 15.79 28.38 10.32
N PRO C 432 15.88 29.58 10.91
CA PRO C 432 16.48 30.69 10.16
C PRO C 432 17.96 30.45 9.94
N ALA C 433 18.58 31.21 9.04
CA ALA C 433 20.02 31.12 8.80
C ALA C 433 20.78 31.85 9.91
N SER C 434 20.66 31.34 11.13
CA SER C 434 21.09 32.05 12.32
C SER C 434 22.58 31.98 12.61
N HIS C 435 23.33 31.25 11.77
CA HIS C 435 24.79 31.34 11.73
C HIS C 435 25.28 32.69 11.19
N LEU C 436 24.40 33.42 10.50
CA LEU C 436 24.74 34.72 9.94
C LEU C 436 24.66 35.80 11.02
N GLU C 437 25.62 36.72 11.03
CA GLU C 437 25.60 37.80 12.02
C GLU C 437 24.41 38.72 11.79
N SER C 438 24.06 38.95 10.53
CA SER C 438 22.88 39.76 10.23
C SER C 438 21.63 39.12 10.87
N ALA C 439 21.54 37.79 10.77
CA ALA C 439 20.42 37.02 11.35
C ALA C 439 20.39 37.09 12.88
N GLY C 440 21.56 37.11 13.51
CA GLY C 440 21.64 37.23 14.96
C GLY C 440 21.03 38.52 15.48
N TYR C 441 21.39 39.63 14.83
CA TYR C 441 20.84 40.94 15.18
C TYR C 441 19.34 40.94 14.95
N TYR C 442 18.95 40.50 13.75
CA TYR C 442 17.55 40.37 13.37
C TYR C 442 16.77 39.64 14.47
N LEU C 443 17.26 38.46 14.85
CA LEU C 443 16.53 37.63 15.82
C LEU C 443 16.57 38.27 17.21
N LYS C 444 17.70 38.87 17.56
CA LYS C 444 17.80 39.63 18.81
C LYS C 444 16.66 40.64 18.90
N MET C 445 16.42 41.35 17.81
CA MET C 445 15.46 42.45 17.83
C MET C 445 14.01 42.00 17.76
N VAL C 446 13.71 40.97 16.97
CA VAL C 446 12.36 40.39 16.95
C VAL C 446 12.02 39.82 18.33
N ILE C 447 12.96 39.12 18.95
CA ILE C 447 12.75 38.56 20.28
C ILE C 447 12.53 39.68 21.31
N ALA C 448 13.37 40.71 21.27
CA ALA C 448 13.21 41.84 22.21
C ALA C 448 11.87 42.52 22.00
N HIS C 449 11.47 42.71 20.75
CA HIS C 449 10.17 43.30 20.46
C HIS C 449 9.05 42.48 21.09
N THR C 450 9.11 41.16 20.89
CA THR C 450 8.08 40.27 21.41
C THR C 450 8.03 40.40 22.93
N LYS C 451 9.18 40.31 23.58
CA LYS C 451 9.25 40.44 25.03
C LYS C 451 8.62 41.75 25.54
N SER C 452 8.82 42.83 24.79
CA SER C 452 8.29 44.14 25.16
C SER C 452 6.78 44.22 25.00
N LEU C 453 6.21 43.35 24.17
CA LEU C 453 4.76 43.32 23.94
C LEU C 453 4.00 42.49 24.95
N ASP C 454 4.65 41.46 25.52
CA ASP C 454 3.99 40.56 26.46
C ASP C 454 4.97 40.18 27.56
N PRO C 455 4.75 40.71 28.78
CA PRO C 455 5.67 40.43 29.87
C PRO C 455 5.55 39.02 30.47
N SER C 456 4.54 38.26 30.05
CA SER C 456 4.09 37.07 30.77
C SER C 456 4.62 35.74 30.24
N ARG C 457 5.23 35.73 29.05
CA ARG C 457 5.71 34.49 28.44
C ARG C 457 7.15 34.53 27.99
N PRO C 458 7.84 33.38 28.04
CA PRO C 458 9.17 33.28 27.44
C PRO C 458 9.12 33.34 25.92
N VAL C 459 10.25 33.59 25.29
CA VAL C 459 10.36 33.67 23.83
C VAL C 459 11.55 32.87 23.33
N THR C 460 11.38 32.25 22.16
CA THR C 460 12.42 31.42 21.57
C THR C 460 12.33 31.51 20.05
N PHE C 461 13.27 30.84 19.40
CA PHE C 461 13.12 30.45 18.01
C PHE C 461 13.73 29.05 17.91
N VAL C 462 13.24 28.27 16.95
CA VAL C 462 13.68 26.89 16.77
C VAL C 462 14.83 26.81 15.75
N SER C 463 15.90 26.14 16.14
CA SER C 463 17.17 26.21 15.41
C SER C 463 17.66 24.85 14.93
N ASN C 464 18.22 24.82 13.72
CA ASN C 464 19.00 23.69 13.25
C ASN C 464 20.48 24.08 13.05
N SER C 465 20.92 25.16 13.69
CA SER C 465 22.29 25.64 13.55
C SER C 465 23.25 24.82 14.39
N ASN C 466 24.54 24.90 14.04
CA ASN C 466 25.59 24.32 14.88
C ASN C 466 25.73 25.18 16.14
N TYR C 467 25.89 24.53 17.29
CA TYR C 467 25.90 25.21 18.59
C TYR C 467 26.92 26.37 18.63
N ALA C 468 28.06 26.18 17.98
CA ALA C 468 29.13 27.17 18.01
C ALA C 468 28.87 28.36 17.11
N ALA C 469 27.99 28.19 16.12
CA ALA C 469 27.80 29.16 15.06
C ALA C 469 26.53 29.98 15.25
N ASP C 470 25.61 29.48 16.07
CA ASP C 470 24.30 30.10 16.22
C ASP C 470 24.35 31.50 16.88
N LYS C 471 24.16 32.53 16.07
CA LYS C 471 24.25 33.93 16.54
C LYS C 471 22.95 34.41 17.20
N GLY C 472 21.88 33.63 17.09
CA GLY C 472 20.60 33.94 17.74
C GLY C 472 20.43 33.28 19.10
N ALA C 473 21.20 32.23 19.35
CA ALA C 473 21.08 31.42 20.57
C ALA C 473 21.18 32.21 21.87
N PRO C 474 22.07 33.22 21.93
CA PRO C 474 22.13 33.95 23.20
C PRO C 474 20.83 34.60 23.68
N TYR C 475 19.92 34.91 22.75
CA TYR C 475 18.73 35.71 23.05
C TYR C 475 17.47 34.92 23.40
N VAL C 476 17.49 33.60 23.21
CA VAL C 476 16.31 32.78 23.50
C VAL C 476 16.26 32.44 24.99
N ASP C 477 15.05 32.31 25.53
CA ASP C 477 14.84 31.93 26.92
C ASP C 477 14.92 30.42 27.10
N VAL C 478 14.58 29.70 26.03
CA VAL C 478 14.66 28.24 25.99
C VAL C 478 15.27 27.86 24.64
N ILE C 479 16.25 26.97 24.65
CA ILE C 479 16.89 26.50 23.42
C ILE C 479 16.06 25.37 22.81
N CYS C 480 15.61 25.58 21.57
CA CYS C 480 14.86 24.60 20.80
C CYS C 480 15.67 24.08 19.62
N LEU C 481 15.93 22.77 19.63
CA LEU C 481 16.86 22.14 18.70
C LEU C 481 16.17 21.10 17.82
N ASN C 482 16.36 21.24 16.51
CA ASN C 482 15.96 20.23 15.53
C ASN C 482 17.12 19.36 15.09
N SER C 483 16.99 18.03 15.19
CA SER C 483 18.01 17.12 14.67
C SER C 483 17.38 15.80 14.23
N TYR C 484 17.98 15.18 13.22
CA TYR C 484 17.44 13.95 12.62
C TYR C 484 18.58 12.99 12.33
N TYR C 485 19.33 12.63 13.37
CA TYR C 485 20.50 11.77 13.22
C TYR C 485 20.10 10.42 12.61
N SER C 486 20.95 9.93 11.70
CA SER C 486 20.69 8.74 10.85
C SER C 486 19.68 8.97 9.73
N TRP C 487 18.96 10.08 9.77
CA TRP C 487 17.96 10.38 8.71
C TRP C 487 18.47 11.39 7.66
N TYR C 488 18.87 12.59 8.10
CA TYR C 488 19.39 13.62 7.19
C TYR C 488 20.89 13.53 6.97
N HIS C 489 21.53 12.65 7.74
CA HIS C 489 22.95 12.34 7.57
C HIS C 489 23.20 10.94 8.11
N ASP C 490 24.29 10.33 7.67
CA ASP C 490 24.68 8.98 8.06
C ASP C 490 23.49 8.07 7.83
N TYR C 491 23.00 8.08 6.61
CA TYR C 491 21.74 7.43 6.30
C TYR C 491 21.66 5.99 6.77
N GLY C 492 20.65 5.72 7.60
CA GLY C 492 20.33 4.36 8.06
C GLY C 492 21.09 3.93 9.31
N HIS C 493 22.04 4.75 9.76
CA HIS C 493 22.92 4.38 10.88
C HIS C 493 22.31 4.69 12.24
N LEU C 494 21.35 3.87 12.63
CA LEU C 494 20.62 4.00 13.89
C LEU C 494 21.57 3.93 15.06
N GLU C 495 22.67 3.22 14.85
CA GLU C 495 23.64 2.97 15.92
C GLU C 495 24.42 4.23 16.36
N LEU C 496 24.27 5.32 15.60
CA LEU C 496 25.00 6.56 15.88
C LEU C 496 24.15 7.56 16.69
N ILE C 497 22.86 7.27 16.88
CA ILE C 497 21.92 8.27 17.36
C ILE C 497 22.24 8.70 18.80
N GLN C 498 22.46 7.73 19.67
CA GLN C 498 22.66 8.06 21.09
C GLN C 498 23.94 8.89 21.28
N LEU C 499 25.00 8.50 20.59
CA LEU C 499 26.27 9.23 20.69
C LEU C 499 26.10 10.68 20.21
N GLN C 500 25.49 10.85 19.04
CA GLN C 500 25.40 12.19 18.45
C GLN C 500 24.47 13.12 19.25
N LEU C 501 23.43 12.53 19.82
CA LEU C 501 22.47 13.24 20.64
C LEU C 501 23.08 13.66 21.97
N ALA C 502 23.88 12.78 22.57
CA ALA C 502 24.62 13.13 23.80
C ALA C 502 25.55 14.30 23.54
N THR C 503 26.31 14.22 22.46
CA THR C 503 27.22 15.29 22.07
C THR C 503 26.45 16.60 21.86
N GLN C 504 25.34 16.53 21.12
CA GLN C 504 24.45 17.67 20.93
C GLN C 504 24.12 18.40 22.25
N PHE C 505 23.51 17.67 23.17
CA PHE C 505 23.08 18.25 24.44
C PHE C 505 24.24 18.78 25.25
N GLU C 506 25.32 17.99 25.39
CA GLU C 506 26.49 18.48 26.14
C GLU C 506 27.04 19.77 25.51
N ASN C 507 27.20 19.80 24.18
CA ASN C 507 27.77 20.97 23.52
C ASN C 507 26.91 22.21 23.72
N TRP C 508 25.60 22.06 23.52
CA TRP C 508 24.69 23.19 23.66
C TRP C 508 24.58 23.70 25.10
N TYR C 509 24.44 22.80 26.07
CA TYR C 509 24.26 23.25 27.46
C TYR C 509 25.54 23.81 28.06
N LYS C 510 26.69 23.26 27.68
CA LYS C 510 27.97 23.80 28.12
C LYS C 510 28.10 25.27 27.70
N LYS C 511 27.69 25.58 26.46
CA LYS C 511 27.79 26.96 25.95
C LYS C 511 26.77 27.92 26.56
N TYR C 512 25.52 27.48 26.74
CA TYR C 512 24.42 28.40 27.08
C TYR C 512 23.80 28.29 28.48
N GLN C 513 23.88 27.13 29.11
CA GLN C 513 23.30 26.94 30.44
C GLN C 513 21.86 27.45 30.50
N LYS C 514 21.06 27.00 29.53
CA LYS C 514 19.64 27.33 29.39
C LYS C 514 18.89 26.02 29.09
N PRO C 515 17.61 25.90 29.51
CA PRO C 515 16.84 24.66 29.27
C PRO C 515 16.74 24.38 27.78
N ILE C 516 16.76 23.09 27.42
CA ILE C 516 16.72 22.66 26.02
C ILE C 516 15.46 21.84 25.73
N ILE C 517 14.83 22.11 24.58
CA ILE C 517 13.77 21.27 24.06
C ILE C 517 14.27 20.64 22.76
N GLN C 518 14.07 19.33 22.60
CA GLN C 518 14.30 18.67 21.33
C GLN C 518 13.00 18.89 20.56
N SER C 519 12.99 19.93 19.70
CA SER C 519 11.76 20.44 19.09
C SER C 519 11.37 19.74 17.80
N GLU C 520 12.32 19.04 17.18
CA GLU C 520 12.04 18.09 16.09
C GLU C 520 12.97 16.90 16.09
N TYR C 521 12.39 15.74 15.77
CA TYR C 521 13.12 14.54 15.38
C TYR C 521 12.08 13.59 14.70
N GLY C 522 12.57 12.69 13.87
CA GLY C 522 11.67 11.74 13.20
C GLY C 522 12.25 11.02 12.00
N ALA C 523 11.39 10.29 11.29
CA ALA C 523 11.77 9.56 10.10
C ALA C 523 10.61 9.51 9.11
N GLU C 524 10.90 9.73 7.84
CA GLU C 524 9.89 9.54 6.82
C GLU C 524 9.50 8.07 6.82
N THR C 525 8.21 7.81 6.79
CA THR C 525 7.68 6.47 7.04
C THR C 525 6.42 6.24 6.20
N ILE C 526 6.55 5.35 5.22
CA ILE C 526 5.43 4.95 4.37
C ILE C 526 4.67 3.82 5.06
N ALA C 527 3.46 4.10 5.50
CA ALA C 527 2.63 3.08 6.14
C ALA C 527 2.59 1.78 5.31
N GLY C 528 2.91 0.67 5.96
CA GLY C 528 2.90 -0.65 5.32
C GLY C 528 4.24 -1.14 4.81
N PHE C 529 5.24 -0.25 4.72
CA PHE C 529 6.59 -0.66 4.37
C PHE C 529 7.24 -1.31 5.59
N HIS C 530 7.66 -2.57 5.44
CA HIS C 530 8.27 -3.35 6.55
C HIS C 530 9.60 -3.97 6.18
N GLN C 531 10.56 -3.94 7.10
CA GLN C 531 11.78 -4.71 6.90
C GLN C 531 12.43 -5.02 8.23
N ASP C 532 13.00 -6.22 8.30
CA ASP C 532 14.00 -6.56 9.31
C ASP C 532 15.22 -7.18 8.61
N PRO C 533 16.43 -6.67 8.92
CA PRO C 533 16.73 -5.52 9.76
C PRO C 533 16.06 -4.26 9.19
N PRO C 534 15.90 -3.22 10.01
CA PRO C 534 15.16 -2.05 9.55
C PRO C 534 15.92 -1.20 8.52
N LEU C 535 15.19 -0.67 7.54
CA LEU C 535 15.70 0.28 6.56
C LEU C 535 14.87 1.55 6.55
N MET C 536 15.47 2.66 6.15
CA MET C 536 14.74 3.93 6.04
C MET C 536 13.43 3.77 5.28
N PHE C 537 12.40 4.47 5.75
CA PHE C 537 11.04 4.47 5.18
C PHE C 537 10.14 3.37 5.70
N THR C 538 10.70 2.37 6.41
CA THR C 538 9.86 1.33 7.00
C THR C 538 9.34 1.77 8.38
N GLU C 539 8.25 1.15 8.79
CA GLU C 539 7.67 1.41 10.10
C GLU C 539 8.66 1.01 11.18
N GLU C 540 9.49 0.01 10.90
CA GLU C 540 10.46 -0.50 11.88
C GLU C 540 11.58 0.51 12.09
N TYR C 541 11.97 1.17 11.01
CA TYR C 541 13.00 2.21 11.10
C TYR C 541 12.47 3.37 11.94
N GLN C 542 11.21 3.73 11.74
CA GLN C 542 10.61 4.81 12.53
C GLN C 542 10.65 4.45 14.01
N LYS C 543 10.18 3.25 14.33
CA LYS C 543 10.24 2.79 15.71
C LYS C 543 11.66 2.84 16.28
N SER C 544 12.64 2.33 15.53
CA SER C 544 14.01 2.23 16.04
CA SER C 544 13.99 2.23 16.08
C SER C 544 14.60 3.62 16.28
N LEU C 545 14.38 4.51 15.32
CA LEU C 545 14.89 5.87 15.43
C LEU C 545 14.28 6.56 16.65
N LEU C 546 12.97 6.39 16.84
CA LEU C 546 12.31 6.94 18.04
C LEU C 546 12.89 6.36 19.35
N GLU C 547 13.14 5.06 19.37
CA GLU C 547 13.68 4.39 20.57
C GLU C 547 15.05 4.93 20.95
N GLN C 548 15.90 5.17 19.94
CA GLN C 548 17.25 5.68 20.19
C GLN C 548 17.23 7.14 20.65
N TYR C 549 16.41 7.97 20.00
CA TYR C 549 16.15 9.32 20.50
C TYR C 549 15.65 9.34 21.94
N HIS C 550 14.70 8.45 22.23
CA HIS C 550 14.09 8.37 23.56
C HIS C 550 15.15 7.97 24.59
N LEU C 551 16.07 7.07 24.23
CA LEU C 551 17.14 6.68 25.16
C LEU C 551 18.09 7.85 25.42
N GLY C 552 18.39 8.63 24.39
CA GLY C 552 19.18 9.85 24.56
C GLY C 552 18.46 10.87 25.41
N LEU C 553 17.19 11.12 25.09
CA LEU C 553 16.40 12.09 25.85
C LEU C 553 16.32 11.71 27.33
N ASP C 554 16.24 10.42 27.62
CA ASP C 554 16.20 9.93 28.99
C ASP C 554 17.44 10.34 29.78
N GLN C 555 18.60 10.45 29.12
CA GLN C 555 19.83 10.77 29.85
C GLN C 555 19.91 12.22 30.33
N LYS C 556 19.07 13.09 29.78
CA LYS C 556 19.09 14.50 30.16
C LYS C 556 17.77 15.12 30.59
N ARG C 557 16.66 14.41 30.45
CA ARG C 557 15.34 15.01 30.71
C ARG C 557 15.01 15.25 32.19
N ARG C 558 15.82 14.74 33.11
CA ARG C 558 15.67 15.06 34.54
C ARG C 558 16.77 16.03 35.00
N LYS C 559 17.44 16.64 34.04
CA LYS C 559 18.52 17.56 34.30
C LYS C 559 18.17 18.90 33.68
N TYR C 560 18.37 19.05 32.37
CA TYR C 560 18.14 20.33 31.72
C TYR C 560 17.35 20.26 30.40
N VAL C 561 17.05 19.07 29.90
CA VAL C 561 16.18 18.94 28.72
C VAL C 561 14.77 19.00 29.25
N VAL C 562 14.01 20.01 28.86
CA VAL C 562 12.66 20.22 29.39
C VAL C 562 11.55 19.92 28.39
N GLY C 563 11.90 19.35 27.25
CA GLY C 563 10.86 18.93 26.32
C GLY C 563 11.31 18.14 25.13
N GLU C 564 10.33 17.46 24.54
CA GLU C 564 10.51 16.71 23.31
C GLU C 564 9.22 16.80 22.51
N LEU C 565 9.36 17.14 21.23
CA LEU C 565 8.26 17.23 20.29
C LEU C 565 8.60 16.42 19.03
N ILE C 566 7.85 15.37 18.75
CA ILE C 566 8.08 14.54 17.55
C ILE C 566 7.67 15.31 16.31
N TRP C 567 8.46 15.19 15.24
CA TRP C 567 8.05 15.61 13.92
C TRP C 567 7.58 14.35 13.20
N ASN C 568 6.30 14.19 12.84
CA ASN C 568 5.20 15.17 13.03
C ASN C 568 3.96 14.38 13.49
N PHE C 569 2.97 15.09 14.02
CA PHE C 569 1.69 14.49 14.36
C PHE C 569 1.14 13.66 13.17
N ALA C 570 1.10 14.26 11.98
CA ALA C 570 0.58 13.52 10.83
C ALA C 570 1.28 13.87 9.51
N ASP C 571 1.30 12.89 8.60
CA ASP C 571 1.70 13.10 7.19
C ASP C 571 0.98 14.33 6.61
N PHE C 572 1.73 15.16 5.90
CA PHE C 572 1.19 16.38 5.32
C PHE C 572 1.84 16.72 3.96
N MET C 573 1.22 17.64 3.22
CA MET C 573 1.64 17.94 1.85
C MET C 573 2.78 18.98 1.79
N THR C 574 3.65 18.76 0.81
CA THR C 574 4.78 19.64 0.52
C THR C 574 4.87 19.79 -0.99
N GLU C 575 5.77 20.65 -1.45
CA GLU C 575 6.08 20.70 -2.87
C GLU C 575 6.66 19.38 -3.34
N GLN C 576 6.47 19.12 -4.63
CA GLN C 576 7.08 18.00 -5.29
C GLN C 576 8.60 18.14 -5.27
N SER C 577 9.27 17.05 -4.90
CA SER C 577 10.71 16.93 -5.03
C SER C 577 11.10 15.47 -4.83
N PRO C 578 12.31 15.07 -5.27
CA PRO C 578 12.72 13.65 -5.14
C PRO C 578 12.83 13.07 -3.70
N THR C 579 12.77 13.92 -2.68
CA THR C 579 12.86 13.46 -1.29
C THR C 579 11.50 13.53 -0.60
N ARG C 580 10.47 13.89 -1.34
CA ARG C 580 9.14 14.00 -0.76
C ARG C 580 8.16 13.12 -1.53
N VAL C 581 7.77 12.03 -0.88
CA VAL C 581 6.94 11.03 -1.51
C VAL C 581 5.48 11.40 -1.29
N LEU C 582 4.91 12.20 -2.20
CA LEU C 582 3.61 12.84 -1.99
C LEU C 582 3.53 13.59 -0.64
N GLY C 583 4.49 14.47 -0.38
CA GLY C 583 4.54 15.23 0.87
C GLY C 583 5.49 14.64 1.88
N ASN C 584 5.35 15.09 3.11
CA ASN C 584 6.22 14.72 4.21
C ASN C 584 5.53 13.58 4.94
N LYS C 585 6.23 12.46 5.05
CA LYS C 585 5.68 11.22 5.62
C LYS C 585 6.24 10.88 7.00
N LYS C 586 6.71 11.90 7.74
CA LYS C 586 7.27 11.68 9.06
C LYS C 586 6.20 11.61 10.14
N GLY C 587 4.93 11.70 9.72
CA GLY C 587 3.81 11.55 10.65
C GLY C 587 3.83 10.25 11.47
N ILE C 588 3.41 10.35 12.73
CA ILE C 588 3.10 9.15 13.52
C ILE C 588 1.68 8.70 13.22
N PHE C 589 0.85 9.62 12.72
CA PHE C 589 -0.45 9.29 12.15
C PHE C 589 -0.39 9.53 10.65
N THR C 590 -1.17 8.76 9.92
CA THR C 590 -1.40 9.05 8.49
C THR C 590 -2.17 10.35 8.34
N ARG C 591 -2.22 10.87 7.11
CA ARG C 591 -2.94 12.11 6.85
C ARG C 591 -4.45 11.95 7.17
N GLN C 592 -4.93 10.70 7.19
CA GLN C 592 -6.32 10.39 7.50
C GLN C 592 -6.54 10.05 8.97
N ARG C 593 -5.57 10.42 9.80
CA ARG C 593 -5.68 10.34 11.27
C ARG C 593 -5.81 8.91 11.83
N GLN C 594 -5.07 7.97 11.23
CA GLN C 594 -4.85 6.65 11.82
C GLN C 594 -3.39 6.39 12.20
N PRO C 595 -3.18 5.62 13.29
CA PRO C 595 -1.84 5.49 13.80
C PRO C 595 -1.00 4.50 13.02
N LYS C 596 0.21 4.91 12.70
CA LYS C 596 1.21 3.97 12.25
C LYS C 596 1.66 3.25 13.52
N SER C 597 2.46 2.22 13.35
CA SER C 597 2.92 1.45 14.52
C SER C 597 3.70 2.28 15.56
N ALA C 598 4.53 3.22 15.08
CA ALA C 598 5.29 4.14 15.96
C ALA C 598 4.40 4.98 16.90
N ALA C 599 3.18 5.28 16.48
CA ALA C 599 2.26 6.05 17.31
C ALA C 599 2.07 5.39 18.68
N PHE C 600 1.95 4.06 18.68
CA PHE C 600 1.73 3.29 19.91
C PHE C 600 2.96 3.29 20.81
N LEU C 601 4.14 3.25 20.19
CA LEU C 601 5.42 3.34 20.90
C LEU C 601 5.53 4.67 21.66
N LEU C 602 5.28 5.77 20.95
CA LEU C 602 5.34 7.11 21.56
C LEU C 602 4.29 7.27 22.63
N ARG C 603 3.08 6.76 22.37
CA ARG C 603 2.00 6.81 23.35
C ARG C 603 2.42 6.19 24.68
N GLU C 604 3.02 5.01 24.61
CA GLU C 604 3.52 4.31 25.81
C GLU C 604 4.50 5.20 26.58
N ARG C 605 5.40 5.83 25.84
CA ARG C 605 6.40 6.71 26.45
C ARG C 605 5.75 7.89 27.15
N TYR C 606 4.79 8.52 26.48
CA TYR C 606 4.17 9.71 27.02
C TYR C 606 3.36 9.41 28.30
N TRP C 607 2.59 8.32 28.30
CA TRP C 607 1.90 7.92 29.52
C TRP C 607 2.86 7.50 30.64
N LYS C 608 3.97 6.86 30.28
CA LYS C 608 4.98 6.50 31.29
C LYS C 608 5.61 7.75 31.92
N ILE C 609 5.98 8.73 31.09
CA ILE C 609 6.57 9.98 31.60
C ILE C 609 5.58 10.75 32.46
N ALA C 610 4.35 10.85 31.97
CA ALA C 610 3.29 11.53 32.68
C ALA C 610 3.03 10.90 34.05
N ASN C 611 3.14 9.57 34.14
CA ASN C 611 2.89 8.84 35.38
C ASN C 611 4.04 8.91 36.38
N GLU C 612 5.23 9.35 35.95
CA GLU C 612 6.34 9.59 36.88
C GLU C 612 5.95 10.64 37.92
N THR C 613 4.90 11.40 37.58
CA THR C 613 4.08 12.21 38.49
C THR C 613 4.32 13.70 38.25
N LEU D 3 9.70 -51.69 -6.90
CA LEU D 3 8.54 -52.30 -6.21
C LEU D 3 8.66 -52.14 -4.69
N GLN D 4 7.73 -51.40 -4.10
CA GLN D 4 7.69 -51.12 -2.66
C GLN D 4 9.02 -50.51 -2.20
N GLY D 5 9.71 -51.15 -1.25
CA GLY D 5 11.11 -50.84 -0.97
C GLY D 5 11.33 -49.58 -0.17
N GLY D 6 12.59 -49.15 -0.10
CA GLY D 6 12.96 -47.95 0.63
C GLY D 6 12.83 -46.71 -0.22
N MET D 7 13.16 -45.58 0.39
CA MET D 7 13.12 -44.27 -0.27
C MET D 7 14.06 -43.31 0.48
N LEU D 8 15.31 -43.73 0.54
CA LEU D 8 16.35 -42.94 1.21
C LEU D 8 16.68 -41.70 0.38
N TYR D 9 16.86 -40.55 1.05
CA TYR D 9 17.22 -39.33 0.34
C TYR D 9 18.57 -39.52 -0.35
N PRO D 10 18.62 -39.33 -1.68
CA PRO D 10 19.89 -39.57 -2.36
C PRO D 10 21.05 -38.67 -1.90
N GLN D 11 22.24 -39.24 -1.88
CA GLN D 11 23.46 -38.53 -1.47
C GLN D 11 24.65 -39.09 -2.23
N GLU D 12 25.70 -38.29 -2.37
CA GLU D 12 26.94 -38.79 -2.92
C GLU D 12 27.65 -39.56 -1.82
N SER D 13 28.40 -40.58 -2.22
CA SER D 13 29.25 -41.34 -1.32
C SER D 13 30.31 -42.02 -2.18
N PRO D 14 31.25 -42.75 -1.56
CA PRO D 14 32.21 -43.48 -2.38
C PRO D 14 31.60 -44.40 -3.44
N SER D 15 30.39 -44.88 -3.21
CA SER D 15 29.73 -45.80 -4.13
C SER D 15 28.57 -45.18 -4.92
N ARG D 16 28.26 -43.91 -4.69
CA ARG D 16 27.07 -43.29 -5.29
C ARG D 16 27.34 -41.90 -5.86
N GLU D 17 26.81 -41.64 -7.06
CA GLU D 17 26.85 -40.34 -7.68
C GLU D 17 25.45 -39.76 -7.76
N CYS D 18 25.37 -38.43 -7.87
CA CYS D 18 24.10 -37.71 -8.08
C CYS D 18 24.28 -36.65 -9.17
N LYS D 19 23.36 -36.62 -10.12
CA LYS D 19 23.32 -35.61 -11.17
C LYS D 19 21.96 -34.93 -11.16
N GLU D 20 21.94 -33.66 -10.75
CA GLU D 20 20.71 -32.89 -10.68
C GLU D 20 20.23 -32.55 -12.09
N LEU D 21 18.93 -32.57 -12.30
CA LEU D 21 18.33 -32.24 -13.60
C LEU D 21 17.51 -30.96 -13.51
N ASP D 22 17.87 -30.05 -12.62
CA ASP D 22 17.15 -28.80 -12.47
C ASP D 22 17.53 -27.79 -13.56
N GLY D 23 16.68 -26.79 -13.77
CA GLY D 23 16.84 -25.80 -14.84
C GLY D 23 15.68 -25.85 -15.84
N LEU D 24 15.98 -25.61 -17.11
CA LEU D 24 14.93 -25.54 -18.14
C LEU D 24 14.49 -26.92 -18.68
N TRP D 25 13.19 -27.17 -18.65
CA TRP D 25 12.58 -28.29 -19.33
C TRP D 25 11.64 -27.72 -20.39
N SER D 26 11.37 -28.48 -21.44
CA SER D 26 10.38 -28.09 -22.44
C SER D 26 9.02 -28.46 -21.89
N PHE D 27 8.00 -27.70 -22.29
CA PHE D 27 6.70 -27.78 -21.63
C PHE D 27 5.56 -27.48 -22.60
N ARG D 28 4.49 -28.26 -22.49
CA ARG D 28 3.24 -27.99 -23.18
C ARG D 28 2.09 -28.42 -22.26
N ALA D 29 1.12 -27.55 -22.07
CA ALA D 29 -0.13 -27.91 -21.42
C ALA D 29 -1.01 -28.48 -22.53
N ASP D 30 -1.77 -29.56 -22.25
CA ASP D 30 -2.68 -30.16 -23.24
C ASP D 30 -4.10 -29.59 -23.09
N PHE D 31 -4.38 -28.52 -23.85
CA PHE D 31 -5.65 -27.78 -23.80
C PHE D 31 -6.77 -28.43 -24.64
N SER D 32 -6.55 -29.65 -25.14
CA SER D 32 -7.58 -30.33 -25.92
C SER D 32 -8.87 -30.50 -25.09
N ASP D 33 -10.03 -30.41 -25.74
CA ASP D 33 -11.31 -30.50 -25.03
C ASP D 33 -11.44 -31.75 -24.17
N ASN D 34 -11.02 -32.91 -24.70
CA ASN D 34 -11.06 -34.15 -23.92
C ASN D 34 -9.79 -34.35 -23.10
N ARG D 35 -8.90 -33.36 -23.13
CA ARG D 35 -7.68 -33.33 -22.30
C ARG D 35 -6.70 -34.51 -22.50
N ARG D 36 -6.86 -35.29 -23.56
CA ARG D 36 -5.99 -36.45 -23.76
C ARG D 36 -5.41 -36.58 -25.19
N ARG D 37 -5.45 -35.50 -25.96
CA ARG D 37 -4.74 -35.43 -27.26
C ARG D 37 -3.30 -35.94 -27.17
N GLY D 38 -2.61 -35.61 -26.09
CA GLY D 38 -1.24 -36.04 -25.91
C GLY D 38 -1.10 -37.56 -25.90
N PHE D 39 -2.10 -38.25 -25.37
CA PHE D 39 -2.09 -39.70 -25.41
C PHE D 39 -2.62 -40.22 -26.73
N GLU D 40 -3.56 -39.49 -27.32
CA GLU D 40 -4.11 -39.85 -28.63
C GLU D 40 -3.03 -39.84 -29.71
N GLU D 41 -2.23 -38.78 -29.70
CA GLU D 41 -1.15 -38.61 -30.65
C GLU D 41 0.18 -39.18 -30.13
N GLN D 42 0.17 -39.76 -28.94
CA GLN D 42 1.35 -40.39 -28.36
C GLN D 42 2.59 -39.47 -28.45
N TRP D 43 2.46 -38.27 -27.88
CA TRP D 43 3.55 -37.31 -27.90
C TRP D 43 4.87 -37.89 -27.41
N TYR D 44 4.79 -38.74 -26.40
CA TYR D 44 5.97 -39.35 -25.76
C TYR D 44 6.88 -40.15 -26.71
N ARG D 45 6.38 -40.57 -27.86
CA ARG D 45 7.16 -41.43 -28.76
C ARG D 45 8.31 -40.68 -29.44
N ARG D 46 8.19 -39.36 -29.50
CA ARG D 46 9.17 -38.51 -30.17
C ARG D 46 9.44 -37.28 -29.32
N PRO D 47 10.56 -36.60 -29.58
CA PRO D 47 10.79 -35.34 -28.88
C PRO D 47 9.55 -34.46 -28.93
N LEU D 48 9.28 -33.79 -27.81
CA LEU D 48 8.04 -33.04 -27.64
C LEU D 48 7.86 -31.95 -28.71
N TRP D 49 8.94 -31.27 -29.10
CA TRP D 49 8.83 -30.20 -30.10
C TRP D 49 8.29 -30.68 -31.44
N GLU D 50 8.39 -31.97 -31.72
CA GLU D 50 7.91 -32.50 -32.99
C GLU D 50 6.39 -32.51 -33.10
N SER D 51 5.67 -32.55 -31.98
CA SER D 51 4.21 -32.60 -32.03
C SER D 51 3.52 -31.25 -31.82
N GLY D 52 4.30 -30.17 -31.74
CA GLY D 52 3.73 -28.83 -31.65
C GLY D 52 4.63 -27.88 -30.86
N PRO D 53 4.21 -26.60 -30.77
CA PRO D 53 4.90 -25.59 -29.98
C PRO D 53 5.17 -26.03 -28.55
N THR D 54 6.30 -25.61 -28.01
CA THR D 54 6.63 -25.81 -26.61
C THR D 54 7.14 -24.50 -26.03
N VAL D 55 7.18 -24.44 -24.70
CA VAL D 55 7.78 -23.32 -23.97
C VAL D 55 8.74 -23.83 -22.91
N ASP D 56 9.64 -22.97 -22.43
CA ASP D 56 10.52 -23.29 -21.33
C ASP D 56 9.73 -23.28 -20.06
N MET D 57 10.01 -24.25 -19.18
CA MET D 57 9.44 -24.24 -17.84
C MET D 57 10.53 -24.64 -16.89
N PRO D 58 10.81 -23.80 -15.89
CA PRO D 58 11.86 -24.06 -14.91
C PRO D 58 11.47 -25.18 -13.99
N VAL D 59 12.45 -25.97 -13.57
CA VAL D 59 12.27 -27.03 -12.59
C VAL D 59 13.42 -26.92 -11.57
N PRO D 60 13.10 -26.91 -10.27
CA PRO D 60 11.77 -26.97 -9.66
C PRO D 60 11.00 -25.66 -9.68
N SER D 61 9.67 -25.77 -9.86
CA SER D 61 8.76 -24.64 -9.85
C SER D 61 7.35 -25.17 -10.05
N SER D 62 6.37 -24.42 -9.61
CA SER D 62 5.01 -24.62 -10.09
C SER D 62 4.95 -23.91 -11.45
N PHE D 63 4.13 -24.40 -12.37
CA PHE D 63 3.99 -23.74 -13.67
C PHE D 63 3.01 -22.58 -13.66
N ASN D 64 2.22 -22.45 -12.60
CA ASN D 64 0.99 -21.66 -12.70
C ASN D 64 1.18 -20.18 -12.83
N ASP D 65 2.26 -19.64 -12.25
CA ASP D 65 2.51 -18.20 -12.26
C ASP D 65 3.70 -17.78 -13.13
N ILE D 66 4.24 -18.73 -13.92
CA ILE D 66 5.44 -18.45 -14.73
C ILE D 66 5.10 -17.69 -16.01
N SER D 67 3.93 -17.96 -16.58
CA SER D 67 3.55 -17.38 -17.87
C SER D 67 2.57 -16.22 -17.74
N GLN D 68 2.34 -15.56 -18.87
CA GLN D 68 1.27 -14.56 -18.99
C GLN D 68 0.06 -15.11 -19.73
N ASP D 69 0.05 -16.43 -19.98
CA ASP D 69 -1.08 -17.06 -20.63
C ASP D 69 -2.24 -17.14 -19.64
N TRP D 70 -3.35 -16.50 -19.98
CA TRP D 70 -4.51 -16.47 -19.07
C TRP D 70 -5.10 -17.88 -18.80
N ARG D 71 -4.81 -18.85 -19.66
CA ARG D 71 -5.38 -20.21 -19.59
C ARG D 71 -4.65 -21.15 -18.64
N LEU D 72 -3.39 -20.84 -18.37
CA LEU D 72 -2.50 -21.81 -17.74
C LEU D 72 -2.67 -21.86 -16.24
N ARG D 73 -2.79 -20.69 -15.58
CA ARG D 73 -2.79 -20.67 -14.11
C ARG D 73 -3.86 -21.60 -13.54
N HIS D 74 -5.05 -21.56 -14.13
CA HIS D 74 -6.18 -22.32 -13.64
C HIS D 74 -6.45 -23.59 -14.45
N PHE D 75 -5.48 -24.00 -15.26
CA PHE D 75 -5.60 -25.21 -16.08
C PHE D 75 -5.80 -26.50 -15.26
N VAL D 76 -6.74 -27.34 -15.72
CA VAL D 76 -6.99 -28.64 -15.14
C VAL D 76 -6.82 -29.66 -16.24
N GLY D 77 -5.91 -30.62 -16.04
CA GLY D 77 -5.62 -31.62 -17.08
C GLY D 77 -4.19 -32.10 -16.98
N TRP D 78 -3.64 -32.49 -18.12
CA TRP D 78 -2.27 -32.99 -18.22
C TRP D 78 -1.33 -31.89 -18.76
N VAL D 79 -0.22 -31.68 -18.06
CA VAL D 79 0.91 -30.91 -18.61
C VAL D 79 2.04 -31.88 -18.92
N TRP D 80 2.78 -31.59 -19.97
CA TRP D 80 3.86 -32.44 -20.43
C TRP D 80 5.19 -31.70 -20.30
N TYR D 81 6.15 -32.36 -19.65
CA TYR D 81 7.51 -31.86 -19.47
C TYR D 81 8.49 -32.79 -20.19
N GLU D 82 9.59 -32.23 -20.69
CA GLU D 82 10.64 -33.04 -21.26
C GLU D 82 12.03 -32.42 -21.12
N ARG D 83 13.00 -33.27 -20.82
CA ARG D 83 14.41 -32.91 -20.72
C ARG D 83 15.25 -33.96 -21.47
N GLU D 84 16.28 -33.51 -22.19
CA GLU D 84 17.25 -34.44 -22.75
C GLU D 84 18.54 -34.34 -21.93
N VAL D 85 19.18 -35.48 -21.66
CA VAL D 85 20.36 -35.56 -20.79
C VAL D 85 21.44 -36.36 -21.48
N ILE D 86 22.69 -35.89 -21.41
CA ILE D 86 23.84 -36.68 -21.83
C ILE D 86 24.45 -37.31 -20.59
N LEU D 87 24.39 -38.64 -20.49
CA LEU D 87 24.86 -39.35 -19.30
C LEU D 87 26.35 -39.62 -19.41
N PRO D 88 27.06 -39.70 -18.27
CA PRO D 88 28.44 -40.14 -18.29
C PRO D 88 28.59 -41.52 -18.94
N GLU D 89 29.64 -41.68 -19.75
CA GLU D 89 29.94 -42.92 -20.45
C GLU D 89 29.95 -44.17 -19.54
N ARG D 90 30.60 -44.04 -18.39
CA ARG D 90 30.72 -45.15 -17.44
C ARG D 90 29.37 -45.66 -16.93
N TRP D 91 28.38 -44.76 -16.85
CA TRP D 91 27.03 -45.20 -16.46
C TRP D 91 26.43 -46.14 -17.49
N THR D 92 26.59 -45.78 -18.76
CA THR D 92 25.94 -46.48 -19.86
C THR D 92 26.72 -47.71 -20.33
N GLN D 93 28.02 -47.74 -20.08
CA GLN D 93 28.89 -48.83 -20.56
C GLN D 93 29.29 -49.83 -19.47
N ASP D 94 29.41 -49.38 -18.21
CA ASP D 94 29.73 -50.29 -17.11
C ASP D 94 28.48 -50.85 -16.44
N LEU D 95 28.21 -52.13 -16.67
CA LEU D 95 26.98 -52.79 -16.21
C LEU D 95 26.91 -53.00 -14.69
N ARG D 96 28.01 -52.76 -14.00
CA ARG D 96 28.01 -52.74 -12.53
C ARG D 96 27.25 -51.53 -11.96
N THR D 97 26.94 -50.56 -12.82
CA THR D 97 26.24 -49.33 -12.42
C THR D 97 24.73 -49.53 -12.44
N ARG D 98 24.09 -49.24 -11.31
CA ARG D 98 22.64 -49.12 -11.24
C ARG D 98 22.30 -47.64 -11.36
N VAL D 99 21.48 -47.29 -12.36
CA VAL D 99 21.06 -45.90 -12.60
C VAL D 99 19.59 -45.71 -12.21
N VAL D 100 19.33 -44.72 -11.35
CA VAL D 100 17.98 -44.46 -10.85
C VAL D 100 17.50 -43.06 -11.22
N LEU D 101 16.28 -42.99 -11.74
CA LEU D 101 15.59 -41.71 -11.95
C LEU D 101 14.65 -41.45 -10.77
N ARG D 102 14.89 -40.33 -10.08
CA ARG D 102 14.13 -39.91 -8.89
C ARG D 102 13.40 -38.59 -9.14
N ILE D 103 12.08 -38.62 -8.93
CA ILE D 103 11.21 -37.44 -9.01
C ILE D 103 10.79 -37.04 -7.60
N GLY D 104 11.11 -35.81 -7.20
CA GLY D 104 10.87 -35.35 -5.81
C GLY D 104 9.40 -35.32 -5.45
N SER D 105 8.58 -34.86 -6.40
CA SER D 105 7.12 -34.91 -6.30
C SER D 105 6.51 -34.58 -7.67
N ALA D 106 5.21 -34.78 -7.78
CA ALA D 106 4.42 -34.46 -8.97
C ALA D 106 3.05 -33.94 -8.53
N HIS D 107 1.98 -34.67 -8.82
CA HIS D 107 0.64 -34.26 -8.43
C HIS D 107 -0.29 -35.49 -8.44
N SER D 108 -1.57 -35.30 -8.74
CA SER D 108 -2.55 -36.39 -8.65
C SER D 108 -2.11 -37.63 -9.41
N TYR D 109 -1.60 -37.44 -10.63
CA TYR D 109 -0.98 -38.52 -11.39
C TYR D 109 0.23 -38.06 -12.18
N ALA D 110 1.21 -38.94 -12.30
CA ALA D 110 2.39 -38.71 -13.13
C ALA D 110 2.76 -39.98 -13.87
N ILE D 111 3.08 -39.84 -15.15
CA ILE D 111 3.65 -40.92 -15.97
C ILE D 111 4.98 -40.46 -16.53
N VAL D 112 5.98 -41.33 -16.46
CA VAL D 112 7.31 -41.02 -16.93
C VAL D 112 7.72 -42.01 -18.03
N TRP D 113 8.11 -41.45 -19.17
CA TRP D 113 8.71 -42.20 -20.26
C TRP D 113 10.21 -41.90 -20.36
N VAL D 114 10.99 -42.94 -20.65
CA VAL D 114 12.41 -42.82 -20.87
C VAL D 114 12.67 -43.32 -22.28
N ASN D 115 13.16 -42.42 -23.14
CA ASN D 115 13.30 -42.69 -24.56
C ASN D 115 12.03 -43.28 -25.16
N GLY D 116 10.89 -42.70 -24.76
CA GLY D 116 9.58 -43.08 -25.30
C GLY D 116 8.96 -44.33 -24.70
N VAL D 117 9.64 -44.94 -23.74
CA VAL D 117 9.16 -46.17 -23.09
C VAL D 117 8.60 -45.84 -21.72
N ASP D 118 7.36 -46.26 -21.42
CA ASP D 118 6.78 -45.98 -20.10
C ASP D 118 7.54 -46.77 -19.04
N THR D 119 8.01 -46.10 -17.99
CA THR D 119 8.88 -46.75 -17.02
C THR D 119 8.49 -46.51 -15.56
N LEU D 120 7.61 -45.53 -15.32
CA LEU D 120 7.33 -45.11 -13.96
C LEU D 120 6.04 -44.30 -13.89
N GLU D 121 5.21 -44.65 -12.92
CA GLU D 121 3.98 -43.92 -12.63
C GLU D 121 3.88 -43.70 -11.12
N HIS D 122 3.14 -42.68 -10.73
CA HIS D 122 2.87 -42.40 -9.32
C HIS D 122 1.58 -41.61 -9.14
N GLU D 123 0.87 -41.92 -8.07
CA GLU D 123 -0.40 -41.29 -7.73
C GLU D 123 -0.18 -40.49 -6.47
N GLY D 124 -0.52 -39.20 -6.53
CA GLY D 124 -0.53 -38.34 -5.36
C GLY D 124 0.64 -37.38 -5.33
N GLY D 125 0.41 -36.19 -4.82
CA GLY D 125 1.44 -35.16 -4.79
C GLY D 125 2.26 -35.15 -3.51
N TYR D 126 3.31 -34.32 -3.50
CA TYR D 126 4.08 -34.02 -2.31
C TYR D 126 4.99 -35.15 -1.84
N LEU D 127 5.16 -36.20 -2.64
CA LEU D 127 5.94 -37.39 -2.25
C LEU D 127 6.79 -37.93 -3.39
N PRO D 128 8.01 -38.40 -3.08
CA PRO D 128 8.95 -38.83 -4.12
C PRO D 128 8.61 -40.21 -4.71
N PHE D 129 9.07 -40.42 -5.94
CA PHE D 129 8.97 -41.72 -6.59
C PHE D 129 10.18 -41.89 -7.50
N GLU D 130 10.58 -43.14 -7.73
CA GLU D 130 11.76 -43.43 -8.54
C GLU D 130 11.64 -44.73 -9.31
N ALA D 131 12.52 -44.91 -10.30
CA ALA D 131 12.59 -46.16 -11.05
C ALA D 131 14.06 -46.39 -11.42
N ASP D 132 14.47 -47.66 -11.33
CA ASP D 132 15.77 -48.11 -11.84
C ASP D 132 15.71 -48.16 -13.36
N ILE D 133 16.51 -47.33 -14.03
CA ILE D 133 16.46 -47.24 -15.50
C ILE D 133 17.70 -47.84 -16.17
N SER D 134 18.47 -48.62 -15.43
CA SER D 134 19.72 -49.15 -15.92
C SER D 134 19.58 -49.81 -17.29
N ASN D 135 18.59 -50.68 -17.42
CA ASN D 135 18.38 -51.41 -18.66
C ASN D 135 18.09 -50.50 -19.85
N LEU D 136 17.44 -49.36 -19.59
CA LEU D 136 17.05 -48.41 -20.65
C LEU D 136 18.23 -47.56 -21.14
N VAL D 137 19.20 -47.31 -20.26
CA VAL D 137 20.36 -46.50 -20.62
C VAL D 137 21.58 -47.34 -20.96
N GLN D 138 21.58 -48.61 -20.56
CA GLN D 138 22.68 -49.52 -20.85
C GLN D 138 22.34 -50.33 -22.10
N VAL D 139 22.52 -49.65 -23.24
CA VAL D 139 22.08 -50.09 -24.55
C VAL D 139 20.95 -51.12 -24.51
N SER D 144 24.71 -41.62 -27.01
CA SER D 144 23.28 -41.34 -27.11
C SER D 144 22.86 -40.29 -26.09
N ARG D 145 21.59 -39.93 -26.07
CA ARG D 145 21.04 -39.00 -25.08
C ARG D 145 19.71 -39.47 -24.52
N LEU D 146 19.64 -39.51 -23.19
CA LEU D 146 18.43 -39.87 -22.46
C LEU D 146 17.37 -38.77 -22.61
N ARG D 147 16.20 -39.15 -23.10
CA ARG D 147 15.06 -38.25 -23.16
C ARG D 147 14.08 -38.66 -22.07
N ILE D 148 13.78 -37.74 -21.16
CA ILE D 148 12.86 -37.98 -20.06
C ILE D 148 11.59 -37.16 -20.29
N THR D 149 10.46 -37.86 -20.42
CA THR D 149 9.18 -37.22 -20.61
C THR D 149 8.29 -37.52 -19.42
N ILE D 150 7.65 -36.48 -18.89
CA ILE D 150 6.80 -36.62 -17.72
C ILE D 150 5.48 -35.93 -17.98
N ALA D 151 4.39 -36.69 -17.91
CA ALA D 151 3.04 -36.10 -18.00
C ALA D 151 2.46 -36.08 -16.59
N ILE D 152 1.94 -34.92 -16.19
CA ILE D 152 1.39 -34.73 -14.84
C ILE D 152 -0.05 -34.24 -14.92
N ASN D 153 -0.93 -34.94 -14.20
CA ASN D 153 -2.36 -34.58 -14.13
C ASN D 153 -2.63 -33.96 -12.76
N ASN D 154 -3.33 -32.82 -12.75
CA ASN D 154 -3.56 -32.05 -11.53
C ASN D 154 -5.02 -32.10 -11.06
N THR D 155 -5.78 -33.03 -11.62
CA THR D 155 -7.20 -33.15 -11.29
C THR D 155 -7.38 -33.84 -9.94
N LEU D 156 -8.11 -33.20 -9.04
CA LEU D 156 -8.42 -33.78 -7.74
C LEU D 156 -9.80 -34.41 -7.83
N THR D 157 -9.99 -35.49 -7.07
CA THR D 157 -11.18 -36.33 -7.17
C THR D 157 -11.67 -36.72 -5.77
N PRO D 158 -12.88 -37.32 -5.68
CA PRO D 158 -13.30 -37.85 -4.37
C PRO D 158 -12.37 -38.87 -3.73
N THR D 159 -11.37 -39.36 -4.45
CA THR D 159 -10.44 -40.36 -3.91
C THR D 159 -8.97 -39.93 -3.97
N THR D 160 -8.72 -38.64 -4.21
CA THR D 160 -7.36 -38.08 -4.05
C THR D 160 -7.22 -37.41 -2.69
N LEU D 161 -5.97 -37.17 -2.32
CA LEU D 161 -5.61 -36.38 -1.14
C LEU D 161 -4.65 -35.27 -1.57
N PRO D 162 -5.08 -34.01 -1.48
CA PRO D 162 -6.43 -33.63 -1.05
C PRO D 162 -7.50 -34.03 -2.06
N PRO D 163 -8.74 -34.25 -1.59
CA PRO D 163 -9.81 -34.54 -2.53
C PRO D 163 -10.37 -33.31 -3.21
N GLY D 164 -11.19 -33.54 -4.24
CA GLY D 164 -11.85 -32.46 -4.95
C GLY D 164 -12.94 -33.04 -5.81
N THR D 165 -13.71 -32.17 -6.47
CA THR D 165 -14.73 -32.64 -7.45
C THR D 165 -14.61 -31.79 -8.72
N ILE D 166 -15.14 -32.32 -9.82
CA ILE D 166 -15.22 -31.57 -11.09
C ILE D 166 -16.69 -31.34 -11.40
N GLN D 167 -17.03 -30.09 -11.72
CA GLN D 167 -18.42 -29.74 -12.05
C GLN D 167 -18.49 -29.26 -13.49
N TYR D 168 -19.17 -30.03 -14.33
CA TYR D 168 -19.52 -29.58 -15.67
C TYR D 168 -20.81 -28.78 -15.55
N LEU D 169 -20.77 -27.54 -16.03
CA LEU D 169 -21.95 -26.66 -16.00
C LEU D 169 -22.46 -26.47 -17.43
N THR D 170 -23.58 -27.14 -17.73
CA THR D 170 -24.06 -27.28 -19.09
C THR D 170 -25.16 -26.29 -19.50
N ASP D 171 -25.54 -25.36 -18.62
CA ASP D 171 -26.45 -24.28 -18.98
C ASP D 171 -25.72 -23.28 -19.88
N THR D 172 -25.87 -23.44 -21.19
CA THR D 172 -25.11 -22.60 -22.12
C THR D 172 -25.61 -21.14 -22.21
N SER D 173 -26.66 -20.78 -21.46
CA SER D 173 -27.05 -19.37 -21.34
C SER D 173 -26.19 -18.64 -20.30
N LYS D 174 -25.49 -19.41 -19.47
CA LYS D 174 -24.62 -18.84 -18.42
C LYS D 174 -23.15 -19.25 -18.59
N TYR D 175 -22.89 -20.39 -19.24
CA TYR D 175 -21.52 -20.89 -19.38
C TYR D 175 -21.25 -21.40 -20.79
N PRO D 176 -20.04 -21.13 -21.31
CA PRO D 176 -19.76 -21.63 -22.67
C PRO D 176 -19.73 -23.16 -22.73
N LYS D 177 -19.99 -23.69 -23.93
CA LYS D 177 -19.99 -25.13 -24.16
C LYS D 177 -18.69 -25.75 -23.62
N GLY D 178 -18.85 -26.78 -22.78
CA GLY D 178 -17.71 -27.52 -22.24
C GLY D 178 -17.18 -27.04 -20.91
N TYR D 179 -17.74 -25.96 -20.39
CA TYR D 179 -17.27 -25.35 -19.13
C TYR D 179 -17.29 -26.33 -17.96
N PHE D 180 -16.16 -26.40 -17.26
CA PHE D 180 -16.12 -27.10 -15.98
C PHE D 180 -15.15 -26.41 -15.04
N VAL D 181 -15.33 -26.70 -13.76
CA VAL D 181 -14.47 -26.16 -12.74
C VAL D 181 -14.11 -27.26 -11.75
N GLN D 182 -12.96 -27.08 -11.13
CA GLN D 182 -12.50 -27.88 -10.02
C GLN D 182 -12.97 -27.23 -8.72
N ASN D 183 -13.76 -27.98 -7.93
CA ASN D 183 -14.16 -27.59 -6.58
C ASN D 183 -13.20 -28.19 -5.58
N THR D 184 -12.85 -27.39 -4.57
CA THR D 184 -11.98 -27.86 -3.49
C THR D 184 -12.47 -27.27 -2.18
N TYR D 185 -12.03 -27.85 -1.08
CA TYR D 185 -12.50 -27.44 0.25
C TYR D 185 -11.33 -27.24 1.21
N PHE D 186 -10.18 -26.88 0.62
CA PHE D 186 -8.98 -26.54 1.36
C PHE D 186 -8.53 -25.13 0.97
N ASP D 187 -7.90 -24.47 1.93
CA ASP D 187 -7.53 -23.04 1.79
C ASP D 187 -6.07 -22.79 1.32
N PHE D 188 -5.74 -23.34 0.16
CA PHE D 188 -4.47 -23.03 -0.49
C PHE D 188 -4.57 -23.37 -1.97
N PHE D 189 -3.85 -22.64 -2.81
CA PHE D 189 -4.00 -22.81 -4.25
C PHE D 189 -3.40 -24.13 -4.71
N ASN D 190 -4.11 -24.81 -5.60
CA ASN D 190 -3.70 -26.12 -6.07
C ASN D 190 -2.68 -25.98 -7.22
N TYR D 191 -1.56 -25.32 -6.91
CA TYR D 191 -0.39 -25.27 -7.78
C TYR D 191 0.01 -26.65 -8.25
N ALA D 192 0.61 -26.70 -9.43
CA ALA D 192 1.12 -27.94 -9.98
C ALA D 192 2.41 -27.70 -10.76
N GLY D 193 3.13 -28.81 -10.99
CA GLY D 193 4.34 -28.83 -11.78
C GLY D 193 5.36 -29.80 -11.22
N LEU D 194 6.60 -29.67 -11.70
CA LEU D 194 7.73 -30.37 -11.09
C LEU D 194 8.28 -29.39 -10.06
N GLN D 195 7.65 -29.41 -8.89
CA GLN D 195 7.89 -28.44 -7.82
C GLN D 195 9.05 -28.78 -6.88
N ARG D 196 9.62 -29.98 -7.05
CA ARG D 196 10.82 -30.41 -6.31
C ARG D 196 11.82 -31.00 -7.26
N SER D 197 13.08 -31.09 -6.79
CA SER D 197 14.21 -31.47 -7.63
C SER D 197 14.02 -32.84 -8.27
N VAL D 198 14.37 -32.92 -9.55
CA VAL D 198 14.48 -34.18 -10.26
C VAL D 198 15.98 -34.41 -10.42
N LEU D 199 16.38 -35.66 -10.25
CA LEU D 199 17.78 -36.03 -10.35
C LEU D 199 17.94 -37.48 -10.81
N LEU D 200 19.11 -37.77 -11.36
CA LEU D 200 19.55 -39.14 -11.60
C LEU D 200 20.57 -39.47 -10.52
N TYR D 201 20.61 -40.72 -10.08
CA TYR D 201 21.69 -41.14 -9.17
C TYR D 201 22.11 -42.57 -9.41
N THR D 202 23.30 -42.94 -8.91
CA THR D 202 23.83 -44.29 -9.09
C THR D 202 24.09 -44.98 -7.77
N THR D 203 23.94 -46.31 -7.80
CA THR D 203 24.42 -47.21 -6.74
C THR D 203 25.02 -48.46 -7.42
N PRO D 204 25.72 -49.31 -6.64
CA PRO D 204 26.04 -50.63 -7.20
C PRO D 204 24.75 -51.45 -7.40
N THR D 205 24.83 -52.57 -8.13
CA THR D 205 23.63 -53.38 -8.42
C THR D 205 23.08 -54.14 -7.18
N THR D 206 23.94 -54.38 -6.18
CA THR D 206 23.48 -54.74 -4.84
C THR D 206 23.76 -53.54 -3.96
N TYR D 207 22.75 -53.13 -3.18
CA TYR D 207 22.78 -51.83 -2.53
C TYR D 207 21.93 -51.76 -1.27
N ILE D 208 22.23 -50.74 -0.47
CA ILE D 208 21.47 -50.40 0.72
C ILE D 208 20.17 -49.77 0.29
N ASP D 209 19.06 -50.47 0.50
CA ASP D 209 17.76 -50.01 0.00
C ASP D 209 16.95 -49.25 1.03
N ASP D 210 17.07 -49.61 2.30
CA ASP D 210 16.26 -48.99 3.35
C ASP D 210 16.97 -49.05 4.69
N ILE D 211 16.77 -48.02 5.51
CA ILE D 211 17.32 -47.99 6.86
C ILE D 211 16.22 -47.50 7.77
N THR D 212 16.08 -48.10 8.93
CA THR D 212 15.17 -47.60 9.97
C THR D 212 15.96 -47.49 11.24
N VAL D 213 15.94 -46.29 11.82
CA VAL D 213 16.57 -46.08 13.12
C VAL D 213 15.58 -45.57 14.16
N THR D 214 15.65 -46.12 15.35
CA THR D 214 14.97 -45.55 16.51
C THR D 214 15.93 -45.46 17.66
N THR D 215 15.70 -44.47 18.52
CA THR D 215 16.67 -44.09 19.56
C THR D 215 15.98 -43.94 20.91
N SER D 216 16.69 -44.32 21.97
CA SER D 216 16.17 -44.18 23.33
C SER D 216 17.35 -43.91 24.25
N VAL D 217 17.06 -43.70 25.53
CA VAL D 217 18.08 -43.35 26.50
C VAL D 217 18.02 -44.32 27.69
N GLU D 218 19.18 -44.64 28.25
CA GLU D 218 19.24 -45.30 29.54
C GLU D 218 20.40 -44.67 30.29
N GLN D 219 20.14 -44.24 31.52
CA GLN D 219 21.08 -43.45 32.29
C GLN D 219 21.58 -42.30 31.42
N ASP D 220 22.90 -42.14 31.29
CA ASP D 220 23.45 -41.07 30.45
C ASP D 220 24.00 -41.65 29.14
N SER D 221 23.44 -42.79 28.72
CA SER D 221 23.83 -43.44 27.48
C SER D 221 22.71 -43.33 26.46
N GLY D 222 23.09 -43.39 25.19
CA GLY D 222 22.12 -43.44 24.09
C GLY D 222 22.08 -44.83 23.50
N LEU D 223 20.88 -45.25 23.09
CA LEU D 223 20.69 -46.52 22.40
C LEU D 223 20.19 -46.23 21.00
N VAL D 224 20.89 -46.76 20.00
CA VAL D 224 20.51 -46.58 18.59
C VAL D 224 20.19 -47.95 17.97
N ASN D 225 18.92 -48.18 17.72
CA ASN D 225 18.45 -49.41 17.08
C ASN D 225 18.45 -49.24 15.58
N TYR D 226 19.10 -50.14 14.85
CA TYR D 226 19.11 -50.05 13.38
C TYR D 226 18.54 -51.30 12.72
N GLN D 227 17.89 -51.08 11.57
CA GLN D 227 17.40 -52.13 10.70
C GLN D 227 17.75 -51.70 9.29
N ILE D 228 18.33 -52.62 8.52
CA ILE D 228 18.83 -52.26 7.19
C ILE D 228 18.36 -53.32 6.20
N SER D 229 17.83 -52.88 5.06
CA SER D 229 17.45 -53.80 4.00
C SER D 229 18.35 -53.60 2.79
N VAL D 230 18.78 -54.73 2.21
CA VAL D 230 19.71 -54.74 1.08
C VAL D 230 19.04 -55.46 -0.08
N LYS D 231 19.10 -54.86 -1.28
CA LYS D 231 18.54 -55.50 -2.46
C LYS D 231 19.64 -55.85 -3.47
N GLY D 232 19.38 -56.88 -4.27
CA GLY D 232 20.24 -57.26 -5.40
C GLY D 232 20.84 -58.64 -5.27
N SER D 233 21.54 -58.87 -4.16
CA SER D 233 22.24 -60.11 -3.88
C SER D 233 21.98 -60.46 -2.43
N ASN D 234 21.92 -61.76 -2.12
CA ASN D 234 21.69 -62.22 -0.75
C ASN D 234 22.96 -62.64 -0.03
N LEU D 235 24.11 -62.55 -0.73
CA LEU D 235 25.41 -62.82 -0.13
C LEU D 235 26.13 -61.52 0.16
N PHE D 236 26.09 -61.09 1.42
CA PHE D 236 26.70 -59.83 1.80
C PHE D 236 26.94 -59.72 3.30
N LYS D 237 27.78 -58.74 3.67
CA LYS D 237 27.97 -58.37 5.07
C LYS D 237 27.80 -56.85 5.23
N LEU D 238 27.29 -56.47 6.40
CA LEU D 238 27.09 -55.06 6.75
C LEU D 238 27.92 -54.66 7.95
N GLU D 239 28.59 -53.52 7.85
CA GLU D 239 29.23 -52.89 8.99
C GLU D 239 28.55 -51.54 9.22
N VAL D 240 28.32 -51.22 10.49
CA VAL D 240 27.68 -49.97 10.84
C VAL D 240 28.46 -49.28 11.94
N ARG D 241 28.73 -48.00 11.75
CA ARG D 241 29.43 -47.20 12.73
C ARG D 241 28.60 -45.95 13.03
N LEU D 242 28.61 -45.52 14.29
CA LEU D 242 28.03 -44.23 14.67
C LEU D 242 29.16 -43.23 14.87
N LEU D 243 29.11 -42.12 14.15
CA LEU D 243 30.14 -41.11 14.23
C LEU D 243 29.56 -39.92 14.97
N ASP D 244 30.36 -39.33 15.86
CA ASP D 244 29.95 -38.13 16.57
C ASP D 244 30.08 -36.89 15.66
N ALA D 245 29.85 -35.71 16.22
CA ALA D 245 29.78 -34.48 15.43
C ALA D 245 31.11 -34.14 14.74
N GLU D 246 32.22 -34.63 15.31
CA GLU D 246 33.55 -34.51 14.72
C GLU D 246 33.98 -35.82 14.04
N ASN D 247 33.02 -36.53 13.44
CA ASN D 247 33.28 -37.80 12.74
C ASN D 247 34.20 -38.83 13.44
N LYS D 248 34.21 -38.80 14.77
CA LYS D 248 34.91 -39.82 15.55
C LYS D 248 33.91 -40.93 15.83
N VAL D 249 34.34 -42.18 15.60
CA VAL D 249 33.50 -43.34 15.83
C VAL D 249 33.31 -43.55 17.33
N VAL D 250 32.05 -43.57 17.77
CA VAL D 250 31.71 -43.76 19.18
C VAL D 250 30.99 -45.10 19.44
N ALA D 251 30.58 -45.78 18.36
CA ALA D 251 29.94 -47.09 18.48
C ALA D 251 29.90 -47.80 17.14
N ASN D 252 29.87 -49.13 17.17
CA ASN D 252 29.81 -49.88 15.92
C ASN D 252 29.20 -51.27 16.05
N GLY D 253 28.73 -51.80 14.93
CA GLY D 253 28.05 -53.07 14.90
C GLY D 253 28.08 -53.69 13.52
N THR D 254 27.34 -54.77 13.35
CA THR D 254 27.26 -55.48 12.08
C THR D 254 25.83 -55.96 11.84
N GLY D 255 25.60 -56.55 10.67
CA GLY D 255 24.37 -57.24 10.39
C GLY D 255 23.27 -56.31 9.91
N THR D 256 22.14 -56.91 9.56
CA THR D 256 20.99 -56.18 9.07
C THR D 256 20.15 -55.59 10.19
N GLN D 257 20.46 -55.96 11.43
CA GLN D 257 19.84 -55.29 12.59
C GLN D 257 20.75 -55.38 13.82
N GLY D 258 20.52 -54.47 14.75
CA GLY D 258 21.36 -54.39 15.94
C GLY D 258 21.06 -53.16 16.76
N GLN D 259 21.73 -53.03 17.90
CA GLN D 259 21.59 -51.86 18.73
C GLN D 259 22.98 -51.37 19.10
N LEU D 260 23.20 -50.05 18.95
CA LEU D 260 24.46 -49.43 19.31
C LEU D 260 24.28 -48.67 20.62
N LYS D 261 25.26 -48.76 21.51
CA LYS D 261 25.25 -48.02 22.77
C LYS D 261 26.29 -46.90 22.74
N VAL D 262 25.85 -45.70 23.11
CA VAL D 262 26.66 -44.49 23.07
C VAL D 262 26.85 -43.93 24.48
N PRO D 263 28.04 -44.19 25.08
CA PRO D 263 28.38 -43.68 26.41
C PRO D 263 28.47 -42.16 26.48
N GLY D 264 27.99 -41.58 27.57
CA GLY D 264 28.01 -40.12 27.76
C GLY D 264 27.44 -39.38 26.57
N VAL D 265 26.24 -39.80 26.17
CA VAL D 265 25.63 -39.32 24.92
C VAL D 265 25.26 -37.85 24.95
N SER D 266 25.30 -37.24 23.76
CA SER D 266 24.79 -35.90 23.53
C SER D 266 23.42 -36.07 22.86
N LEU D 267 22.36 -35.90 23.64
CA LEU D 267 21.00 -35.99 23.13
C LEU D 267 20.71 -34.85 22.15
N TRP D 268 19.79 -35.14 21.25
CA TRP D 268 19.27 -34.14 20.33
C TRP D 268 18.19 -33.36 21.07
N TRP D 269 18.40 -32.05 21.19
CA TRP D 269 17.45 -31.13 21.84
C TRP D 269 16.89 -30.10 20.86
N PRO D 270 15.59 -29.78 20.98
CA PRO D 270 15.01 -28.68 20.23
C PRO D 270 15.66 -27.33 20.52
N TYR D 271 15.69 -26.49 19.49
CA TYR D 271 16.09 -25.11 19.58
C TYR D 271 15.45 -24.45 20.80
N LEU D 272 16.29 -23.80 21.61
CA LEU D 272 15.90 -23.09 22.84
C LEU D 272 15.56 -24.00 24.04
N MET D 273 15.66 -25.31 23.86
CA MET D 273 15.52 -26.25 24.98
C MET D 273 16.89 -26.56 25.61
N HIS D 274 17.96 -26.24 24.90
CA HIS D 274 19.35 -26.48 25.34
C HIS D 274 20.27 -25.48 24.64
N GLU D 275 21.35 -25.08 25.29
CA GLU D 275 22.29 -24.11 24.70
C GLU D 275 23.00 -24.64 23.44
N ARG D 276 23.07 -25.96 23.30
CA ARG D 276 23.65 -26.59 22.12
C ARG D 276 22.65 -27.58 21.55
N PRO D 277 21.64 -27.06 20.83
CA PRO D 277 20.54 -27.90 20.34
C PRO D 277 20.91 -28.74 19.13
N ALA D 278 20.05 -29.72 18.81
CA ALA D 278 20.11 -30.43 17.55
C ALA D 278 21.39 -31.24 17.30
N TYR D 279 21.99 -31.78 18.36
CA TYR D 279 23.20 -32.56 18.17
C TYR D 279 22.93 -33.78 17.31
N LEU D 280 23.70 -33.94 16.24
CA LEU D 280 23.51 -35.06 15.30
C LEU D 280 24.75 -35.94 15.25
N TYR D 281 24.54 -37.22 15.47
CA TYR D 281 25.51 -38.24 15.10
C TYR D 281 25.27 -38.64 13.63
N SER D 282 26.16 -39.45 13.06
CA SER D 282 25.92 -40.02 11.75
C SER D 282 26.12 -41.54 11.76
N LEU D 283 25.16 -42.26 11.15
CA LEU D 283 25.21 -43.72 11.02
C LEU D 283 25.76 -44.07 9.66
N GLU D 284 27.04 -44.44 9.64
CA GLU D 284 27.73 -44.84 8.42
C GLU D 284 27.52 -46.33 8.19
N VAL D 285 26.86 -46.66 7.08
CA VAL D 285 26.54 -48.06 6.75
C VAL D 285 27.41 -48.48 5.57
N GLN D 286 28.13 -49.59 5.75
CA GLN D 286 29.03 -50.08 4.72
C GLN D 286 28.65 -51.51 4.36
N LEU D 287 28.16 -51.68 3.15
CA LEU D 287 27.80 -52.97 2.61
C LEU D 287 28.96 -53.51 1.78
N THR D 288 29.30 -54.78 2.00
CA THR D 288 30.17 -55.54 1.13
C THR D 288 29.34 -56.70 0.60
N ALA D 289 29.15 -56.74 -0.73
CA ALA D 289 28.25 -57.73 -1.33
C ALA D 289 28.97 -58.52 -2.41
N GLN D 290 28.50 -59.74 -2.64
CA GLN D 290 29.03 -60.58 -3.70
C GLN D 290 28.00 -60.64 -4.83
N THR D 291 28.36 -60.09 -6.00
CA THR D 291 27.44 -60.03 -7.15
C THR D 291 27.92 -60.91 -8.31
N SER D 292 27.08 -61.01 -9.34
CA SER D 292 27.43 -61.79 -10.54
C SER D 292 28.56 -61.15 -11.34
N LEU D 293 28.81 -59.86 -11.12
CA LEU D 293 29.92 -59.16 -11.74
C LEU D 293 31.04 -58.88 -10.74
N GLY D 294 31.02 -59.60 -9.62
CA GLY D 294 32.07 -59.50 -8.61
C GLY D 294 31.61 -58.83 -7.32
N PRO D 295 32.55 -58.60 -6.40
CA PRO D 295 32.22 -57.94 -5.14
C PRO D 295 32.01 -56.46 -5.36
N VAL D 296 31.19 -55.84 -4.53
CA VAL D 296 30.95 -54.41 -4.59
C VAL D 296 30.84 -53.87 -3.17
N SER D 297 31.12 -52.58 -3.04
CA SER D 297 30.94 -51.85 -1.78
C SER D 297 29.87 -50.80 -1.98
N ASP D 298 29.03 -50.62 -0.96
CA ASP D 298 28.06 -49.55 -0.94
C ASP D 298 28.13 -48.79 0.39
N PHE D 299 28.13 -47.45 0.31
CA PHE D 299 28.15 -46.61 1.50
C PHE D 299 26.94 -45.69 1.52
N TYR D 300 26.19 -45.70 2.62
CA TYR D 300 25.16 -44.68 2.87
C TYR D 300 25.31 -44.20 4.30
N THR D 301 25.24 -42.88 4.50
CA THR D 301 25.36 -42.28 5.83
C THR D 301 24.10 -41.52 6.17
N LEU D 302 23.49 -41.88 7.31
CA LEU D 302 22.24 -41.30 7.77
C LEU D 302 22.44 -40.48 9.04
N PRO D 303 22.07 -39.19 9.03
CA PRO D 303 22.12 -38.43 10.28
C PRO D 303 21.20 -39.02 11.34
N VAL D 304 21.66 -39.03 12.59
CA VAL D 304 20.90 -39.58 13.71
C VAL D 304 20.93 -38.60 14.88
N GLY D 305 19.75 -38.27 15.38
CA GLY D 305 19.60 -37.48 16.59
C GLY D 305 18.97 -38.36 17.66
N ILE D 306 19.68 -38.50 18.78
CA ILE D 306 19.24 -39.42 19.83
C ILE D 306 18.28 -38.67 20.75
N ARG D 307 17.01 -39.04 20.67
CA ARG D 307 15.96 -38.35 21.42
C ARG D 307 14.70 -39.18 21.47
N THR D 308 13.89 -38.93 22.49
CA THR D 308 12.65 -39.66 22.67
C THR D 308 11.47 -38.71 22.74
N VAL D 309 10.30 -39.23 22.42
CA VAL D 309 9.05 -38.48 22.48
C VAL D 309 8.01 -39.32 23.22
N ALA D 310 7.33 -38.72 24.18
CA ALA D 310 6.22 -39.41 24.85
C ALA D 310 5.16 -38.41 25.25
N VAL D 311 3.94 -38.90 25.44
CA VAL D 311 2.80 -38.08 25.82
CA VAL D 311 2.81 -38.06 25.83
C VAL D 311 2.10 -38.64 27.06
N THR D 312 1.73 -37.75 27.99
CA THR D 312 0.94 -38.16 29.17
C THR D 312 -0.46 -37.58 29.06
N LYS D 313 -1.24 -37.57 30.13
CA LYS D 313 -2.56 -36.95 30.10
C LYS D 313 -2.50 -35.42 30.07
N SER D 314 -1.34 -34.86 30.42
CA SER D 314 -1.15 -33.41 30.50
C SER D 314 0.13 -32.84 29.89
N GLN D 315 1.06 -33.69 29.44
CA GLN D 315 2.38 -33.25 29.02
C GLN D 315 2.83 -33.88 27.70
N PHE D 316 3.63 -33.12 26.94
CA PHE D 316 4.36 -33.64 25.80
C PHE D 316 5.83 -33.66 26.21
N LEU D 317 6.42 -34.86 26.26
CA LEU D 317 7.76 -35.03 26.81
C LEU D 317 8.77 -35.32 25.70
N ILE D 318 9.80 -34.49 25.61
CA ILE D 318 10.97 -34.81 24.76
C ILE D 318 12.16 -35.07 25.68
N ASN D 319 12.83 -36.20 25.46
CA ASN D 319 13.92 -36.64 26.32
C ASN D 319 13.50 -36.69 27.80
N GLY D 320 12.23 -37.04 28.02
CA GLY D 320 11.68 -37.16 29.37
C GLY D 320 11.34 -35.86 30.07
N LYS D 321 11.52 -34.74 29.36
CA LYS D 321 11.30 -33.40 29.90
C LYS D 321 10.10 -32.74 29.24
N PRO D 322 9.26 -32.04 30.04
CA PRO D 322 8.12 -31.33 29.46
C PRO D 322 8.54 -30.33 28.38
N PHE D 323 7.85 -30.40 27.24
CA PHE D 323 8.10 -29.57 26.06
C PHE D 323 6.87 -28.70 25.78
N TYR D 324 7.09 -27.50 25.27
CA TYR D 324 5.99 -26.64 24.85
C TYR D 324 6.27 -26.19 23.41
N PHE D 325 5.36 -26.49 22.50
CA PHE D 325 5.47 -26.01 21.13
C PHE D 325 5.18 -24.53 21.16
N HIS D 326 6.14 -23.69 20.74
CA HIS D 326 5.84 -22.28 20.46
C HIS D 326 6.31 -21.97 19.06
N GLY D 327 5.38 -22.11 18.13
CA GLY D 327 5.73 -22.28 16.75
C GLY D 327 4.77 -21.67 15.77
N VAL D 328 4.85 -22.16 14.55
CA VAL D 328 4.04 -21.61 13.47
C VAL D 328 3.51 -22.72 12.59
N ASN D 329 2.52 -22.37 11.78
CA ASN D 329 2.18 -23.12 10.57
C ASN D 329 2.86 -22.46 9.36
N LYS D 330 3.16 -23.25 8.33
CA LYS D 330 3.82 -22.71 7.13
C LYS D 330 3.06 -23.20 5.89
N HIS D 331 3.62 -22.93 4.73
CA HIS D 331 3.20 -23.50 3.46
C HIS D 331 4.41 -23.45 2.55
N GLU D 332 4.44 -24.33 1.55
CA GLU D 332 5.43 -24.20 0.51
C GLU D 332 4.87 -23.25 -0.53
N ASP D 333 5.25 -21.98 -0.41
CA ASP D 333 4.58 -20.94 -1.17
C ASP D 333 5.46 -19.70 -1.25
N ALA D 334 5.65 -19.18 -2.46
CA ALA D 334 6.47 -17.98 -2.68
C ALA D 334 6.07 -17.37 -4.01
N ASP D 335 6.43 -16.09 -4.19
CA ASP D 335 6.14 -15.37 -5.43
C ASP D 335 6.77 -16.08 -6.62
N ILE D 336 5.99 -16.15 -7.70
CA ILE D 336 6.42 -16.62 -8.99
C ILE D 336 6.60 -18.13 -9.12
N ARG D 337 7.36 -18.75 -8.21
CA ARG D 337 7.65 -20.18 -8.27
C ARG D 337 6.58 -21.05 -7.66
N GLY D 338 5.60 -20.42 -7.03
CA GLY D 338 4.53 -21.12 -6.33
C GLY D 338 5.05 -22.02 -5.23
N LYS D 339 4.87 -23.34 -5.36
CA LYS D 339 5.35 -24.28 -4.33
C LYS D 339 6.76 -24.79 -4.62
N GLY D 340 7.42 -24.21 -5.61
CA GLY D 340 8.73 -24.68 -6.03
C GLY D 340 9.80 -24.56 -4.96
N PHE D 341 10.65 -25.58 -4.87
CA PHE D 341 11.74 -25.56 -3.91
C PHE D 341 12.79 -24.50 -4.30
N ASP D 342 13.30 -23.81 -3.29
CA ASP D 342 14.28 -22.73 -3.49
C ASP D 342 15.20 -22.60 -2.28
N TRP D 343 16.51 -22.63 -2.51
CA TRP D 343 17.51 -22.58 -1.41
C TRP D 343 17.51 -21.25 -0.64
N PRO D 344 17.62 -20.11 -1.34
CA PRO D 344 17.58 -18.85 -0.58
C PRO D 344 16.34 -18.70 0.33
N LEU D 345 15.15 -19.00 -0.19
CA LEU D 345 13.94 -18.88 0.61
C LEU D 345 13.92 -19.87 1.78
N LEU D 346 14.50 -21.06 1.59
CA LEU D 346 14.63 -22.06 2.65
C LEU D 346 15.48 -21.52 3.78
N VAL D 347 16.68 -21.04 3.45
CA VAL D 347 17.59 -20.52 4.50
C VAL D 347 17.00 -19.28 5.18
N LYS D 348 16.38 -18.40 4.39
CA LYS D 348 15.74 -17.21 4.94
C LYS D 348 14.68 -17.59 5.97
N ASP D 349 13.79 -18.51 5.60
CA ASP D 349 12.73 -18.96 6.51
C ASP D 349 13.28 -19.51 7.83
N PHE D 350 14.34 -20.33 7.76
CA PHE D 350 14.91 -20.83 9.01
C PHE D 350 15.59 -19.73 9.83
N ASN D 351 16.27 -18.81 9.16
CA ASN D 351 16.78 -17.64 9.87
C ASN D 351 15.68 -16.84 10.56
N LEU D 352 14.51 -16.73 9.93
CA LEU D 352 13.39 -16.01 10.54
C LEU D 352 12.73 -16.82 11.67
N LEU D 353 12.65 -18.14 11.50
CA LEU D 353 12.16 -19.03 12.58
C LEU D 353 13.00 -18.86 13.84
N ARG D 354 14.32 -18.89 13.69
CA ARG D 354 15.23 -18.72 14.84
CA ARG D 354 15.23 -18.72 14.83
C ARG D 354 15.12 -17.33 15.44
N TRP D 355 15.06 -16.31 14.59
CA TRP D 355 14.89 -14.91 15.02
C TRP D 355 13.61 -14.74 15.83
N LEU D 356 12.55 -15.36 15.33
CA LEU D 356 11.23 -15.33 15.95
C LEU D 356 11.18 -16.07 17.31
N GLY D 357 12.13 -16.98 17.55
CA GLY D 357 12.06 -17.84 18.75
C GLY D 357 11.06 -18.98 18.58
N ALA D 358 10.75 -19.31 17.33
CA ALA D 358 9.93 -20.49 17.04
C ALA D 358 10.72 -21.78 17.21
N ASN D 359 10.16 -22.76 17.90
CA ASN D 359 10.85 -24.04 18.09
C ASN D 359 10.19 -25.17 17.35
N ALA D 360 9.21 -24.85 16.51
CA ALA D 360 8.39 -25.88 15.91
C ALA D 360 7.57 -25.34 14.76
N PHE D 361 7.30 -26.23 13.81
CA PHE D 361 6.19 -26.00 12.90
C PHE D 361 5.50 -27.28 12.47
N ARG D 362 4.26 -27.10 12.03
CA ARG D 362 3.50 -28.16 11.40
C ARG D 362 3.60 -27.95 9.91
N THR D 363 3.76 -29.05 9.17
CA THR D 363 3.79 -29.00 7.71
C THR D 363 2.37 -28.90 7.14
N SER D 364 1.64 -27.84 7.48
CA SER D 364 0.32 -27.66 6.92
C SER D 364 0.49 -27.46 5.42
N HIS D 365 -0.27 -28.17 4.58
CA HIS D 365 -1.08 -29.34 4.91
C HIS D 365 -0.66 -30.51 4.00
N TYR D 366 0.62 -30.87 4.02
CA TYR D 366 1.22 -31.86 3.14
C TYR D 366 2.70 -31.97 3.53
N PRO D 367 3.34 -33.12 3.23
CA PRO D 367 4.76 -33.17 3.57
C PRO D 367 5.49 -32.14 2.76
N TYR D 368 6.53 -31.53 3.33
CA TYR D 368 7.39 -30.57 2.61
C TYR D 368 8.60 -31.25 1.97
N ALA D 369 9.33 -30.53 1.12
CA ALA D 369 10.54 -31.08 0.53
C ALA D 369 11.42 -31.73 1.62
N GLU D 370 12.07 -32.83 1.26
CA GLU D 370 12.99 -33.50 2.18
C GLU D 370 14.03 -32.53 2.73
N GLU D 371 14.48 -31.61 1.89
CA GLU D 371 15.48 -30.63 2.29
C GLU D 371 14.99 -29.85 3.51
N VAL D 372 13.70 -29.56 3.56
CA VAL D 372 13.15 -28.81 4.71
C VAL D 372 13.33 -29.64 5.99
N MET D 373 13.11 -30.95 5.87
CA MET D 373 13.22 -31.84 7.03
C MET D 373 14.69 -31.94 7.48
N GLN D 374 15.62 -31.95 6.53
CA GLN D 374 17.03 -32.04 6.87
C GLN D 374 17.44 -30.80 7.68
N MET D 375 16.89 -29.64 7.30
CA MET D 375 17.15 -28.38 7.99
C MET D 375 16.60 -28.41 9.41
N CYS D 376 15.39 -28.93 9.56
CA CYS D 376 14.81 -29.09 10.89
C CYS D 376 15.71 -29.92 11.78
N ASP D 377 16.26 -30.99 11.23
CA ASP D 377 17.13 -31.86 12.01
C ASP D 377 18.38 -31.12 12.50
N ARG D 378 18.93 -30.24 11.66
CA ARG D 378 20.16 -29.54 11.97
C ARG D 378 19.94 -28.28 12.80
N TYR D 379 18.76 -27.67 12.68
CA TYR D 379 18.45 -26.41 13.36
C TYR D 379 17.65 -26.61 14.66
N GLY D 380 17.14 -27.82 14.88
CA GLY D 380 16.37 -28.14 16.09
C GLY D 380 14.93 -27.66 16.11
N ILE D 381 14.33 -27.49 14.94
CA ILE D 381 12.96 -27.04 14.83
C ILE D 381 12.10 -28.29 14.70
N VAL D 382 11.32 -28.60 15.74
CA VAL D 382 10.54 -29.85 15.71
C VAL D 382 9.36 -29.72 14.76
N VAL D 383 8.90 -30.86 14.29
CA VAL D 383 7.92 -30.91 13.22
C VAL D 383 6.73 -31.81 13.57
N ILE D 384 5.53 -31.32 13.30
CA ILE D 384 4.33 -32.16 13.25
C ILE D 384 4.17 -32.40 11.75
N ASP D 385 4.50 -33.62 11.32
CA ASP D 385 4.59 -33.95 9.91
C ASP D 385 3.21 -34.39 9.44
N GLU D 386 2.62 -33.63 8.52
CA GLU D 386 1.21 -33.81 8.21
C GLU D 386 1.02 -34.23 6.75
N CYS D 387 0.16 -35.23 6.55
CA CYS D 387 -0.08 -35.74 5.21
C CYS D 387 -1.18 -34.92 4.56
N PRO D 388 -1.36 -35.03 3.23
CA PRO D 388 -2.35 -34.21 2.49
C PRO D 388 -3.83 -34.50 2.77
N GLY D 389 -4.16 -34.97 3.97
CA GLY D 389 -5.54 -35.29 4.31
C GLY D 389 -6.32 -34.04 4.71
N VAL D 390 -6.41 -33.09 3.78
CA VAL D 390 -7.03 -31.79 4.04
C VAL D 390 -8.13 -31.59 3.01
N GLY D 391 -9.19 -30.89 3.39
CA GLY D 391 -10.35 -30.68 2.52
C GLY D 391 -11.35 -31.83 2.48
N LEU D 392 -11.28 -32.71 3.46
CA LEU D 392 -12.17 -33.84 3.54
C LEU D 392 -13.48 -33.36 4.16
N ALA D 393 -14.20 -32.52 3.41
CA ALA D 393 -15.37 -31.78 3.92
C ALA D 393 -16.72 -32.43 3.64
N LEU D 394 -16.76 -33.33 2.66
CA LEU D 394 -18.00 -33.96 2.21
C LEU D 394 -18.13 -35.43 2.61
N PRO D 395 -19.36 -35.89 2.94
CA PRO D 395 -19.59 -37.30 3.26
C PRO D 395 -19.03 -38.29 2.22
N GLN D 396 -19.11 -37.95 0.93
CA GLN D 396 -18.64 -38.85 -0.14
C GLN D 396 -17.13 -39.14 -0.12
N PHE D 397 -16.37 -38.29 0.56
CA PHE D 397 -14.92 -38.48 0.70
C PHE D 397 -14.53 -39.53 1.73
N PHE D 398 -15.50 -40.01 2.51
CA PHE D 398 -15.26 -41.05 3.52
C PHE D 398 -15.85 -42.38 3.06
N ASN D 399 -15.09 -43.06 2.22
CA ASN D 399 -15.45 -44.37 1.70
C ASN D 399 -14.25 -45.29 1.87
N ASN D 400 -14.48 -46.58 1.65
CA ASN D 400 -13.43 -47.60 1.79
C ASN D 400 -12.28 -47.37 0.80
N VAL D 401 -12.61 -46.86 -0.38
CA VAL D 401 -11.62 -46.61 -1.41
C VAL D 401 -10.72 -45.45 -0.99
N SER D 402 -11.31 -44.36 -0.50
CA SER D 402 -10.52 -43.23 -0.02
C SER D 402 -9.68 -43.64 1.19
N LEU D 403 -10.23 -44.51 2.02
CA LEU D 403 -9.57 -44.94 3.24
C LEU D 403 -8.30 -45.73 2.90
N HIS D 404 -8.42 -46.70 1.99
CA HIS D 404 -7.26 -47.46 1.54
C HIS D 404 -6.18 -46.55 0.95
N HIS D 405 -6.59 -45.58 0.15
CA HIS D 405 -5.67 -44.65 -0.45
C HIS D 405 -4.92 -43.81 0.61
N HIS D 406 -5.66 -43.34 1.60
CA HIS D 406 -5.10 -42.54 2.69
C HIS D 406 -4.08 -43.37 3.48
N MET D 407 -4.38 -44.64 3.69
CA MET D 407 -3.46 -45.52 4.40
C MET D 407 -2.14 -45.66 3.64
N GLN D 408 -2.23 -45.79 2.31
CA GLN D 408 -1.02 -45.91 1.49
C GLN D 408 -0.19 -44.63 1.49
N VAL D 409 -0.87 -43.49 1.42
CA VAL D 409 -0.19 -42.20 1.52
C VAL D 409 0.54 -42.05 2.86
N MET D 410 -0.11 -42.44 3.95
CA MET D 410 0.55 -42.42 5.26
C MET D 410 1.76 -43.36 5.26
N GLU D 411 1.67 -44.50 4.58
CA GLU D 411 2.84 -45.38 4.43
C GLU D 411 4.01 -44.65 3.77
N GLU D 412 3.73 -43.94 2.68
CA GLU D 412 4.76 -43.18 1.96
C GLU D 412 5.37 -42.08 2.83
N VAL D 413 4.51 -41.37 3.56
CA VAL D 413 4.93 -40.28 4.44
C VAL D 413 5.91 -40.82 5.49
N VAL D 414 5.49 -41.89 6.16
CA VAL D 414 6.32 -42.48 7.21
C VAL D 414 7.63 -43.04 6.62
N ARG D 415 7.54 -43.73 5.48
CA ARG D 415 8.72 -44.27 4.84
C ARG D 415 9.75 -43.17 4.58
N ARG D 416 9.29 -42.03 4.07
CA ARG D 416 10.20 -40.94 3.74
C ARG D 416 10.83 -40.32 4.98
N ASP D 417 10.04 -40.08 6.01
CA ASP D 417 10.44 -39.17 7.10
C ASP D 417 10.70 -39.83 8.45
N LYS D 418 10.54 -41.16 8.51
CA LYS D 418 10.69 -41.93 9.75
C LYS D 418 12.00 -41.72 10.50
N ASN D 419 13.06 -41.32 9.82
CA ASN D 419 14.36 -41.21 10.45
C ASN D 419 14.73 -39.78 10.90
N HIS D 420 13.82 -38.81 10.76
CA HIS D 420 14.13 -37.42 11.13
C HIS D 420 13.87 -37.19 12.61
N PRO D 421 14.94 -36.91 13.39
CA PRO D 421 14.72 -36.62 14.81
C PRO D 421 13.80 -35.45 15.02
N ALA D 422 13.82 -34.46 14.12
CA ALA D 422 12.94 -33.29 14.30
C ALA D 422 11.46 -33.61 14.23
N VAL D 423 11.08 -34.66 13.49
CA VAL D 423 9.67 -35.04 13.40
C VAL D 423 9.31 -35.69 14.71
N VAL D 424 8.37 -35.08 15.44
CA VAL D 424 7.96 -35.57 16.77
C VAL D 424 6.51 -36.06 16.86
N MET D 425 5.75 -35.93 15.77
CA MET D 425 4.34 -36.32 15.76
C MET D 425 3.84 -36.36 14.33
N TRP D 426 3.02 -37.36 14.01
CA TRP D 426 2.38 -37.44 12.71
C TRP D 426 0.99 -36.84 12.82
N SER D 427 0.56 -36.09 11.81
CA SER D 427 -0.83 -35.66 11.71
C SER D 427 -1.46 -36.22 10.44
N VAL D 428 -2.56 -36.93 10.59
CA VAL D 428 -3.15 -37.69 9.48
C VAL D 428 -4.19 -36.88 8.70
N ALA D 429 -4.59 -35.72 9.23
CA ALA D 429 -5.58 -34.89 8.54
C ALA D 429 -5.71 -33.52 9.16
N ASN D 430 -6.35 -32.63 8.42
CA ASN D 430 -6.66 -31.28 8.90
C ASN D 430 -8.10 -30.91 8.59
N GLU D 431 -8.82 -30.53 9.64
CA GLU D 431 -10.24 -30.16 9.57
C GLU D 431 -11.09 -31.10 8.69
N PRO D 432 -10.99 -32.42 8.93
CA PRO D 432 -11.92 -33.30 8.25
C PRO D 432 -13.31 -33.07 8.86
N ALA D 433 -14.36 -33.53 8.17
CA ALA D 433 -15.73 -33.48 8.71
C ALA D 433 -15.89 -34.56 9.79
N SER D 434 -15.12 -34.41 10.87
CA SER D 434 -15.00 -35.45 11.88
C SER D 434 -16.23 -35.58 12.77
N HIS D 435 -17.25 -34.74 12.55
CA HIS D 435 -18.55 -34.92 13.19
C HIS D 435 -19.35 -36.10 12.62
N LEU D 436 -18.95 -36.59 11.45
CA LEU D 436 -19.61 -37.75 10.84
C LEU D 436 -19.08 -39.06 11.42
N GLU D 437 -20.00 -39.98 11.73
CA GLU D 437 -19.61 -41.30 12.23
C GLU D 437 -18.71 -42.03 11.27
N SER D 438 -18.94 -41.87 9.96
CA SER D 438 -18.03 -42.46 8.96
C SER D 438 -16.62 -41.93 9.09
N ALA D 439 -16.49 -40.61 9.31
CA ALA D 439 -15.18 -39.97 9.47
C ALA D 439 -14.46 -40.50 10.72
N GLY D 440 -15.20 -40.65 11.81
CA GLY D 440 -14.65 -41.23 13.04
C GLY D 440 -13.98 -42.58 12.79
N TYR D 441 -14.69 -43.48 12.10
CA TYR D 441 -14.13 -44.79 11.77
C TYR D 441 -12.91 -44.67 10.84
N TYR D 442 -13.04 -43.82 9.81
CA TYR D 442 -11.98 -43.56 8.84
C TYR D 442 -10.69 -43.12 9.55
N LEU D 443 -10.81 -42.14 10.43
CA LEU D 443 -9.65 -41.62 11.16
C LEU D 443 -9.07 -42.64 12.15
N LYS D 444 -9.94 -43.41 12.80
CA LYS D 444 -9.47 -44.49 13.69
C LYS D 444 -8.53 -45.41 12.93
N MET D 445 -8.94 -45.79 11.73
CA MET D 445 -8.16 -46.73 10.93
C MET D 445 -6.84 -46.12 10.43
N VAL D 446 -6.85 -44.88 9.94
CA VAL D 446 -5.62 -44.25 9.47
C VAL D 446 -4.62 -44.07 10.62
N ILE D 447 -5.15 -43.71 11.80
CA ILE D 447 -4.31 -43.57 13.00
C ILE D 447 -3.69 -44.92 13.41
N ALA D 448 -4.52 -45.96 13.47
CA ALA D 448 -4.03 -47.31 13.78
C ALA D 448 -2.96 -47.75 12.78
N HIS D 449 -3.20 -47.48 11.50
CA HIS D 449 -2.26 -47.84 10.48
C HIS D 449 -0.92 -47.13 10.69
N THR D 450 -0.99 -45.83 11.00
CA THR D 450 0.21 -45.04 11.23
C THR D 450 1.01 -45.64 12.38
N LYS D 451 0.35 -45.96 13.51
CA LYS D 451 1.05 -46.56 14.64
C LYS D 451 1.68 -47.90 14.33
N SER D 452 1.06 -48.65 13.41
CA SER D 452 1.63 -49.95 12.99
C SER D 452 2.95 -49.76 12.20
N LEU D 453 3.07 -48.60 11.56
CA LEU D 453 4.24 -48.28 10.74
C LEU D 453 5.38 -47.67 11.53
N ASP D 454 5.04 -46.95 12.59
CA ASP D 454 6.04 -46.27 13.41
C ASP D 454 5.66 -46.28 14.89
N PRO D 455 6.33 -47.13 15.68
CA PRO D 455 6.06 -47.21 17.12
C PRO D 455 6.59 -46.03 17.94
N SER D 456 7.36 -45.13 17.32
CA SER D 456 8.20 -44.19 18.08
C SER D 456 7.61 -42.80 18.28
N ARG D 457 6.47 -42.51 17.65
CA ARG D 457 5.92 -41.14 17.65
C ARG D 457 4.43 -41.17 17.87
N PRO D 458 3.89 -40.11 18.52
CA PRO D 458 2.46 -39.98 18.70
C PRO D 458 1.80 -39.57 17.39
N VAL D 459 0.49 -39.77 17.33
CA VAL D 459 -0.32 -39.51 16.14
C VAL D 459 -1.51 -38.65 16.52
N THR D 460 -1.89 -37.77 15.62
CA THR D 460 -2.96 -36.84 15.85
C THR D 460 -3.64 -36.54 14.52
N PHE D 461 -4.74 -35.81 14.56
CA PHE D 461 -5.19 -35.02 13.42
C PHE D 461 -5.67 -33.69 13.95
N VAL D 462 -5.70 -32.69 13.06
CA VAL D 462 -6.03 -31.33 13.47
C VAL D 462 -7.49 -31.05 13.22
N SER D 463 -8.20 -30.61 14.25
CA SER D 463 -9.66 -30.51 14.22
C SER D 463 -10.21 -29.10 14.37
N ASN D 464 -11.32 -28.83 13.67
CA ASN D 464 -12.13 -27.66 13.95
C ASN D 464 -13.56 -28.05 14.34
N SER D 465 -13.74 -29.31 14.79
CA SER D 465 -15.06 -29.79 15.18
C SER D 465 -15.48 -29.27 16.54
N ASN D 466 -16.78 -29.32 16.79
CA ASN D 466 -17.37 -29.13 18.12
C ASN D 466 -16.88 -30.25 19.05
N TYR D 467 -16.50 -29.91 20.29
CA TYR D 467 -15.90 -30.89 21.20
C TYR D 467 -16.85 -32.09 21.40
N ALA D 468 -18.16 -31.84 21.44
CA ALA D 468 -19.16 -32.86 21.71
C ALA D 468 -19.42 -33.76 20.51
N ALA D 469 -19.10 -33.27 19.31
CA ALA D 469 -19.44 -33.97 18.06
C ALA D 469 -18.25 -34.69 17.41
N ASP D 470 -17.04 -34.32 17.80
CA ASP D 470 -15.82 -34.86 17.16
C ASP D 470 -15.65 -36.37 17.39
N LYS D 471 -15.96 -37.15 16.36
CA LYS D 471 -15.88 -38.60 16.41
C LYS D 471 -14.46 -39.16 16.25
N GLY D 472 -13.50 -38.32 15.86
CA GLY D 472 -12.11 -38.73 15.73
C GLY D 472 -11.32 -38.56 17.01
N ALA D 473 -11.80 -37.70 17.89
CA ALA D 473 -11.04 -37.25 19.05
C ALA D 473 -10.68 -38.37 20.01
N PRO D 474 -11.54 -39.40 20.12
CA PRO D 474 -11.12 -40.49 21.01
C PRO D 474 -9.80 -41.17 20.62
N TYR D 475 -9.44 -41.09 19.34
CA TYR D 475 -8.34 -41.89 18.78
C TYR D 475 -6.99 -41.20 18.72
N VAL D 476 -6.95 -39.90 18.97
CA VAL D 476 -5.69 -39.16 18.90
C VAL D 476 -4.91 -39.23 20.22
N ASP D 477 -3.59 -39.08 20.11
CA ASP D 477 -2.74 -39.09 21.31
C ASP D 477 -2.69 -37.70 21.90
N VAL D 478 -2.77 -36.70 21.02
CA VAL D 478 -2.75 -35.28 21.37
C VAL D 478 -3.88 -34.62 20.57
N ILE D 479 -4.66 -33.79 21.24
CA ILE D 479 -5.77 -33.06 20.61
C ILE D 479 -5.21 -31.76 20.03
N CYS D 480 -5.40 -31.54 18.72
CA CYS D 480 -5.00 -30.30 18.07
C CYS D 480 -6.25 -29.54 17.59
N LEU D 481 -6.44 -28.32 18.08
CA LEU D 481 -7.63 -27.53 17.85
C LEU D 481 -7.33 -26.23 17.07
N ASN D 482 -8.17 -25.93 16.09
CA ASN D 482 -8.14 -24.69 15.33
C ASN D 482 -9.32 -23.81 15.73
N SER D 483 -9.06 -22.55 16.08
CA SER D 483 -10.14 -21.62 16.33
C SER D 483 -9.72 -20.19 16.00
N TYR D 484 -10.69 -19.37 15.61
CA TYR D 484 -10.46 -18.01 15.17
C TYR D 484 -11.57 -17.12 15.71
N TYR D 485 -11.65 -17.05 17.03
CA TYR D 485 -12.66 -16.22 17.69
C TYR D 485 -12.50 -14.74 17.30
N SER D 486 -13.64 -14.09 17.07
CA SER D 486 -13.74 -12.71 16.58
C SER D 486 -13.40 -12.58 15.09
N TRP D 487 -12.88 -13.63 14.47
CA TRP D 487 -12.53 -13.56 13.05
C TRP D 487 -13.53 -14.30 12.17
N TYR D 488 -13.70 -15.61 12.39
CA TYR D 488 -14.65 -16.39 11.58
C TYR D 488 -16.08 -16.33 12.13
N HIS D 489 -16.23 -15.70 13.30
CA HIS D 489 -17.54 -15.47 13.91
C HIS D 489 -17.42 -14.28 14.85
N ASP D 490 -18.58 -13.70 15.18
CA ASP D 490 -18.67 -12.52 16.03
C ASP D 490 -17.70 -11.44 15.55
N TYR D 491 -17.84 -11.07 14.29
CA TYR D 491 -16.82 -10.29 13.57
C TYR D 491 -16.46 -9.03 14.32
N GLY D 492 -15.17 -8.90 14.65
CA GLY D 492 -14.61 -7.70 15.27
C GLY D 492 -14.59 -7.74 16.78
N HIS D 493 -15.22 -8.76 17.39
CA HIS D 493 -15.42 -8.77 18.83
C HIS D 493 -14.23 -9.37 19.60
N LEU D 494 -13.17 -8.59 19.66
CA LEU D 494 -11.94 -8.98 20.36
C LEU D 494 -12.20 -9.28 21.83
N GLU D 495 -13.25 -8.68 22.37
CA GLU D 495 -13.59 -8.80 23.81
C GLU D 495 -14.12 -10.18 24.19
N LEU D 496 -14.46 -10.99 23.20
CA LEU D 496 -15.01 -12.33 23.41
C LEU D 496 -13.95 -13.43 23.44
N ILE D 497 -12.73 -13.14 22.98
CA ILE D 497 -11.73 -14.18 22.75
C ILE D 497 -11.36 -14.94 24.03
N GLN D 498 -10.96 -14.22 25.07
CA GLN D 498 -10.57 -14.89 26.31
C GLN D 498 -11.66 -15.85 26.84
N LEU D 499 -12.90 -15.38 26.85
CA LEU D 499 -14.04 -16.16 27.34
C LEU D 499 -14.25 -17.41 26.48
N GLN D 500 -14.29 -17.23 25.17
CA GLN D 500 -14.61 -18.38 24.32
C GLN D 500 -13.47 -19.39 24.32
N LEU D 501 -12.24 -18.90 24.45
CA LEU D 501 -11.07 -19.79 24.55
C LEU D 501 -11.02 -20.56 25.87
N ALA D 502 -11.38 -19.91 26.97
CA ALA D 502 -11.50 -20.60 28.27
C ALA D 502 -12.51 -21.74 28.16
N THR D 503 -13.67 -21.45 27.58
CA THR D 503 -14.72 -22.42 27.39
C THR D 503 -14.24 -23.59 26.52
N GLN D 504 -13.54 -23.27 25.43
CA GLN D 504 -12.99 -24.27 24.54
C GLN D 504 -12.09 -25.27 25.26
N PHE D 505 -11.10 -24.76 25.99
CA PHE D 505 -10.15 -25.62 26.70
C PHE D 505 -10.82 -26.44 27.80
N GLU D 506 -11.69 -25.80 28.57
CA GLU D 506 -12.41 -26.48 29.64
C GLU D 506 -13.27 -27.62 29.09
N ASN D 507 -14.02 -27.37 28.03
CA ASN D 507 -14.88 -28.40 27.42
C ASN D 507 -14.07 -29.57 26.83
N TRP D 508 -13.05 -29.25 26.06
CA TRP D 508 -12.25 -30.27 25.41
C TRP D 508 -11.54 -31.14 26.45
N TYR D 509 -10.92 -30.54 27.44
CA TYR D 509 -10.14 -31.31 28.40
C TYR D 509 -11.01 -32.13 29.35
N LYS D 510 -12.17 -31.59 29.72
CA LYS D 510 -13.10 -32.33 30.55
C LYS D 510 -13.50 -33.63 29.85
N LYS D 511 -13.76 -33.53 28.55
CA LYS D 511 -14.27 -34.69 27.80
C LYS D 511 -13.18 -35.72 27.51
N TYR D 512 -11.98 -35.26 27.17
CA TYR D 512 -10.94 -36.15 26.64
C TYR D 512 -9.72 -36.40 27.51
N GLN D 513 -9.34 -35.45 28.35
CA GLN D 513 -8.20 -35.61 29.29
C GLN D 513 -6.90 -35.99 28.56
N LYS D 514 -6.62 -35.26 27.48
CA LYS D 514 -5.41 -35.47 26.68
C LYS D 514 -4.78 -34.11 26.40
N PRO D 515 -3.44 -34.05 26.24
CA PRO D 515 -2.79 -32.75 26.02
C PRO D 515 -3.35 -32.07 24.79
N ILE D 516 -3.42 -30.74 24.81
CA ILE D 516 -4.02 -29.95 23.73
C ILE D 516 -3.02 -28.98 23.15
N ILE D 517 -3.03 -28.89 21.81
CA ILE D 517 -2.26 -27.89 21.10
C ILE D 517 -3.26 -26.98 20.41
N GLN D 518 -3.09 -25.68 20.58
CA GLN D 518 -3.80 -24.70 19.76
C GLN D 518 -3.02 -24.60 18.46
N SER D 519 -3.49 -25.34 17.46
CA SER D 519 -2.74 -25.57 16.23
C SER D 519 -2.92 -24.46 15.17
N GLU D 520 -3.99 -23.66 15.31
CA GLU D 520 -4.22 -22.49 14.49
C GLU D 520 -5.01 -21.41 15.22
N TYR D 521 -4.61 -20.16 14.98
CA TYR D 521 -5.36 -18.97 15.34
C TYR D 521 -4.73 -17.83 14.53
N GLY D 522 -5.49 -16.76 14.31
CA GLY D 522 -4.95 -15.63 13.53
C GLY D 522 -5.98 -14.68 12.97
N ALA D 523 -5.50 -13.72 12.17
CA ALA D 523 -6.36 -12.70 11.57
C ALA D 523 -5.82 -12.30 10.21
N GLU D 524 -6.67 -12.21 9.19
CA GLU D 524 -6.22 -11.69 7.90
C GLU D 524 -5.80 -10.25 8.12
N THR D 525 -4.64 -9.88 7.58
CA THR D 525 -3.98 -8.60 7.88
C THR D 525 -3.24 -8.11 6.64
N ILE D 526 -3.73 -7.00 6.09
CA ILE D 526 -3.12 -6.37 4.94
C ILE D 526 -2.09 -5.38 5.47
N ALA D 527 -0.83 -5.61 5.13
CA ALA D 527 0.23 -4.76 5.64
C ALA D 527 -0.11 -3.32 5.30
N GLY D 528 0.03 -2.45 6.29
CA GLY D 528 -0.16 -1.02 6.09
C GLY D 528 -1.55 -0.51 6.37
N PHE D 529 -2.52 -1.40 6.57
CA PHE D 529 -3.85 -0.98 6.99
C PHE D 529 -3.80 -0.76 8.48
N HIS D 530 -4.21 0.43 8.92
CA HIS D 530 -4.10 0.83 10.32
C HIS D 530 -5.40 1.45 10.76
N GLN D 531 -5.79 1.22 12.00
CA GLN D 531 -6.88 1.96 12.59
C GLN D 531 -6.86 1.81 14.08
N ASP D 532 -7.23 2.90 14.76
CA ASP D 532 -7.60 2.87 16.17
C ASP D 532 -8.95 3.55 16.32
N PRO D 533 -9.92 2.90 17.00
CA PRO D 533 -9.86 1.52 17.52
C PRO D 533 -9.68 0.50 16.40
N PRO D 534 -9.16 -0.70 16.73
CA PRO D 534 -8.79 -1.65 15.69
C PRO D 534 -9.99 -2.25 14.95
N LEU D 535 -9.81 -2.43 13.65
CA LEU D 535 -10.79 -3.08 12.79
C LEU D 535 -10.16 -4.29 12.08
N MET D 536 -10.98 -5.28 11.76
CA MET D 536 -10.52 -6.43 10.99
C MET D 536 -9.68 -6.00 9.77
N PHE D 537 -8.59 -6.72 9.52
CA PHE D 537 -7.64 -6.51 8.41
C PHE D 537 -6.53 -5.52 8.70
N THR D 538 -6.62 -4.82 9.84
CA THR D 538 -5.55 -3.90 10.23
C THR D 538 -4.45 -4.61 11.00
N GLU D 539 -3.27 -4.01 11.04
CA GLU D 539 -2.20 -4.60 11.81
C GLU D 539 -2.53 -4.55 13.30
N GLU D 540 -3.32 -3.54 13.70
CA GLU D 540 -3.66 -3.36 15.13
C GLU D 540 -4.58 -4.47 15.58
N TYR D 541 -5.46 -4.89 14.67
CA TYR D 541 -6.41 -5.96 14.95
C TYR D 541 -5.68 -7.30 15.06
N GLN D 542 -4.69 -7.52 14.19
CA GLN D 542 -3.87 -8.74 14.32
C GLN D 542 -3.16 -8.78 15.66
N LYS D 543 -2.54 -7.68 16.04
CA LYS D 543 -1.87 -7.59 17.34
C LYS D 543 -2.82 -7.91 18.50
N SER D 544 -4.01 -7.31 18.46
CA SER D 544 -4.96 -7.42 19.57
C SER D 544 -5.53 -8.84 19.66
N LEU D 545 -5.90 -9.41 18.53
CA LEU D 545 -6.34 -10.79 18.49
C LEU D 545 -5.25 -11.72 19.06
N LEU D 546 -3.99 -11.51 18.65
CA LEU D 546 -2.87 -12.29 19.18
C LEU D 546 -2.75 -12.11 20.70
N GLU D 547 -2.75 -10.86 21.15
CA GLU D 547 -2.67 -10.58 22.59
C GLU D 547 -3.74 -11.32 23.39
N GLN D 548 -4.98 -11.29 22.91
CA GLN D 548 -6.07 -11.94 23.62
C GLN D 548 -5.90 -13.46 23.61
N TYR D 549 -5.46 -14.02 22.47
CA TYR D 549 -5.21 -15.45 22.41
C TYR D 549 -4.11 -15.85 23.38
N HIS D 550 -3.07 -15.04 23.43
CA HIS D 550 -1.94 -15.32 24.30
C HIS D 550 -2.35 -15.36 25.78
N LEU D 551 -3.19 -14.41 26.18
CA LEU D 551 -3.71 -14.35 27.55
C LEU D 551 -4.51 -15.59 27.92
N GLY D 552 -5.33 -16.07 26.99
CA GLY D 552 -6.08 -17.32 27.19
C GLY D 552 -5.16 -18.52 27.26
N LEU D 553 -4.18 -18.59 26.36
CA LEU D 553 -3.19 -19.66 26.38
C LEU D 553 -2.42 -19.68 27.70
N ASP D 554 -2.10 -18.49 28.22
CA ASP D 554 -1.37 -18.35 29.47
C ASP D 554 -2.06 -19.05 30.63
N GLN D 555 -3.40 -19.10 30.60
CA GLN D 555 -4.17 -19.72 31.67
C GLN D 555 -4.09 -21.23 31.71
N LYS D 556 -3.65 -21.85 30.61
CA LYS D 556 -3.58 -23.31 30.54
C LYS D 556 -2.24 -23.90 30.10
N ARG D 557 -1.29 -23.06 29.69
CA ARG D 557 -0.03 -23.55 29.13
C ARG D 557 0.92 -24.19 30.14
N ARG D 558 0.60 -24.09 31.43
CA ARG D 558 1.31 -24.84 32.47
C ARG D 558 0.42 -25.92 33.12
N LYS D 559 -0.69 -26.28 32.46
CA LYS D 559 -1.63 -27.29 33.00
C LYS D 559 -1.85 -28.48 32.05
N TYR D 560 -2.42 -28.23 30.88
CA TYR D 560 -2.58 -29.28 29.87
C TYR D 560 -2.45 -28.81 28.41
N VAL D 561 -2.28 -27.51 28.18
CA VAL D 561 -2.04 -27.01 26.83
C VAL D 561 -0.52 -27.05 26.61
N VAL D 562 -0.09 -27.83 25.60
CA VAL D 562 1.31 -28.11 25.40
C VAL D 562 1.87 -27.48 24.13
N GLY D 563 1.10 -26.62 23.47
CA GLY D 563 1.60 -25.95 22.32
C GLY D 563 0.66 -24.93 21.75
N GLU D 564 1.26 -23.98 21.04
CA GLU D 564 0.54 -23.00 20.23
C GLU D 564 1.27 -22.80 18.90
N LEU D 565 0.52 -22.80 17.80
CA LEU D 565 1.07 -22.58 16.46
C LEU D 565 0.22 -21.50 15.78
N ILE D 566 0.85 -20.37 15.47
CA ILE D 566 0.13 -19.28 14.84
C ILE D 566 -0.15 -19.67 13.39
N TRP D 567 -1.31 -19.28 12.90
CA TRP D 567 -1.59 -19.31 11.46
C TRP D 567 -1.42 -17.88 10.97
N ASN D 568 -0.44 -17.57 10.09
CA ASN D 568 0.51 -18.48 9.47
C ASN D 568 1.85 -17.75 9.51
N PHE D 569 2.94 -18.46 9.24
CA PHE D 569 4.27 -17.87 9.11
C PHE D 569 4.23 -16.71 8.11
N ALA D 570 3.67 -16.96 6.93
CA ALA D 570 3.64 -15.95 5.88
C ALA D 570 2.39 -16.01 5.00
N ASP D 571 1.99 -14.85 4.49
CA ASP D 571 0.91 -14.74 3.50
C ASP D 571 1.19 -15.70 2.36
N PHE D 572 0.15 -16.39 1.91
CA PHE D 572 0.32 -17.39 0.84
C PHE D 572 -0.90 -17.38 -0.09
N MET D 573 -0.75 -18.00 -1.26
CA MET D 573 -1.79 -17.93 -2.29
C MET D 573 -2.92 -18.96 -2.10
N THR D 574 -4.13 -18.54 -2.47
CA THR D 574 -5.30 -19.42 -2.44
C THR D 574 -6.09 -19.20 -3.72
N GLU D 575 -7.15 -19.99 -3.91
CA GLU D 575 -8.15 -19.76 -4.96
C GLU D 575 -8.81 -18.41 -4.79
N GLN D 576 -9.37 -17.90 -5.88
CA GLN D 576 -10.02 -16.62 -5.87
C GLN D 576 -11.35 -16.78 -5.15
N SER D 577 -11.66 -15.83 -4.27
CA SER D 577 -12.98 -15.74 -3.65
C SER D 577 -13.11 -14.41 -2.90
N PRO D 578 -14.36 -13.99 -2.59
CA PRO D 578 -14.57 -12.71 -1.92
C PRO D 578 -13.97 -12.56 -0.51
N THR D 579 -13.53 -13.65 0.11
CA THR D 579 -12.89 -13.58 1.44
C THR D 579 -11.37 -13.72 1.41
N ARG D 580 -10.80 -13.74 0.20
CA ARG D 580 -9.37 -13.93 0.04
C ARG D 580 -8.79 -12.85 -0.85
N VAL D 581 -8.13 -11.89 -0.22
CA VAL D 581 -7.54 -10.74 -0.90
C VAL D 581 -6.18 -11.12 -1.48
N LEU D 582 -6.18 -11.61 -2.72
CA LEU D 582 -4.98 -12.17 -3.33
C LEU D 582 -4.37 -13.21 -2.38
N GLY D 583 -5.21 -14.16 -1.96
CA GLY D 583 -4.76 -15.27 -1.14
C GLY D 583 -5.05 -15.06 0.33
N ASN D 584 -4.37 -15.82 1.19
CA ASN D 584 -4.58 -15.80 2.63
C ASN D 584 -3.57 -14.82 3.23
N LYS D 585 -4.06 -13.87 4.00
CA LYS D 585 -3.26 -12.74 4.48
C LYS D 585 -3.00 -12.82 5.99
N LYS D 586 -3.17 -14.02 6.56
CA LYS D 586 -2.99 -14.18 8.00
C LYS D 586 -1.52 -14.30 8.42
N GLY D 587 -0.59 -14.16 7.47
CA GLY D 587 0.83 -14.21 7.81
C GLY D 587 1.22 -13.20 8.85
N ILE D 588 2.13 -13.59 9.75
CA ILE D 588 2.90 -12.62 10.54
C ILE D 588 4.06 -12.02 9.74
N PHE D 589 4.50 -12.74 8.69
CA PHE D 589 5.39 -12.17 7.69
C PHE D 589 4.63 -12.01 6.39
N THR D 590 5.05 -11.04 5.59
CA THR D 590 4.54 -10.93 4.22
C THR D 590 5.00 -12.13 3.39
N ARG D 591 4.43 -12.30 2.21
CA ARG D 591 4.89 -13.36 1.31
C ARG D 591 6.37 -13.17 0.91
N GLN D 592 6.89 -11.95 1.03
CA GLN D 592 8.28 -11.61 0.73
C GLN D 592 9.19 -11.66 1.94
N ARG D 593 8.71 -12.29 3.01
CA ARG D 593 9.52 -12.62 4.19
C ARG D 593 10.00 -11.38 5.00
N GLN D 594 9.15 -10.37 5.07
CA GLN D 594 9.34 -9.24 6.00
C GLN D 594 8.26 -9.19 7.07
N PRO D 595 8.64 -8.77 8.31
CA PRO D 595 7.67 -8.84 9.39
C PRO D 595 6.60 -7.77 9.35
N LYS D 596 5.35 -8.17 9.56
CA LYS D 596 4.30 -7.22 9.95
C LYS D 596 4.53 -6.91 11.41
N SER D 597 3.83 -5.90 11.92
CA SER D 597 4.06 -5.48 13.31
C SER D 597 3.75 -6.58 14.32
N ALA D 598 2.78 -7.43 14.00
CA ALA D 598 2.45 -8.55 14.90
C ALA D 598 3.58 -9.58 15.04
N ALA D 599 4.49 -9.66 14.07
CA ALA D 599 5.59 -10.61 14.16
C ALA D 599 6.49 -10.30 15.37
N PHE D 600 6.71 -9.02 15.62
CA PHE D 600 7.50 -8.56 16.76
C PHE D 600 6.81 -8.90 18.09
N LEU D 601 5.50 -8.80 18.14
CA LEU D 601 4.74 -9.15 19.34
CA LEU D 601 4.73 -9.16 19.34
C LEU D 601 4.94 -10.64 19.66
N LEU D 602 4.76 -11.50 18.65
CA LEU D 602 4.92 -12.95 18.82
C LEU D 602 6.34 -13.34 19.21
N ARG D 603 7.32 -12.69 18.59
CA ARG D 603 8.74 -12.87 18.89
C ARG D 603 9.02 -12.68 20.38
N GLU D 604 8.56 -11.56 20.92
CA GLU D 604 8.74 -11.25 22.34
C GLU D 604 8.15 -12.36 23.23
N ARG D 605 6.95 -12.83 22.87
CA ARG D 605 6.30 -13.91 23.60
C ARG D 605 7.12 -15.17 23.58
N TYR D 606 7.53 -15.58 22.38
CA TYR D 606 8.26 -16.83 22.23
C TYR D 606 9.58 -16.88 23.00
N TRP D 607 10.31 -15.78 23.01
CA TRP D 607 11.58 -15.73 23.74
C TRP D 607 11.32 -15.69 25.23
N LYS D 608 10.22 -15.04 25.63
CA LYS D 608 9.82 -14.96 27.03
C LYS D 608 9.52 -16.36 27.52
N ILE D 609 8.67 -17.08 26.79
CA ILE D 609 8.33 -18.46 27.12
C ILE D 609 9.59 -19.31 27.15
N ALA D 610 10.46 -19.17 26.15
CA ALA D 610 11.67 -19.98 26.10
C ALA D 610 12.51 -19.79 27.37
N ASN D 611 12.60 -18.53 27.83
CA ASN D 611 13.46 -18.19 28.96
C ASN D 611 12.87 -18.62 30.31
N GLU D 612 11.59 -18.95 30.36
CA GLU D 612 10.99 -19.41 31.62
C GLU D 612 11.73 -20.63 32.16
#